data_8ZQI
#
_entry.id   8ZQI
#
_cell.length_a   78.478
_cell.length_b   81.378
_cell.length_c   112.324
_cell.angle_alpha   90.320
_cell.angle_beta   89.907
_cell.angle_gamma   90.368
#
_symmetry.space_group_name_H-M   'P 1'
#
loop_
_entity.id
_entity.type
_entity.pdbx_description
1 polymer Galectin
2 non-polymer beta-D-glucopyranose
#
_entity_poly.entity_id   1
_entity_poly.type   'polypeptide(L)'
_entity_poly.pdbx_seq_one_letter_code
;MATETNYPVPYRSKLTEPFEPGQTLIIKGKTAEDSVRFTINLHNTSADFSGNDVPLHISVRFDEGKIVFNTFSKGEFGKE
ERKSNPYKKGDDIDIRIRAHDSKFSISVDQKEVKEYEHRVPLSSVTHFSVDGDILITYIHWGGKYYPVPYESGLAGDGLA
PGKSLLIFATPEKKGKRFHINLLKKNGDIALHFNPRFDEKAIVRNSLISGEFGNEEREGKNPLEKGIGCDLEFRNEEYAF
QIYVDGERFATYAHRLDPHDINGLQIGGDVEVTGIQMV
;
_entity_poly.pdbx_strand_id   A,B,C,D,E,F,G,H
#
loop_
_chem_comp.id
_chem_comp.type
_chem_comp.name
_chem_comp.formula
BGC D-saccharide, beta linking beta-D-glucopyranose 'C6 H12 O6'
#
# COMPACT_ATOMS: atom_id res chain seq x y z
N MET A 1 74.96 7.22 10.74
CA MET A 1 74.72 8.48 10.04
C MET A 1 76.00 9.01 9.38
N ALA A 2 75.88 9.41 8.13
CA ALA A 2 76.97 10.04 7.38
C ALA A 2 76.37 10.94 6.29
N THR A 3 77.18 11.35 5.31
CA THR A 3 76.84 12.38 4.33
C THR A 3 75.41 12.25 3.83
N GLU A 4 74.59 13.26 4.14
CA GLU A 4 73.17 13.12 3.93
C GLU A 4 72.86 13.03 2.45
N THR A 5 72.85 11.79 1.97
CA THR A 5 72.23 11.42 0.72
C THR A 5 70.71 11.24 0.89
N ASN A 6 70.28 10.90 2.12
CA ASN A 6 68.92 10.60 2.62
C ASN A 6 68.96 9.22 3.29
N TYR A 7 67.81 8.55 3.38
CA TYR A 7 67.74 7.16 3.83
C TYR A 7 68.38 7.02 5.21
N PRO A 8 67.70 7.42 6.27
CA PRO A 8 68.26 7.28 7.62
C PRO A 8 67.99 5.89 8.18
N VAL A 9 68.92 5.41 9.00
CA VAL A 9 68.80 4.11 9.67
C VAL A 9 68.43 4.34 11.14
N PRO A 10 67.42 3.64 11.69
CA PRO A 10 66.66 2.59 10.99
C PRO A 10 65.67 3.07 9.88
N TYR A 11 65.74 2.40 8.70
CA TYR A 11 64.91 2.71 7.52
C TYR A 11 63.80 1.68 7.39
N ARG A 12 62.60 2.06 7.78
CA ARG A 12 61.46 1.17 7.65
C ARG A 12 60.53 1.65 6.54
N SER A 13 59.84 0.73 5.88
CA SER A 13 58.99 1.19 4.81
C SER A 13 57.82 0.24 4.63
N LYS A 14 56.64 0.80 4.33
CA LYS A 14 55.41 0.04 4.19
C LYS A 14 55.19 -0.30 2.73
N LEU A 15 54.76 -1.53 2.47
CA LEU A 15 54.50 -1.99 1.10
C LEU A 15 53.07 -1.65 0.71
N THR A 16 52.88 -1.28 -0.57
CA THR A 16 51.53 -0.98 -1.04
C THR A 16 50.67 -2.22 -1.02
N GLU A 17 51.08 -3.23 -1.77
CA GLU A 17 50.49 -4.56 -1.82
C GLU A 17 51.41 -5.54 -1.11
N PRO A 18 50.98 -6.78 -0.89
CA PRO A 18 51.91 -7.76 -0.31
C PRO A 18 52.97 -8.11 -1.35
N PHE A 19 53.96 -8.87 -0.92
CA PHE A 19 55.16 -9.10 -1.73
C PHE A 19 54.92 -10.32 -2.64
N GLU A 20 54.61 -10.07 -3.90
CA GLU A 20 54.22 -11.26 -4.67
C GLU A 20 55.42 -11.89 -5.36
N PRO A 21 55.29 -13.14 -5.81
CA PRO A 21 56.32 -13.69 -6.70
C PRO A 21 56.51 -12.82 -7.93
N GLY A 22 57.76 -12.75 -8.39
CA GLY A 22 58.19 -11.95 -9.53
C GLY A 22 58.77 -10.61 -9.14
N GLN A 23 58.32 -10.06 -8.01
CA GLN A 23 58.79 -8.78 -7.52
C GLN A 23 60.12 -8.93 -6.81
N THR A 24 60.92 -7.84 -6.85
CA THR A 24 62.28 -7.81 -6.29
C THR A 24 62.49 -6.57 -5.41
N LEU A 25 63.17 -6.78 -4.28
CA LEU A 25 63.62 -5.71 -3.39
C LEU A 25 65.11 -5.49 -3.63
N ILE A 26 65.50 -4.24 -3.88
CA ILE A 26 66.89 -3.90 -4.24
C ILE A 26 67.42 -2.89 -3.24
N ILE A 27 68.51 -3.22 -2.56
CA ILE A 27 69.06 -2.34 -1.53
C ILE A 27 70.55 -2.15 -1.82
N LYS A 28 70.92 -0.95 -2.26
CA LYS A 28 72.30 -0.52 -2.45
C LYS A 28 72.73 0.41 -1.33
N GLY A 29 74.02 0.40 -0.99
CA GLY A 29 74.52 1.29 0.04
C GLY A 29 76.03 1.16 0.20
N LYS A 30 76.60 2.15 0.88
CA LYS A 30 78.03 2.18 1.19
C LYS A 30 78.26 1.79 2.64
N THR A 31 79.39 1.14 2.90
CA THR A 31 79.76 0.70 4.24
C THR A 31 81.03 1.41 4.69
N ALA A 32 81.08 1.78 5.97
CA ALA A 32 82.29 2.37 6.53
C ALA A 32 83.33 1.28 6.79
N GLU A 33 84.57 1.70 7.09
CA GLU A 33 85.63 0.75 7.39
C GLU A 33 85.57 0.24 8.83
N ASP A 34 84.68 0.80 9.65
CA ASP A 34 84.44 0.34 11.01
C ASP A 34 83.10 -0.39 11.17
N SER A 35 82.48 -0.81 10.07
CA SER A 35 81.16 -1.43 10.15
C SER A 35 81.28 -2.90 10.52
N VAL A 36 80.40 -3.35 11.42
CA VAL A 36 80.30 -4.76 11.74
C VAL A 36 79.07 -5.42 11.10
N ARG A 37 77.89 -4.86 11.30
CA ARG A 37 76.68 -5.48 10.80
C ARG A 37 75.71 -4.45 10.28
N PHE A 38 75.02 -4.81 9.23
CA PHE A 38 73.71 -4.29 8.97
C PHE A 38 72.78 -5.45 8.69
N THR A 39 71.50 -5.14 8.49
CA THR A 39 70.45 -6.14 8.44
C THR A 39 69.38 -5.68 7.45
N ILE A 40 68.71 -6.64 6.81
CA ILE A 40 67.51 -6.39 6.02
C ILE A 40 66.44 -7.35 6.51
N ASN A 41 65.26 -6.83 6.82
CA ASN A 41 64.15 -7.63 7.34
C ASN A 41 62.91 -7.42 6.48
N LEU A 42 62.42 -8.48 5.87
CA LEU A 42 61.08 -8.51 5.27
C LEU A 42 60.13 -9.01 6.35
N HIS A 43 59.35 -8.11 6.98
CA HIS A 43 58.50 -8.48 8.12
C HIS A 43 57.05 -8.03 7.91
N ASN A 44 56.21 -8.37 8.88
CA ASN A 44 54.92 -7.70 9.07
C ASN A 44 54.88 -7.04 10.45
N THR A 45 53.71 -6.58 10.85
CA THR A 45 53.56 -5.87 12.12
C THR A 45 52.15 -5.86 12.72
N SER A 46 51.44 -4.73 12.48
CA SER A 46 50.22 -4.36 13.18
C SER A 46 49.75 -2.93 12.84
N ALA A 47 50.45 -2.28 11.89
CA ALA A 47 50.52 -0.85 11.58
C ALA A 47 52.00 -0.49 11.66
N ASP A 48 52.61 -0.74 12.84
CA ASP A 48 54.02 -1.13 12.98
C ASP A 48 54.47 -1.65 14.37
N PHE A 49 54.56 -2.97 14.54
CA PHE A 49 54.88 -3.74 15.75
C PHE A 49 56.22 -3.45 16.44
N SER A 50 57.33 -3.96 15.86
CA SER A 50 58.75 -3.83 16.25
C SER A 50 59.32 -5.16 16.78
N GLY A 51 58.65 -6.28 16.49
CA GLY A 51 59.12 -7.59 16.92
C GLY A 51 58.07 -8.68 16.82
N ASN A 52 57.60 -8.94 15.60
CA ASN A 52 56.55 -9.94 15.36
C ASN A 52 56.65 -10.39 13.91
N ASP A 53 56.92 -11.69 13.71
CA ASP A 53 56.97 -12.35 12.41
C ASP A 53 57.91 -11.65 11.41
N VAL A 54 58.96 -12.34 10.98
CA VAL A 54 59.89 -11.81 9.99
C VAL A 54 60.18 -12.87 8.94
N PRO A 55 59.39 -12.98 7.87
CA PRO A 55 59.60 -14.06 6.88
C PRO A 55 61.02 -14.19 6.36
N LEU A 56 61.78 -13.11 6.23
CA LEU A 56 63.15 -13.22 5.73
C LEU A 56 63.98 -12.17 6.43
N HIS A 57 64.86 -12.62 7.33
CA HIS A 57 65.82 -11.77 8.03
C HIS A 57 67.17 -12.04 7.42
N ILE A 58 67.78 -11.02 6.82
CA ILE A 58 69.14 -11.10 6.32
C ILE A 58 70.02 -10.30 7.26
N SER A 59 71.09 -10.92 7.76
CA SER A 59 72.10 -10.21 8.55
C SER A 59 73.44 -10.39 7.85
N VAL A 60 74.09 -9.27 7.50
CA VAL A 60 75.37 -9.25 6.81
C VAL A 60 76.42 -8.81 7.83
N ARG A 61 77.36 -9.69 8.15
CA ARG A 61 78.25 -9.49 9.28
C ARG A 61 79.70 -9.49 8.79
N PHE A 62 80.36 -8.34 8.93
CA PHE A 62 81.78 -8.26 8.57
C PHE A 62 82.69 -8.87 9.63
N ASP A 63 82.22 -8.88 10.89
CA ASP A 63 82.95 -9.56 11.96
C ASP A 63 82.94 -11.08 11.74
N GLU A 64 81.77 -11.67 11.47
CA GLU A 64 81.68 -13.10 11.21
C GLU A 64 81.94 -13.47 9.75
N GLY A 65 82.12 -12.51 8.85
CA GLY A 65 82.43 -12.81 7.46
C GLY A 65 81.38 -13.63 6.72
N LYS A 66 80.11 -13.60 7.17
CA LYS A 66 79.08 -14.41 6.56
C LYS A 66 77.74 -13.68 6.58
N ILE A 67 76.95 -13.94 5.54
CA ILE A 67 75.58 -13.46 5.48
C ILE A 67 74.67 -14.53 6.09
N VAL A 68 73.86 -14.11 7.05
CA VAL A 68 73.02 -15.01 7.84
C VAL A 68 71.56 -14.79 7.46
N PHE A 69 70.93 -15.82 6.90
CA PHE A 69 69.52 -15.77 6.54
C PHE A 69 68.70 -16.58 7.54
N ASN A 70 67.73 -15.96 8.20
CA ASN A 70 66.97 -16.60 9.27
C ASN A 70 65.49 -16.20 9.15
N THR A 71 64.66 -16.68 10.08
CA THR A 71 63.22 -16.37 10.06
C THR A 71 62.64 -16.36 11.47
N PHE A 72 62.31 -15.18 11.96
CA PHE A 72 61.73 -15.03 13.28
C PHE A 72 60.21 -15.16 13.18
N SER A 73 59.64 -16.15 13.89
CA SER A 73 58.20 -16.39 13.91
C SER A 73 57.85 -17.04 15.24
N LYS A 74 56.60 -16.85 15.66
CA LYS A 74 56.13 -17.37 16.96
C LYS A 74 57.09 -16.98 18.10
N GLY A 75 57.72 -15.81 18.01
CA GLY A 75 58.64 -15.34 19.04
C GLY A 75 60.09 -15.77 18.89
N GLU A 76 60.39 -16.73 18.02
CA GLU A 76 61.71 -17.35 17.95
C GLU A 76 62.39 -17.04 16.63
N PHE A 77 63.67 -17.40 16.52
CA PHE A 77 64.35 -17.62 15.25
C PHE A 77 64.52 -19.13 15.03
N GLY A 78 65.00 -19.51 13.86
CA GLY A 78 65.19 -20.92 13.62
C GLY A 78 66.58 -21.27 13.14
N LYS A 79 66.74 -22.45 12.52
CA LYS A 79 67.97 -22.85 11.87
C LYS A 79 68.52 -21.69 11.03
N GLU A 80 69.66 -21.14 11.43
CA GLU A 80 70.37 -20.20 10.58
C GLU A 80 70.86 -20.91 9.32
N GLU A 81 70.55 -20.35 8.17
CA GLU A 81 71.13 -20.77 6.89
C GLU A 81 72.25 -19.76 6.60
N ARG A 82 73.49 -20.20 6.72
CA ARG A 82 74.62 -19.28 6.55
C ARG A 82 75.18 -19.35 5.14
N LYS A 83 75.98 -18.34 4.81
CA LYS A 83 76.56 -18.21 3.48
C LYS A 83 77.72 -17.22 3.55
N SER A 84 78.74 -17.49 2.73
CA SER A 84 79.93 -16.65 2.74
C SER A 84 79.59 -15.23 2.32
N ASN A 85 80.07 -14.25 3.08
CA ASN A 85 79.81 -12.85 2.76
C ASN A 85 80.90 -12.29 1.86
N PRO A 86 80.63 -11.99 0.59
CA PRO A 86 81.68 -11.52 -0.33
C PRO A 86 82.08 -10.07 -0.14
N TYR A 87 81.58 -9.40 0.88
CA TYR A 87 81.91 -8.00 1.11
C TYR A 87 83.04 -7.84 2.13
N LYS A 88 83.74 -6.72 2.00
CA LYS A 88 84.90 -6.37 2.82
C LYS A 88 84.63 -4.99 3.42
N LYS A 89 84.82 -4.84 4.74
CA LYS A 89 84.57 -3.56 5.41
C LYS A 89 85.08 -2.41 4.54
N GLY A 90 84.20 -1.46 4.25
CA GLY A 90 84.38 -0.58 3.12
C GLY A 90 83.49 -1.03 1.97
N ASP A 91 83.82 -0.56 0.77
CA ASP A 91 83.07 -0.74 -0.48
C ASP A 91 81.54 -0.81 -0.39
N ASP A 92 80.92 -0.78 -1.56
CA ASP A 92 79.47 -0.69 -1.67
C ASP A 92 78.84 -2.06 -1.51
N ILE A 93 77.54 -2.07 -1.30
CA ILE A 93 76.76 -3.29 -1.23
C ILE A 93 75.63 -3.21 -2.25
N ASP A 94 75.12 -4.40 -2.66
CA ASP A 94 74.10 -4.55 -3.71
C ASP A 94 73.23 -5.79 -3.47
N ILE A 95 72.37 -5.78 -2.43
CA ILE A 95 71.56 -6.93 -2.05
C ILE A 95 70.19 -6.83 -2.73
N ARG A 96 69.79 -7.89 -3.45
CA ARG A 96 68.56 -7.88 -4.27
C ARG A 96 67.77 -9.17 -4.07
N ILE A 97 66.60 -9.05 -3.44
CA ILE A 97 65.83 -10.17 -2.94
C ILE A 97 64.61 -10.37 -3.86
N ARG A 98 64.52 -11.53 -4.50
CA ARG A 98 63.40 -11.81 -5.40
C ARG A 98 62.51 -12.93 -4.85
N ALA A 99 61.23 -12.61 -4.65
CA ALA A 99 60.26 -13.59 -4.17
C ALA A 99 59.74 -14.49 -5.29
N HIS A 100 59.64 -15.79 -5.00
CA HIS A 100 58.95 -16.76 -5.83
C HIS A 100 58.02 -17.57 -4.95
N ASP A 101 57.22 -18.43 -5.58
CA ASP A 101 56.31 -19.31 -4.85
C ASP A 101 57.07 -20.17 -3.86
N SER A 102 58.20 -20.72 -4.30
CA SER A 102 58.91 -21.71 -3.51
C SER A 102 59.79 -21.06 -2.47
N LYS A 103 60.35 -19.90 -2.80
CA LYS A 103 61.45 -19.43 -1.97
C LYS A 103 61.83 -18.01 -2.36
N PHE A 104 62.57 -17.37 -1.45
CA PHE A 104 63.27 -16.13 -1.72
C PHE A 104 64.56 -16.42 -2.47
N SER A 105 65.03 -15.44 -3.21
CA SER A 105 66.26 -15.57 -3.96
C SER A 105 67.03 -14.29 -3.74
N ILE A 106 68.18 -14.39 -3.10
CA ILE A 106 68.97 -13.25 -2.66
C ILE A 106 70.25 -13.25 -3.48
N SER A 107 70.65 -12.08 -3.95
CA SER A 107 71.74 -12.00 -4.90
C SER A 107 72.60 -10.80 -4.55
N VAL A 108 73.90 -10.95 -4.68
CA VAL A 108 74.86 -9.97 -4.18
C VAL A 108 75.71 -9.52 -5.35
N ASP A 109 75.89 -8.20 -5.48
CA ASP A 109 76.58 -7.64 -6.64
C ASP A 109 76.03 -8.22 -7.94
N GLN A 110 74.72 -8.51 -7.94
CA GLN A 110 74.03 -8.98 -9.12
C GLN A 110 74.46 -10.41 -9.49
N LYS A 111 74.66 -11.23 -8.47
CA LYS A 111 75.03 -12.63 -8.65
C LYS A 111 74.32 -13.42 -7.56
N GLU A 112 73.45 -14.33 -7.96
CA GLU A 112 72.68 -15.10 -7.00
C GLU A 112 73.61 -15.81 -6.00
N VAL A 113 73.30 -15.67 -4.71
CA VAL A 113 74.10 -16.27 -3.64
C VAL A 113 73.29 -17.15 -2.70
N LYS A 114 71.96 -17.09 -2.68
CA LYS A 114 71.20 -17.78 -1.67
C LYS A 114 69.79 -18.02 -2.20
N GLU A 115 69.34 -19.27 -2.05
CA GLU A 115 67.97 -19.67 -2.39
C GLU A 115 67.33 -20.07 -1.06
N TYR A 116 66.77 -19.08 -0.38
CA TYR A 116 66.11 -19.29 0.90
C TYR A 116 64.69 -19.83 0.69
N GLU A 117 64.44 -21.07 1.14
CA GLU A 117 63.10 -21.66 1.02
C GLU A 117 62.10 -21.04 2.00
N HIS A 118 60.91 -20.72 1.50
CA HIS A 118 59.88 -20.08 2.31
C HIS A 118 59.56 -20.92 3.55
N ARG A 119 59.67 -20.30 4.73
CA ARG A 119 59.39 -20.94 6.02
C ARG A 119 58.08 -20.51 6.67
N VAL A 120 57.61 -19.29 6.43
CA VAL A 120 56.28 -18.82 6.87
C VAL A 120 55.68 -18.14 5.65
N PRO A 121 54.38 -17.82 5.64
CA PRO A 121 53.79 -17.26 4.41
C PRO A 121 54.49 -16.01 3.89
N LEU A 122 54.82 -16.03 2.60
CA LEU A 122 55.30 -14.83 1.94
C LEU A 122 54.29 -13.69 2.06
N SER A 123 53.00 -14.04 2.11
CA SER A 123 51.89 -13.12 2.24
C SER A 123 51.96 -12.26 3.51
N SER A 124 52.95 -12.48 4.35
CA SER A 124 53.10 -11.72 5.57
C SER A 124 54.15 -10.62 5.48
N VAL A 125 55.01 -10.62 4.48
CA VAL A 125 55.84 -9.44 4.24
C VAL A 125 54.93 -8.28 3.85
N THR A 126 54.72 -7.36 4.79
CA THR A 126 54.08 -6.09 4.48
C THR A 126 55.00 -4.89 4.68
N HIS A 127 56.13 -5.07 5.37
CA HIS A 127 57.12 -4.04 5.59
C HIS A 127 58.50 -4.59 5.27
N PHE A 128 59.46 -3.71 5.00
CA PHE A 128 60.85 -4.11 5.08
C PHE A 128 61.63 -3.06 5.86
N SER A 129 62.59 -3.51 6.68
CA SER A 129 63.50 -2.62 7.40
C SER A 129 64.96 -2.91 7.05
N VAL A 130 65.78 -1.85 7.13
CA VAL A 130 67.22 -1.89 6.94
C VAL A 130 67.86 -1.15 8.10
N ASP A 131 68.89 -1.74 8.70
CA ASP A 131 69.37 -1.25 9.98
C ASP A 131 70.84 -1.62 10.14
N GLY A 132 71.58 -0.76 10.85
CA GLY A 132 72.93 -1.07 11.26
C GLY A 132 74.01 -0.28 10.53
N ASP A 133 75.23 -0.78 10.64
CA ASP A 133 76.38 -0.03 10.17
C ASP A 133 76.40 0.04 8.65
N ILE A 134 75.47 0.82 8.09
CA ILE A 134 75.36 0.97 6.64
C ILE A 134 74.76 2.32 6.30
N LEU A 135 75.29 2.96 5.26
CA LEU A 135 74.68 4.14 4.66
C LEU A 135 73.89 3.68 3.43
N ILE A 136 72.59 3.98 3.39
CA ILE A 136 71.73 3.50 2.30
C ILE A 136 71.69 4.51 1.17
N THR A 137 71.98 4.05 -0.06
CA THR A 137 72.04 4.95 -1.21
C THR A 137 70.94 4.72 -2.23
N TYR A 138 70.26 3.56 -2.20
CA TYR A 138 69.29 3.19 -3.23
C TYR A 138 68.48 2.03 -2.66
N ILE A 139 67.19 2.26 -2.42
CA ILE A 139 66.26 1.16 -2.17
C ILE A 139 65.03 1.31 -3.08
N HIS A 140 64.86 0.34 -3.98
CA HIS A 140 63.75 0.26 -4.91
C HIS A 140 63.12 -1.13 -4.83
N TRP A 141 61.81 -1.21 -5.07
CA TRP A 141 61.19 -2.50 -5.22
C TRP A 141 60.07 -2.45 -6.24
N GLY A 142 59.73 -3.63 -6.75
CA GLY A 142 58.67 -3.76 -7.72
C GLY A 142 58.92 -4.91 -8.68
N GLY A 143 58.37 -4.80 -9.88
CA GLY A 143 58.60 -5.81 -10.88
C GLY A 143 57.59 -6.93 -10.82
N LYS A 144 57.78 -7.85 -11.76
CA LYS A 144 56.90 -9.00 -11.96
C LYS A 144 57.66 -10.01 -12.80
N TYR A 145 57.08 -11.17 -12.99
CA TYR A 145 57.61 -12.06 -14.02
C TYR A 145 57.36 -11.45 -15.40
N TYR A 146 58.44 -11.06 -16.08
CA TYR A 146 58.34 -10.51 -17.41
C TYR A 146 58.55 -11.60 -18.45
N PRO A 147 57.54 -11.93 -19.25
CA PRO A 147 57.72 -12.92 -20.33
C PRO A 147 58.59 -12.39 -21.46
N VAL A 148 59.53 -13.20 -21.92
CA VAL A 148 60.39 -12.87 -23.05
C VAL A 148 60.25 -13.97 -24.09
N PRO A 149 60.06 -13.66 -25.39
CA PRO A 149 59.90 -12.36 -26.03
C PRO A 149 58.84 -11.52 -25.36
N TYR A 150 59.26 -10.33 -24.98
CA TYR A 150 58.38 -9.32 -24.44
C TYR A 150 57.93 -8.40 -25.56
N GLU A 151 56.76 -7.84 -25.36
CA GLU A 151 56.18 -6.85 -26.26
C GLU A 151 55.13 -6.13 -25.43
N SER A 152 55.11 -4.79 -25.50
CA SER A 152 54.04 -4.06 -24.83
C SER A 152 54.12 -2.60 -25.23
N GLY A 153 52.97 -1.93 -25.16
CA GLY A 153 52.97 -0.48 -25.20
C GLY A 153 53.75 0.09 -24.04
N LEU A 154 54.22 1.31 -24.24
CA LEU A 154 54.79 2.11 -23.19
C LEU A 154 53.76 3.14 -22.76
N ALA A 155 53.47 3.19 -21.45
CA ALA A 155 52.60 4.19 -20.83
C ALA A 155 51.51 4.68 -21.78
N GLY A 156 51.44 6.00 -21.97
CA GLY A 156 50.62 6.60 -23.01
C GLY A 156 51.41 7.67 -23.71
N ASP A 157 51.88 8.64 -22.93
CA ASP A 157 52.84 9.61 -23.41
C ASP A 157 54.09 8.96 -24.00
N GLY A 158 54.31 7.66 -23.77
CA GLY A 158 55.51 7.00 -24.26
C GLY A 158 56.80 7.61 -23.71
N LEU A 159 57.91 7.09 -24.21
CA LEU A 159 59.22 7.60 -23.87
C LEU A 159 59.54 8.79 -24.77
N ALA A 160 59.63 9.97 -24.17
CA ALA A 160 59.98 11.20 -24.85
C ALA A 160 61.14 11.84 -24.11
N PRO A 161 61.80 12.84 -24.71
CA PRO A 161 62.96 13.47 -24.04
C PRO A 161 62.61 13.94 -22.63
N GLY A 162 63.57 13.80 -21.73
CA GLY A 162 63.32 14.03 -20.34
C GLY A 162 62.84 12.82 -19.57
N LYS A 163 62.74 11.67 -20.23
CA LYS A 163 62.33 10.43 -19.58
C LYS A 163 63.39 9.36 -19.82
N SER A 164 63.62 8.51 -18.85
CA SER A 164 64.46 7.35 -19.08
C SER A 164 63.60 6.11 -18.91
N LEU A 165 63.91 5.10 -19.71
CA LEU A 165 63.39 3.76 -19.51
C LEU A 165 64.43 2.96 -18.75
N LEU A 166 64.01 2.35 -17.65
CA LEU A 166 64.89 1.64 -16.72
C LEU A 166 64.56 0.14 -16.81
N ILE A 167 65.50 -0.66 -17.30
CA ILE A 167 65.28 -2.11 -17.49
C ILE A 167 66.31 -2.86 -16.70
N PHE A 168 65.84 -3.63 -15.73
CA PHE A 168 66.68 -4.54 -14.95
C PHE A 168 66.57 -5.91 -15.60
N ALA A 169 67.64 -6.40 -16.22
CA ALA A 169 67.63 -7.71 -16.87
C ALA A 169 68.85 -8.55 -16.48
N THR A 170 68.85 -9.80 -16.91
CA THR A 170 69.94 -10.72 -16.69
C THR A 170 70.17 -11.59 -17.91
N PRO A 171 71.22 -11.36 -18.71
CA PRO A 171 71.48 -12.23 -19.87
C PRO A 171 71.65 -13.68 -19.44
N GLU A 172 70.99 -14.60 -20.18
CA GLU A 172 71.02 -16.02 -19.86
C GLU A 172 72.45 -16.54 -19.92
N LYS A 173 72.72 -17.61 -19.16
CA LYS A 173 74.10 -18.01 -18.97
C LYS A 173 74.68 -18.72 -20.20
N LYS A 174 73.90 -19.54 -20.89
CA LYS A 174 74.38 -20.12 -22.13
C LYS A 174 73.81 -19.41 -23.35
N GLY A 175 73.47 -18.13 -23.19
CA GLY A 175 72.87 -17.35 -24.25
C GLY A 175 73.88 -16.59 -25.11
N LYS A 176 73.62 -16.58 -26.42
CA LYS A 176 74.58 -15.92 -27.27
C LYS A 176 74.27 -14.44 -27.46
N ARG A 177 73.00 -14.06 -27.49
CA ARG A 177 72.71 -12.64 -27.70
C ARG A 177 71.24 -12.36 -27.44
N PHE A 178 70.95 -11.13 -27.01
CA PHE A 178 69.58 -10.66 -26.84
C PHE A 178 69.45 -9.25 -27.41
N HIS A 179 68.21 -8.77 -27.50
CA HIS A 179 68.00 -7.40 -27.97
C HIS A 179 66.88 -6.73 -27.20
N ILE A 180 66.92 -5.39 -27.20
CA ILE A 180 65.86 -4.51 -26.71
C ILE A 180 65.55 -3.55 -27.85
N ASN A 181 64.25 -3.23 -28.05
CA ASN A 181 63.80 -2.31 -29.09
C ASN A 181 62.90 -1.23 -28.49
N LEU A 182 63.28 0.04 -28.65
CA LEU A 182 62.36 1.15 -28.42
C LEU A 182 61.65 1.47 -29.73
N LEU A 183 60.32 1.48 -29.71
CA LEU A 183 59.52 1.55 -30.93
C LEU A 183 58.69 2.83 -31.02
N LYS A 184 58.41 3.20 -32.26
CA LYS A 184 57.62 4.37 -32.58
C LYS A 184 56.24 3.90 -33.06
N LYS A 185 55.25 4.79 -33.02
CA LYS A 185 53.89 4.37 -33.35
C LYS A 185 53.81 3.73 -34.73
N ASN A 186 54.46 4.33 -35.73
CA ASN A 186 54.36 3.84 -37.10
C ASN A 186 55.07 2.50 -37.35
N GLY A 187 55.79 1.93 -36.38
CA GLY A 187 56.46 0.67 -36.64
C GLY A 187 57.96 0.76 -36.53
N ASP A 188 58.54 1.87 -37.00
CA ASP A 188 59.99 2.07 -36.99
C ASP A 188 60.60 1.72 -35.63
N ILE A 189 61.88 1.37 -35.58
CA ILE A 189 62.61 1.24 -34.32
C ILE A 189 63.43 2.50 -34.10
N ALA A 190 63.16 3.21 -33.01
CA ALA A 190 63.93 4.38 -32.63
C ALA A 190 65.35 4.00 -32.24
N LEU A 191 65.47 3.03 -31.34
CA LEU A 191 66.79 2.47 -31.10
C LEU A 191 66.68 0.96 -30.90
N HIS A 192 67.48 0.22 -31.67
CA HIS A 192 67.66 -1.22 -31.52
C HIS A 192 68.97 -1.46 -30.74
N PHE A 193 68.83 -1.89 -29.49
CA PHE A 193 69.94 -2.16 -28.58
C PHE A 193 70.13 -3.67 -28.56
N ASN A 194 71.29 -4.13 -29.03
CA ASN A 194 71.48 -5.56 -29.34
C ASN A 194 72.83 -6.06 -28.84
N PRO A 195 72.96 -6.32 -27.54
CA PRO A 195 74.19 -6.95 -27.05
C PRO A 195 74.41 -8.32 -27.68
N ARG A 196 75.46 -8.44 -28.48
CA ARG A 196 75.91 -9.72 -29.02
C ARG A 196 77.10 -10.23 -28.21
N PHE A 197 76.93 -11.34 -27.50
CA PHE A 197 78.06 -11.88 -26.74
C PHE A 197 79.05 -12.61 -27.62
N ASP A 198 78.60 -13.16 -28.75
CA ASP A 198 79.52 -13.83 -29.67
C ASP A 198 80.53 -12.83 -30.22
N GLU A 199 80.06 -11.72 -30.77
CA GLU A 199 80.92 -10.67 -31.30
C GLU A 199 81.50 -9.75 -30.23
N LYS A 200 81.23 -10.04 -28.95
CA LYS A 200 81.77 -9.27 -27.82
C LYS A 200 81.49 -7.76 -27.92
N ALA A 201 80.41 -7.38 -28.62
CA ALA A 201 80.06 -5.98 -28.82
C ALA A 201 78.59 -5.76 -28.45
N ILE A 202 78.20 -4.50 -28.34
CA ILE A 202 76.81 -4.10 -28.18
C ILE A 202 76.45 -3.28 -29.41
N VAL A 203 75.73 -3.86 -30.36
CA VAL A 203 75.36 -3.14 -31.57
C VAL A 203 74.16 -2.25 -31.29
N ARG A 204 74.24 -0.99 -31.72
CA ARG A 204 73.13 -0.06 -31.66
C ARG A 204 72.76 0.40 -33.07
N ASN A 205 71.47 0.57 -33.34
CA ASN A 205 71.04 0.86 -34.70
C ASN A 205 69.57 1.24 -34.72
N SER A 206 69.13 1.82 -35.82
CA SER A 206 67.74 2.21 -35.98
C SER A 206 67.15 1.58 -37.23
N LEU A 207 65.87 1.27 -37.17
CA LEU A 207 65.19 0.58 -38.25
C LEU A 207 64.16 1.54 -38.82
N ILE A 208 64.41 2.03 -40.02
CA ILE A 208 63.55 3.04 -40.62
C ILE A 208 62.90 2.45 -41.86
N SER A 209 61.57 2.34 -41.81
CA SER A 209 60.75 1.96 -42.96
C SER A 209 61.16 0.62 -43.56
N GLY A 210 61.55 -0.33 -42.70
CA GLY A 210 61.91 -1.66 -43.12
C GLY A 210 63.39 -1.95 -43.18
N GLU A 211 64.26 -0.93 -43.19
CA GLU A 211 65.66 -1.14 -43.46
C GLU A 211 66.52 -0.52 -42.37
N PHE A 212 67.50 -1.30 -41.90
CA PHE A 212 68.36 -0.87 -40.81
C PHE A 212 69.45 0.05 -41.33
N GLY A 213 69.68 1.15 -40.61
CA GLY A 213 70.72 2.10 -40.96
C GLY A 213 72.14 1.63 -40.67
N ASN A 214 73.00 2.50 -40.15
CA ASN A 214 74.44 2.27 -40.27
C ASN A 214 74.94 1.16 -39.34
N GLU A 215 74.74 1.30 -38.02
CA GLU A 215 75.14 0.34 -36.95
C GLU A 215 76.37 0.83 -36.16
N GLU A 216 76.12 1.36 -34.96
CA GLU A 216 77.14 1.93 -34.09
C GLU A 216 77.50 0.92 -33.00
N ARG A 217 78.80 0.70 -32.79
CA ARG A 217 79.20 -0.43 -31.97
C ARG A 217 80.37 -0.19 -31.02
N GLU A 218 81.11 0.91 -31.13
CA GLU A 218 82.27 1.09 -30.27
C GLU A 218 81.86 1.05 -28.81
N GLY A 219 82.59 0.26 -28.02
CA GLY A 219 82.15 -0.02 -26.68
C GLY A 219 82.39 -1.46 -26.25
N LYS A 220 83.44 -1.60 -25.43
CA LYS A 220 83.68 -2.74 -24.55
C LYS A 220 82.38 -3.30 -23.99
N ASN A 221 82.00 -4.52 -24.37
CA ASN A 221 80.75 -5.09 -23.85
C ASN A 221 80.85 -5.27 -22.34
N PRO A 222 80.00 -4.61 -21.55
CA PRO A 222 80.16 -4.67 -20.10
C PRO A 222 79.33 -5.78 -19.48
N LEU A 223 78.23 -6.14 -20.14
CA LEU A 223 77.40 -7.23 -19.65
C LEU A 223 78.23 -8.49 -19.52
N GLU A 224 77.86 -9.35 -18.58
CA GLU A 224 78.39 -10.71 -18.51
C GLU A 224 77.25 -11.69 -18.32
N LYS A 225 77.34 -12.84 -19.00
CA LYS A 225 76.31 -13.88 -18.92
C LYS A 225 76.09 -14.31 -17.48
N GLY A 226 74.86 -14.73 -17.17
CA GLY A 226 74.51 -15.15 -15.82
C GLY A 226 74.51 -14.05 -14.77
N ILE A 227 75.04 -12.88 -15.09
CA ILE A 227 75.04 -11.73 -14.20
C ILE A 227 73.92 -10.79 -14.65
N GLY A 228 73.22 -10.17 -13.67
CA GLY A 228 72.20 -9.21 -14.01
C GLY A 228 72.72 -7.79 -13.99
N CYS A 229 72.04 -6.91 -14.71
CA CYS A 229 72.54 -5.56 -14.92
C CYS A 229 71.39 -4.55 -14.93
N ASP A 230 71.76 -3.28 -14.90
CA ASP A 230 70.81 -2.18 -14.88
C ASP A 230 70.97 -1.40 -16.19
N LEU A 231 70.13 -1.71 -17.16
CA LEU A 231 70.12 -0.99 -18.41
C LEU A 231 69.22 0.23 -18.26
N GLU A 232 69.72 1.38 -18.68
CA GLU A 232 68.96 2.61 -18.56
C GLU A 232 69.04 3.33 -19.90
N PHE A 233 67.89 3.67 -20.45
CA PHE A 233 67.80 4.34 -21.75
C PHE A 233 67.30 5.77 -21.51
N ARG A 234 68.26 6.68 -21.34
CA ARG A 234 67.98 8.04 -20.92
C ARG A 234 67.76 8.89 -22.16
N ASN A 235 66.50 9.28 -22.40
CA ASN A 235 66.14 10.07 -23.58
C ASN A 235 66.37 11.55 -23.31
N GLU A 236 67.55 12.04 -23.74
CA GLU A 236 67.84 13.47 -23.73
C GLU A 236 67.28 14.11 -25.00
N GLU A 237 67.65 15.35 -25.30
CA GLU A 237 67.08 16.02 -26.47
C GLU A 237 67.77 15.63 -27.78
N TYR A 238 69.08 15.42 -27.78
CA TYR A 238 69.83 15.16 -29.01
C TYR A 238 70.25 13.73 -29.19
N ALA A 239 70.23 12.91 -28.14
CA ALA A 239 70.63 11.51 -28.22
C ALA A 239 69.97 10.76 -27.08
N PHE A 240 69.79 9.46 -27.28
CA PHE A 240 69.69 8.59 -26.12
C PHE A 240 71.04 8.58 -25.41
N GLN A 241 71.00 8.43 -24.10
CA GLN A 241 72.17 8.16 -23.29
C GLN A 241 71.96 6.80 -22.67
N ILE A 242 72.66 5.80 -23.17
CA ILE A 242 72.53 4.43 -22.69
C ILE A 242 73.43 4.23 -21.48
N TYR A 243 72.84 3.82 -20.36
CA TYR A 243 73.58 3.54 -19.13
C TYR A 243 73.52 2.06 -18.78
N VAL A 244 74.69 1.46 -18.54
CA VAL A 244 74.75 0.08 -18.08
C VAL A 244 75.44 0.05 -16.73
N ASP A 245 74.73 -0.40 -15.71
CA ASP A 245 75.31 -0.70 -14.41
C ASP A 245 75.89 0.55 -13.74
N GLY A 246 75.10 1.62 -13.73
CA GLY A 246 75.48 2.85 -13.08
C GLY A 246 76.22 3.85 -13.96
N GLU A 247 76.93 3.39 -14.99
CA GLU A 247 77.77 4.29 -15.77
C GLU A 247 77.42 4.28 -17.27
N ARG A 248 77.65 5.44 -17.89
CA ARG A 248 77.31 5.66 -19.30
C ARG A 248 78.08 4.69 -20.16
N PHE A 249 77.37 3.83 -20.88
CA PHE A 249 78.04 2.93 -21.80
C PHE A 249 78.26 3.56 -23.16
N ALA A 250 77.22 4.20 -23.71
CA ALA A 250 77.31 4.80 -25.03
C ALA A 250 76.14 5.75 -25.23
N THR A 251 76.35 6.76 -26.07
CA THR A 251 75.27 7.63 -26.47
C THR A 251 74.92 7.33 -27.91
N TYR A 252 73.68 7.63 -28.29
CA TYR A 252 73.16 7.28 -29.61
C TYR A 252 72.35 8.47 -30.15
N ALA A 253 72.97 9.28 -31.01
CA ALA A 253 72.26 10.43 -31.59
C ALA A 253 71.00 9.95 -32.26
N HIS A 254 69.90 10.65 -31.96
CA HIS A 254 68.60 10.33 -32.56
C HIS A 254 68.70 10.30 -34.07
N ARG A 255 68.27 9.18 -34.65
CA ARG A 255 67.98 9.13 -36.08
C ARG A 255 66.50 9.24 -36.36
N LEU A 256 65.69 9.39 -35.31
CA LEU A 256 64.27 9.60 -35.44
C LEU A 256 63.86 10.52 -34.30
N ASP A 257 62.80 11.31 -34.55
CA ASP A 257 62.28 12.25 -33.57
C ASP A 257 61.96 11.50 -32.29
N PRO A 258 62.70 11.76 -31.21
CA PRO A 258 62.51 11.01 -29.95
C PRO A 258 61.15 11.18 -29.31
N HIS A 259 60.26 11.93 -29.94
CA HIS A 259 58.92 12.06 -29.40
C HIS A 259 58.10 10.85 -29.84
N ASP A 260 57.22 10.40 -28.96
CA ASP A 260 56.23 9.39 -29.28
C ASP A 260 56.86 8.01 -29.50
N ILE A 261 57.92 7.70 -28.76
CA ILE A 261 58.42 6.34 -28.70
C ILE A 261 57.55 5.57 -27.72
N ASN A 262 56.50 4.91 -28.21
CA ASN A 262 55.47 4.39 -27.33
C ASN A 262 55.37 2.87 -27.33
N GLY A 263 56.40 2.17 -27.77
CA GLY A 263 56.38 0.71 -27.78
C GLY A 263 57.73 0.13 -27.40
N LEU A 264 57.69 -1.03 -26.74
CA LEU A 264 58.89 -1.70 -26.26
C LEU A 264 58.88 -3.16 -26.66
N GLN A 265 60.07 -3.71 -26.86
CA GLN A 265 60.20 -5.06 -27.40
C GLN A 265 61.51 -5.64 -26.89
N ILE A 266 61.46 -6.76 -26.17
CA ILE A 266 62.68 -7.40 -25.67
C ILE A 266 62.71 -8.84 -26.15
N GLY A 267 63.72 -9.20 -26.94
CA GLY A 267 63.87 -10.55 -27.42
C GLY A 267 65.20 -11.17 -27.01
N GLY A 268 65.25 -12.49 -27.12
CA GLY A 268 66.49 -13.23 -27.08
C GLY A 268 66.80 -13.89 -25.76
N ASP A 269 68.10 -14.13 -25.55
CA ASP A 269 68.61 -14.93 -24.43
C ASP A 269 68.76 -14.07 -23.16
N VAL A 270 67.63 -13.70 -22.55
CA VAL A 270 67.66 -12.77 -21.43
C VAL A 270 66.41 -12.91 -20.59
N GLU A 271 66.56 -12.72 -19.29
CA GLU A 271 65.45 -12.69 -18.36
C GLU A 271 65.26 -11.26 -17.86
N VAL A 272 64.03 -10.79 -17.87
CA VAL A 272 63.69 -9.43 -17.51
C VAL A 272 62.96 -9.43 -16.18
N THR A 273 63.51 -8.72 -15.19
CA THR A 273 62.93 -8.70 -13.86
C THR A 273 62.40 -7.33 -13.47
N GLY A 274 62.69 -6.30 -14.23
CA GLY A 274 62.11 -5.00 -13.97
C GLY A 274 62.02 -4.10 -15.19
N ILE A 275 60.85 -3.53 -15.44
CA ILE A 275 60.71 -2.42 -16.37
C ILE A 275 60.08 -1.25 -15.60
N GLN A 276 60.56 -0.03 -15.88
CA GLN A 276 59.94 1.16 -15.33
C GLN A 276 60.35 2.38 -16.14
N MET A 277 59.39 3.29 -16.31
CA MET A 277 59.63 4.60 -16.89
C MET A 277 59.92 5.62 -15.79
N VAL A 278 60.77 6.57 -16.12
CA VAL A 278 61.24 7.52 -15.13
C VAL A 278 61.31 8.90 -15.81
N MET B 1 -34.93 4.84 -47.00
CA MET B 1 -33.75 4.31 -47.66
C MET B 1 -32.92 5.41 -48.35
N ALA B 2 -31.64 5.54 -47.93
CA ALA B 2 -30.73 6.58 -48.41
C ALA B 2 -29.91 6.10 -49.61
N THR B 3 -28.61 6.48 -49.67
CA THR B 3 -27.81 6.19 -50.86
C THR B 3 -27.23 4.77 -50.80
N GLU B 4 -26.59 4.37 -51.90
CA GLU B 4 -26.43 2.96 -52.26
C GLU B 4 -25.15 2.38 -51.65
N THR B 5 -25.23 2.19 -50.33
CA THR B 5 -24.20 1.50 -49.54
C THR B 5 -24.84 0.20 -49.03
N ASN B 6 -24.14 -0.93 -49.27
CA ASN B 6 -24.54 -2.32 -49.02
C ASN B 6 -25.43 -2.58 -47.81
N TYR B 7 -25.71 -3.86 -47.55
CA TYR B 7 -26.39 -4.24 -46.31
C TYR B 7 -27.76 -3.59 -46.15
N PRO B 8 -28.72 -3.83 -47.04
CA PRO B 8 -30.01 -3.17 -46.92
C PRO B 8 -30.75 -3.58 -45.65
N VAL B 9 -31.25 -2.60 -44.91
CA VAL B 9 -32.09 -2.90 -43.76
C VAL B 9 -33.50 -3.11 -44.27
N PRO B 10 -34.29 -4.01 -43.66
CA PRO B 10 -33.88 -4.91 -42.57
C PRO B 10 -32.84 -5.91 -43.03
N TYR B 11 -31.64 -5.82 -42.44
CA TYR B 11 -30.58 -6.77 -42.68
C TYR B 11 -30.73 -7.91 -41.69
N ARG B 12 -30.33 -9.10 -42.12
CA ARG B 12 -30.51 -10.27 -41.26
C ARG B 12 -29.53 -11.35 -41.70
N SER B 13 -28.53 -11.61 -40.87
CA SER B 13 -27.50 -12.60 -41.13
C SER B 13 -27.79 -13.89 -40.41
N LYS B 14 -27.43 -15.01 -41.02
CA LYS B 14 -27.45 -16.28 -40.32
C LYS B 14 -26.03 -16.62 -39.92
N LEU B 15 -25.88 -17.08 -38.70
CA LEU B 15 -24.55 -17.37 -38.17
C LEU B 15 -24.08 -18.71 -38.66
N THR B 16 -22.84 -18.76 -39.15
CA THR B 16 -22.28 -20.02 -39.65
C THR B 16 -22.13 -21.03 -38.51
N GLU B 17 -21.34 -20.69 -37.49
CA GLU B 17 -21.22 -21.43 -36.25
C GLU B 17 -21.90 -20.66 -35.11
N PRO B 18 -22.00 -21.26 -33.91
CA PRO B 18 -22.61 -20.52 -32.80
C PRO B 18 -21.76 -19.34 -32.36
N PHE B 19 -22.38 -18.49 -31.53
CA PHE B 19 -21.77 -17.26 -31.05
C PHE B 19 -21.10 -17.53 -29.71
N GLU B 20 -19.78 -17.60 -29.70
CA GLU B 20 -19.08 -18.15 -28.54
C GLU B 20 -18.35 -17.07 -27.73
N PRO B 21 -18.09 -17.34 -26.44
CA PRO B 21 -17.38 -16.35 -25.63
C PRO B 21 -16.06 -15.97 -26.27
N GLY B 22 -15.78 -14.67 -26.30
CA GLY B 22 -14.60 -14.13 -26.93
C GLY B 22 -14.83 -13.54 -28.29
N GLN B 23 -15.98 -13.81 -28.89
CA GLN B 23 -16.33 -13.32 -30.22
C GLN B 23 -17.04 -11.97 -30.13
N THR B 24 -16.76 -11.12 -31.12
CA THR B 24 -17.27 -9.75 -31.14
C THR B 24 -18.06 -9.50 -32.42
N LEU B 25 -19.30 -9.09 -32.27
CA LEU B 25 -20.07 -8.54 -33.37
C LEU B 25 -19.83 -7.03 -33.40
N ILE B 26 -19.45 -6.51 -34.56
CA ILE B 26 -19.27 -5.08 -34.76
C ILE B 26 -20.31 -4.59 -35.77
N ILE B 27 -20.86 -3.40 -35.52
CA ILE B 27 -21.84 -2.81 -36.43
C ILE B 27 -21.61 -1.31 -36.47
N LYS B 28 -21.35 -0.78 -37.66
CA LYS B 28 -21.21 0.66 -37.85
C LYS B 28 -22.30 1.15 -38.79
N GLY B 29 -22.53 2.46 -38.80
CA GLY B 29 -23.49 3.03 -39.74
C GLY B 29 -23.82 4.51 -39.63
N LYS B 30 -24.53 5.02 -40.65
CA LYS B 30 -24.98 6.39 -40.71
C LYS B 30 -26.43 6.51 -40.23
N THR B 31 -26.71 7.58 -39.49
CA THR B 31 -28.07 7.96 -39.10
C THR B 31 -28.41 9.29 -39.76
N ALA B 32 -29.70 9.49 -40.05
CA ALA B 32 -30.19 10.75 -40.63
C ALA B 32 -30.79 11.66 -39.57
N GLU B 33 -30.94 12.94 -39.91
CA GLU B 33 -31.53 13.88 -38.96
C GLU B 33 -32.98 13.53 -38.59
N ASP B 34 -33.65 12.68 -39.38
CA ASP B 34 -35.01 12.23 -39.09
C ASP B 34 -35.05 10.79 -38.59
N SER B 35 -33.94 10.29 -38.03
CA SER B 35 -33.84 8.94 -37.48
C SER B 35 -34.40 8.92 -36.06
N VAL B 36 -35.39 8.08 -35.81
CA VAL B 36 -35.99 8.00 -34.48
C VAL B 36 -35.40 6.85 -33.68
N ARG B 37 -35.21 5.67 -34.30
CA ARG B 37 -34.53 4.59 -33.62
C ARG B 37 -34.23 3.46 -34.60
N PHE B 38 -33.05 2.86 -34.44
CA PHE B 38 -32.72 1.61 -35.09
C PHE B 38 -32.53 0.55 -34.02
N THR B 39 -32.45 -0.71 -34.45
CA THR B 39 -32.28 -1.79 -33.49
C THR B 39 -31.31 -2.85 -34.00
N ILE B 40 -30.63 -3.52 -33.06
CA ILE B 40 -29.80 -4.69 -33.31
C ILE B 40 -30.35 -5.83 -32.47
N ASN B 41 -30.36 -7.05 -33.03
CA ASN B 41 -30.97 -8.20 -32.35
C ASN B 41 -30.09 -9.42 -32.51
N LEU B 42 -29.73 -10.07 -31.41
CA LEU B 42 -29.16 -11.42 -31.45
C LEU B 42 -30.27 -12.40 -31.09
N HIS B 43 -30.51 -13.40 -31.94
CA HIS B 43 -31.73 -14.19 -31.80
C HIS B 43 -31.62 -15.51 -32.57
N ASN B 44 -32.55 -16.43 -32.29
CA ASN B 44 -32.69 -17.67 -33.04
C ASN B 44 -34.06 -17.76 -33.70
N THR B 45 -34.24 -18.89 -34.39
CA THR B 45 -35.31 -19.07 -35.36
C THR B 45 -35.69 -20.52 -35.59
N SER B 46 -35.62 -20.92 -36.87
CA SER B 46 -35.55 -22.29 -37.35
C SER B 46 -34.82 -22.29 -38.70
N ALA B 47 -34.91 -21.16 -39.40
CA ALA B 47 -34.60 -20.97 -40.82
C ALA B 47 -34.82 -19.49 -41.12
N ASP B 48 -36.10 -19.08 -41.25
CA ASP B 48 -36.52 -17.69 -41.49
C ASP B 48 -37.67 -17.30 -40.57
N PHE B 49 -37.58 -17.67 -39.29
CA PHE B 49 -38.55 -17.40 -38.23
C PHE B 49 -39.04 -15.94 -38.17
N SER B 50 -38.26 -15.10 -37.45
CA SER B 50 -38.54 -13.72 -37.06
C SER B 50 -39.60 -13.66 -35.96
N GLY B 51 -39.24 -14.11 -34.74
CA GLY B 51 -40.10 -14.01 -33.57
C GLY B 51 -40.06 -15.08 -32.47
N ASN B 52 -38.90 -15.65 -32.16
CA ASN B 52 -38.70 -16.41 -30.92
C ASN B 52 -37.35 -16.03 -30.34
N ASP B 53 -37.05 -16.58 -29.15
CA ASP B 53 -35.84 -16.32 -28.35
C ASP B 53 -34.91 -15.20 -28.81
N VAL B 54 -34.76 -14.17 -27.99
CA VAL B 54 -33.89 -13.06 -28.34
C VAL B 54 -32.95 -12.84 -27.17
N PRO B 55 -31.88 -13.62 -27.08
CA PRO B 55 -30.98 -13.48 -25.94
C PRO B 55 -30.57 -12.04 -25.70
N LEU B 56 -30.37 -11.23 -26.75
CA LEU B 56 -29.96 -9.85 -26.58
C LEU B 56 -30.63 -8.95 -27.63
N HIS B 57 -31.33 -7.93 -27.15
CA HIS B 57 -32.03 -6.96 -27.98
C HIS B 57 -31.56 -5.56 -27.60
N ILE B 58 -30.96 -4.84 -28.54
CA ILE B 58 -30.48 -3.48 -28.32
C ILE B 58 -31.38 -2.53 -29.10
N SER B 59 -32.18 -1.76 -28.39
CA SER B 59 -32.94 -0.65 -28.97
C SER B 59 -32.20 0.64 -28.67
N VAL B 60 -31.62 1.27 -29.70
CA VAL B 60 -31.05 2.60 -29.55
C VAL B 60 -32.05 3.61 -30.07
N ARG B 61 -32.49 4.50 -29.17
CA ARG B 61 -33.59 5.42 -29.38
C ARG B 61 -33.06 6.85 -29.36
N PHE B 62 -33.29 7.60 -30.43
CA PHE B 62 -32.97 9.02 -30.42
C PHE B 62 -34.05 9.87 -29.76
N ASP B 63 -35.30 9.36 -29.68
CA ASP B 63 -36.41 10.09 -29.05
C ASP B 63 -36.39 10.02 -27.52
N GLU B 64 -36.00 8.88 -26.94
CA GLU B 64 -35.73 8.82 -25.51
C GLU B 64 -34.34 9.30 -25.15
N GLY B 65 -33.38 9.21 -26.08
CA GLY B 65 -31.98 9.42 -25.74
C GLY B 65 -31.39 8.34 -24.87
N LYS B 66 -31.89 7.11 -24.97
CA LYS B 66 -31.40 5.99 -24.20
C LYS B 66 -31.05 4.84 -25.13
N ILE B 67 -30.15 3.99 -24.66
CA ILE B 67 -29.87 2.72 -25.30
C ILE B 67 -30.48 1.65 -24.41
N VAL B 68 -31.40 0.89 -24.98
CA VAL B 68 -32.29 0.02 -24.21
C VAL B 68 -31.97 -1.43 -24.55
N PHE B 69 -31.70 -2.22 -23.52
CA PHE B 69 -31.40 -3.64 -23.70
C PHE B 69 -32.52 -4.46 -23.07
N ASN B 70 -32.88 -5.57 -23.71
CA ASN B 70 -33.87 -6.48 -23.15
C ASN B 70 -33.72 -7.84 -23.81
N THR B 71 -34.46 -8.82 -23.29
CA THR B 71 -34.48 -10.17 -23.81
C THR B 71 -35.92 -10.59 -24.04
N PHE B 72 -36.19 -11.22 -25.18
CA PHE B 72 -37.47 -11.83 -25.48
C PHE B 72 -37.30 -13.34 -25.51
N SER B 73 -38.20 -14.05 -24.86
CA SER B 73 -38.04 -15.48 -24.67
C SER B 73 -39.33 -16.06 -24.17
N LYS B 74 -39.78 -17.17 -24.74
CA LYS B 74 -41.04 -17.81 -24.36
C LYS B 74 -42.20 -16.82 -24.47
N GLY B 75 -42.20 -16.05 -25.55
CA GLY B 75 -43.27 -15.12 -25.81
C GLY B 75 -43.32 -13.89 -24.94
N GLU B 76 -42.31 -13.62 -24.12
CA GLU B 76 -42.40 -12.49 -23.20
C GLU B 76 -41.13 -11.67 -23.23
N PHE B 77 -41.28 -10.35 -23.27
CA PHE B 77 -40.13 -9.51 -23.00
C PHE B 77 -39.86 -9.47 -21.50
N GLY B 78 -38.66 -9.01 -21.14
CA GLY B 78 -38.28 -8.97 -19.75
C GLY B 78 -38.12 -7.56 -19.26
N LYS B 79 -37.25 -7.37 -18.29
CA LYS B 79 -36.98 -6.06 -17.73
C LYS B 79 -35.96 -5.35 -18.62
N GLU B 80 -36.40 -4.30 -19.31
CA GLU B 80 -35.45 -3.44 -20.00
C GLU B 80 -34.45 -2.88 -19.01
N GLU B 81 -33.20 -2.82 -19.45
CA GLU B 81 -32.13 -2.18 -18.70
C GLU B 81 -31.64 -1.02 -19.55
N ARG B 82 -31.77 0.21 -19.04
CA ARG B 82 -31.49 1.41 -19.82
C ARG B 82 -30.10 1.97 -19.56
N LYS B 83 -29.58 2.65 -20.58
CA LYS B 83 -28.27 3.28 -20.57
C LYS B 83 -28.32 4.50 -21.49
N SER B 84 -27.46 5.47 -21.21
CA SER B 84 -27.55 6.79 -21.82
C SER B 84 -26.97 6.79 -23.23
N ASN B 85 -27.77 7.26 -24.19
CA ASN B 85 -27.34 7.22 -25.60
C ASN B 85 -26.45 8.39 -25.97
N PRO B 86 -25.19 8.13 -26.35
CA PRO B 86 -24.29 9.24 -26.67
C PRO B 86 -24.57 9.85 -28.03
N TYR B 87 -25.29 9.16 -28.89
CA TYR B 87 -25.48 9.64 -30.25
C TYR B 87 -26.66 10.60 -30.35
N LYS B 88 -26.47 11.66 -31.14
CA LYS B 88 -27.58 12.52 -31.50
C LYS B 88 -27.96 12.30 -32.96
N LYS B 89 -29.22 12.56 -33.30
CA LYS B 89 -29.70 12.41 -34.67
C LYS B 89 -28.63 12.87 -35.66
N GLY B 90 -28.23 11.97 -36.58
CA GLY B 90 -27.32 12.33 -37.64
C GLY B 90 -25.92 11.74 -37.62
N ASP B 91 -25.20 11.91 -36.50
CA ASP B 91 -23.80 11.47 -36.47
C ASP B 91 -23.72 9.94 -36.59
N ASP B 92 -22.49 9.45 -36.73
CA ASP B 92 -22.25 8.05 -37.09
C ASP B 92 -22.11 7.16 -35.86
N ILE B 93 -22.52 5.89 -36.02
CA ILE B 93 -22.62 4.98 -34.88
C ILE B 93 -21.62 3.83 -35.02
N ASP B 94 -21.36 3.17 -33.88
CA ASP B 94 -20.35 2.09 -33.77
C ASP B 94 -20.69 1.31 -32.49
N ILE B 95 -21.54 0.30 -32.64
CA ILE B 95 -21.92 -0.57 -31.52
C ILE B 95 -21.22 -1.90 -31.70
N ARG B 96 -20.60 -2.38 -30.63
CA ARG B 96 -19.84 -3.63 -30.67
C ARG B 96 -20.22 -4.48 -29.48
N ILE B 97 -20.57 -5.73 -29.76
CA ILE B 97 -21.10 -6.66 -28.77
C ILE B 97 -20.12 -7.80 -28.61
N ARG B 98 -19.54 -7.94 -27.43
CA ARG B 98 -18.58 -9.01 -27.19
C ARG B 98 -19.13 -9.98 -26.16
N ALA B 99 -19.27 -11.24 -26.56
CA ALA B 99 -19.84 -12.27 -25.72
C ALA B 99 -18.79 -12.87 -24.80
N HIS B 100 -19.16 -13.04 -23.55
CA HIS B 100 -18.32 -13.71 -22.58
C HIS B 100 -19.13 -14.87 -21.98
N ASP B 101 -18.51 -15.63 -21.07
CA ASP B 101 -19.27 -16.72 -20.46
C ASP B 101 -20.40 -16.18 -19.60
N SER B 102 -20.16 -15.08 -18.88
CA SER B 102 -21.10 -14.56 -17.89
C SER B 102 -22.09 -13.52 -18.41
N LYS B 103 -21.88 -12.94 -19.59
CA LYS B 103 -22.62 -11.74 -20.02
C LYS B 103 -22.19 -11.32 -21.42
N PHE B 104 -23.01 -10.47 -22.05
CA PHE B 104 -22.57 -9.66 -23.19
C PHE B 104 -21.98 -8.37 -22.65
N SER B 105 -20.91 -7.90 -23.27
CA SER B 105 -20.39 -6.57 -23.02
C SER B 105 -20.57 -5.76 -24.30
N ILE B 106 -21.28 -4.65 -24.20
CA ILE B 106 -21.63 -3.83 -25.37
C ILE B 106 -20.76 -2.59 -25.34
N SER B 107 -20.19 -2.24 -26.49
CA SER B 107 -19.45 -0.99 -26.58
C SER B 107 -20.08 -0.09 -27.63
N VAL B 108 -20.09 1.20 -27.29
CA VAL B 108 -20.62 2.27 -28.15
C VAL B 108 -19.50 3.30 -28.33
N ASP B 109 -19.05 3.49 -29.58
CA ASP B 109 -17.89 4.34 -29.89
C ASP B 109 -16.62 3.86 -29.21
N GLN B 110 -16.45 2.54 -29.14
CA GLN B 110 -15.27 1.91 -28.59
C GLN B 110 -15.13 2.13 -27.09
N LYS B 111 -16.22 2.56 -26.46
CA LYS B 111 -16.33 2.75 -25.02
C LYS B 111 -17.25 1.68 -24.46
N GLU B 112 -16.76 0.90 -23.50
CA GLU B 112 -17.61 -0.12 -22.89
C GLU B 112 -18.66 0.56 -21.99
N VAL B 113 -19.93 0.30 -22.26
CA VAL B 113 -21.03 0.95 -21.56
C VAL B 113 -21.84 -0.03 -20.71
N LYS B 114 -22.16 -1.20 -21.27
CA LYS B 114 -23.16 -2.09 -20.68
C LYS B 114 -22.59 -3.48 -20.58
N GLU B 115 -22.77 -4.11 -19.43
CA GLU B 115 -22.56 -5.54 -19.29
C GLU B 115 -23.91 -6.17 -18.97
N TYR B 116 -24.42 -6.92 -19.90
CA TYR B 116 -25.75 -7.49 -19.83
C TYR B 116 -25.56 -8.96 -19.51
N GLU B 117 -25.79 -9.33 -18.26
CA GLU B 117 -25.68 -10.74 -17.90
C GLU B 117 -26.66 -11.55 -18.71
N HIS B 118 -26.18 -12.69 -19.21
CA HIS B 118 -27.04 -13.59 -19.96
C HIS B 118 -28.30 -13.88 -19.18
N ARG B 119 -29.41 -13.95 -19.90
CA ARG B 119 -30.67 -14.36 -19.32
C ARG B 119 -31.20 -15.65 -19.92
N VAL B 120 -30.83 -15.97 -21.17
CA VAL B 120 -31.07 -17.28 -21.77
C VAL B 120 -29.80 -17.71 -22.50
N PRO B 121 -29.69 -19.01 -22.83
CA PRO B 121 -28.42 -19.55 -23.35
C PRO B 121 -27.79 -18.79 -24.52
N LEU B 122 -26.49 -18.51 -24.39
CA LEU B 122 -25.74 -17.83 -25.45
C LEU B 122 -25.80 -18.59 -26.75
N SER B 123 -25.73 -19.92 -26.67
CA SER B 123 -25.80 -20.75 -27.86
C SER B 123 -27.11 -20.57 -28.61
N SER B 124 -28.12 -19.96 -28.01
CA SER B 124 -29.34 -19.70 -28.75
C SER B 124 -29.15 -18.67 -29.86
N VAL B 125 -28.02 -17.97 -29.93
CA VAL B 125 -27.85 -16.91 -30.93
C VAL B 125 -27.40 -17.58 -32.23
N THR B 126 -28.30 -17.66 -33.19
CA THR B 126 -28.02 -18.28 -34.48
C THR B 126 -28.21 -17.34 -35.65
N HIS B 127 -28.79 -16.16 -35.41
CA HIS B 127 -28.98 -15.10 -36.37
C HIS B 127 -28.74 -13.77 -35.65
N PHE B 128 -28.41 -12.74 -36.41
CA PHE B 128 -28.65 -11.41 -35.88
C PHE B 128 -29.22 -10.52 -36.98
N SER B 129 -30.17 -9.69 -36.59
CA SER B 129 -30.80 -8.76 -37.52
C SER B 129 -30.49 -7.33 -37.10
N VAL B 130 -30.70 -6.43 -38.04
CA VAL B 130 -30.58 -5.00 -37.86
C VAL B 130 -31.72 -4.37 -38.65
N ASP B 131 -32.59 -3.61 -37.99
CA ASP B 131 -33.61 -2.83 -38.67
C ASP B 131 -33.72 -1.47 -37.98
N GLY B 132 -34.55 -0.61 -38.58
CA GLY B 132 -34.78 0.73 -38.09
C GLY B 132 -34.22 1.82 -39.00
N ASP B 133 -34.07 3.00 -38.41
CA ASP B 133 -33.65 4.18 -39.16
C ASP B 133 -32.14 4.32 -39.14
N ILE B 134 -31.48 3.27 -39.62
CA ILE B 134 -30.04 3.22 -39.77
C ILE B 134 -29.72 2.79 -41.21
N LEU B 135 -28.67 3.37 -41.77
CA LEU B 135 -28.06 2.86 -42.99
C LEU B 135 -26.70 2.28 -42.59
N ILE B 136 -26.50 0.99 -42.87
CA ILE B 136 -25.35 0.26 -42.36
C ILE B 136 -24.16 0.44 -43.28
N THR B 137 -23.00 0.74 -42.71
CA THR B 137 -21.78 0.89 -43.49
C THR B 137 -20.76 -0.22 -43.27
N TYR B 138 -20.92 -1.05 -42.24
CA TYR B 138 -19.93 -2.07 -41.95
C TYR B 138 -20.50 -3.03 -40.93
N ILE B 139 -20.29 -4.34 -41.16
CA ILE B 139 -20.80 -5.39 -40.28
C ILE B 139 -19.78 -6.51 -40.21
N HIS B 140 -19.11 -6.66 -39.09
CA HIS B 140 -18.14 -7.74 -38.94
C HIS B 140 -18.44 -8.47 -37.64
N TRP B 141 -18.59 -9.79 -37.72
CA TRP B 141 -18.59 -10.63 -36.52
C TRP B 141 -17.38 -11.55 -36.60
N GLY B 142 -16.64 -11.66 -35.51
CA GLY B 142 -15.49 -12.54 -35.47
C GLY B 142 -14.73 -12.43 -34.16
N GLY B 143 -13.47 -12.83 -34.21
CA GLY B 143 -12.57 -12.64 -33.09
C GLY B 143 -12.50 -13.83 -32.16
N LYS B 144 -11.71 -13.66 -31.11
CA LYS B 144 -11.53 -14.69 -30.10
C LYS B 144 -10.85 -14.05 -28.90
N TYR B 145 -10.64 -14.84 -27.86
CA TYR B 145 -9.79 -14.41 -26.77
C TYR B 145 -8.35 -14.55 -27.25
N TYR B 146 -7.69 -13.43 -27.56
CA TYR B 146 -6.29 -13.51 -27.98
C TYR B 146 -5.40 -13.22 -26.79
N PRO B 147 -4.56 -14.15 -26.33
CA PRO B 147 -3.73 -13.88 -25.15
C PRO B 147 -2.58 -12.95 -25.48
N VAL B 148 -2.38 -11.92 -24.64
CA VAL B 148 -1.17 -11.10 -24.72
C VAL B 148 -0.26 -11.46 -23.55
N PRO B 149 1.06 -11.47 -23.72
CA PRO B 149 1.74 -11.35 -25.01
C PRO B 149 1.31 -12.41 -26.01
N TYR B 150 1.37 -12.06 -27.28
CA TYR B 150 0.92 -12.86 -28.40
C TYR B 150 2.04 -12.93 -29.43
N GLU B 151 1.87 -13.81 -30.39
CA GLU B 151 2.96 -14.27 -31.23
C GLU B 151 2.31 -15.22 -32.23
N SER B 152 2.64 -15.11 -33.51
CA SER B 152 1.83 -15.78 -34.52
C SER B 152 2.33 -15.52 -35.94
N GLY B 153 2.46 -16.57 -36.75
CA GLY B 153 2.69 -16.38 -38.17
C GLY B 153 1.47 -15.81 -38.85
N LEU B 154 1.69 -15.08 -39.93
CA LEU B 154 0.64 -14.32 -40.59
C LEU B 154 0.23 -15.03 -41.86
N ALA B 155 -1.08 -15.31 -41.99
CA ALA B 155 -1.66 -15.97 -43.15
C ALA B 155 -0.72 -17.05 -43.69
N GLY B 156 0.13 -16.64 -44.63
CA GLY B 156 1.22 -17.45 -45.16
C GLY B 156 1.91 -16.59 -46.19
N ASP B 157 1.12 -16.14 -47.17
CA ASP B 157 1.50 -15.04 -48.05
C ASP B 157 2.29 -13.97 -47.31
N GLY B 158 1.83 -13.59 -46.12
CA GLY B 158 2.44 -12.50 -45.39
C GLY B 158 1.69 -11.19 -45.58
N LEU B 159 2.26 -10.16 -44.94
CA LEU B 159 1.77 -8.79 -45.06
C LEU B 159 2.61 -8.11 -46.14
N ALA B 160 2.27 -8.37 -47.39
CA ALA B 160 2.96 -7.79 -48.53
C ALA B 160 2.25 -6.54 -49.00
N PRO B 161 2.87 -5.72 -49.85
CA PRO B 161 2.19 -4.50 -50.30
C PRO B 161 0.97 -4.84 -51.15
N GLY B 162 -0.14 -4.19 -50.83
CA GLY B 162 -1.45 -4.58 -51.31
C GLY B 162 -2.39 -5.00 -50.21
N LYS B 163 -1.89 -5.27 -49.01
CA LYS B 163 -2.69 -5.80 -47.92
C LYS B 163 -2.48 -5.02 -46.62
N SER B 164 -3.41 -5.21 -45.70
CA SER B 164 -3.50 -4.42 -44.48
C SER B 164 -3.69 -5.37 -43.31
N LEU B 165 -2.74 -5.40 -42.39
CA LEU B 165 -3.02 -6.07 -41.12
C LEU B 165 -3.92 -5.18 -40.31
N LEU B 166 -4.92 -5.76 -39.69
CA LEU B 166 -5.98 -4.99 -39.06
C LEU B 166 -6.20 -5.54 -37.66
N ILE B 167 -6.17 -4.66 -36.68
CA ILE B 167 -6.18 -5.14 -35.30
C ILE B 167 -7.14 -4.29 -34.50
N PHE B 168 -8.09 -4.95 -33.84
CA PHE B 168 -8.90 -4.32 -32.82
C PHE B 168 -8.27 -4.60 -31.46
N ALA B 169 -8.13 -3.55 -30.66
CA ALA B 169 -7.44 -3.69 -29.38
C ALA B 169 -7.94 -2.61 -28.42
N THR B 170 -7.81 -2.88 -27.14
CA THR B 170 -8.15 -1.91 -26.09
C THR B 170 -6.97 -1.78 -25.13
N PRO B 171 -6.31 -0.62 -25.05
CA PRO B 171 -5.23 -0.47 -24.08
C PRO B 171 -5.79 -0.49 -22.67
N GLU B 172 -5.25 -1.41 -21.84
CA GLU B 172 -5.72 -1.58 -20.46
C GLU B 172 -5.83 -0.21 -19.79
N LYS B 173 -6.86 -0.04 -18.96
CA LYS B 173 -7.10 1.32 -18.50
C LYS B 173 -6.03 1.82 -17.52
N LYS B 174 -5.16 0.97 -16.99
CA LYS B 174 -4.06 1.49 -16.18
C LYS B 174 -2.68 1.04 -16.69
N GLY B 175 -2.56 0.82 -18.02
CA GLY B 175 -1.28 0.46 -18.61
C GLY B 175 -0.45 1.67 -18.97
N LYS B 176 0.81 1.42 -19.26
CA LYS B 176 1.72 2.51 -19.64
C LYS B 176 2.07 2.49 -21.12
N ARG B 177 2.40 1.32 -21.67
CA ARG B 177 2.75 1.23 -23.09
C ARG B 177 2.64 -0.22 -23.58
N PHE B 178 2.06 -0.40 -24.75
CA PHE B 178 2.05 -1.69 -25.42
C PHE B 178 2.75 -1.55 -26.76
N HIS B 179 2.93 -2.68 -27.45
CA HIS B 179 3.62 -2.63 -28.73
C HIS B 179 3.18 -3.75 -29.65
N ILE B 180 3.24 -3.48 -30.95
CA ILE B 180 2.82 -4.40 -32.00
C ILE B 180 3.94 -4.49 -33.04
N ASN B 181 4.47 -5.69 -33.25
CA ASN B 181 5.59 -5.90 -34.18
C ASN B 181 5.07 -6.49 -35.48
N LEU B 182 5.71 -6.14 -36.58
CA LEU B 182 5.52 -6.81 -37.85
C LEU B 182 6.88 -7.36 -38.25
N LEU B 183 7.01 -8.69 -38.26
CA LEU B 183 8.31 -9.34 -38.36
C LEU B 183 8.50 -9.96 -39.74
N LYS B 184 9.77 -10.03 -40.13
CA LYS B 184 10.20 -10.72 -41.34
C LYS B 184 10.83 -12.06 -40.97
N LYS B 185 10.92 -12.97 -41.96
CA LYS B 185 11.13 -14.39 -41.69
C LYS B 185 12.34 -14.65 -40.82
N ASN B 186 13.32 -13.74 -40.87
CA ASN B 186 14.57 -13.89 -40.13
C ASN B 186 14.52 -13.26 -38.74
N GLY B 187 13.35 -12.82 -38.29
CA GLY B 187 13.20 -12.26 -36.97
C GLY B 187 13.43 -10.78 -36.88
N ASP B 188 13.85 -10.14 -37.97
CA ASP B 188 13.96 -8.69 -37.96
C ASP B 188 12.56 -8.08 -37.89
N ILE B 189 12.43 -7.00 -37.13
CA ILE B 189 11.15 -6.32 -36.94
C ILE B 189 11.06 -5.24 -38.00
N ALA B 190 10.22 -5.49 -39.02
CA ALA B 190 9.99 -4.53 -40.08
C ALA B 190 9.46 -3.22 -39.53
N LEU B 191 8.44 -3.29 -38.69
CA LEU B 191 7.86 -2.11 -38.09
C LEU B 191 7.53 -2.45 -36.64
N HIS B 192 8.03 -1.62 -35.73
CA HIS B 192 7.77 -1.77 -34.30
C HIS B 192 6.84 -0.62 -33.93
N PHE B 193 5.62 -0.96 -33.53
CA PHE B 193 4.58 0.01 -33.21
C PHE B 193 4.45 0.07 -31.70
N ASN B 194 4.74 1.22 -31.08
CA ASN B 194 4.88 1.30 -29.62
C ASN B 194 4.27 2.58 -29.08
N PRO B 195 2.95 2.57 -28.86
CA PRO B 195 2.34 3.64 -28.05
C PRO B 195 3.00 3.71 -26.68
N ARG B 196 3.29 4.93 -26.23
CA ARG B 196 3.77 5.15 -24.87
C ARG B 196 2.91 6.25 -24.25
N PHE B 197 2.10 5.89 -23.26
CA PHE B 197 1.22 6.87 -22.65
C PHE B 197 1.97 7.76 -21.67
N ASP B 198 2.97 7.20 -20.99
CA ASP B 198 3.84 8.02 -20.14
C ASP B 198 4.54 9.09 -20.96
N GLU B 199 5.17 8.71 -22.07
CA GLU B 199 5.80 9.69 -22.93
C GLU B 199 4.82 10.42 -23.84
N LYS B 200 3.52 10.14 -23.74
CA LYS B 200 2.50 10.80 -24.58
C LYS B 200 2.79 10.67 -26.08
N ALA B 201 3.34 9.54 -26.53
CA ALA B 201 3.73 9.37 -27.93
C ALA B 201 3.50 7.93 -28.39
N ILE B 202 3.66 7.72 -29.69
CA ILE B 202 3.60 6.39 -30.31
C ILE B 202 4.88 6.24 -31.12
N VAL B 203 5.91 5.68 -30.49
CA VAL B 203 7.14 5.41 -31.20
C VAL B 203 6.89 4.45 -32.36
N ARG B 204 7.58 4.67 -33.48
CA ARG B 204 7.62 3.72 -34.57
C ARG B 204 9.08 3.53 -34.95
N ASN B 205 9.57 2.30 -34.88
CA ASN B 205 10.97 2.02 -35.18
C ASN B 205 11.08 0.66 -35.89
N SER B 206 12.31 0.28 -36.24
CA SER B 206 12.56 -1.01 -36.88
C SER B 206 13.81 -1.62 -36.28
N LEU B 207 13.81 -2.96 -36.19
CA LEU B 207 14.87 -3.75 -35.55
C LEU B 207 15.53 -4.63 -36.62
N ILE B 208 16.65 -4.17 -37.18
CA ILE B 208 17.36 -4.86 -38.26
C ILE B 208 18.73 -5.30 -37.75
N SER B 209 18.87 -6.62 -37.55
CA SER B 209 20.13 -7.25 -37.19
C SER B 209 20.62 -6.74 -35.83
N GLY B 210 19.86 -7.13 -34.81
CA GLY B 210 20.22 -6.85 -33.45
C GLY B 210 19.90 -5.45 -32.98
N GLU B 211 20.11 -4.45 -33.84
CA GLU B 211 20.02 -3.05 -33.43
C GLU B 211 18.61 -2.52 -33.64
N PHE B 212 18.32 -1.38 -33.02
CA PHE B 212 17.11 -0.64 -33.31
C PHE B 212 17.42 0.56 -34.18
N GLY B 213 16.51 0.85 -35.13
CA GLY B 213 16.62 2.03 -35.97
C GLY B 213 16.60 3.33 -35.18
N ASN B 214 16.28 4.46 -35.81
CA ASN B 214 16.56 5.71 -35.12
C ASN B 214 15.32 6.42 -34.58
N GLU B 215 14.12 5.90 -34.83
CA GLU B 215 12.94 6.16 -34.00
C GLU B 215 12.14 7.41 -34.36
N GLU B 216 10.95 7.21 -34.95
CA GLU B 216 10.08 8.28 -35.39
C GLU B 216 8.88 8.38 -34.48
N ARG B 217 8.71 9.53 -33.83
CA ARG B 217 7.61 9.69 -32.90
C ARG B 217 6.64 10.82 -33.23
N GLU B 218 6.85 11.57 -34.31
CA GLU B 218 5.95 12.67 -34.52
C GLU B 218 4.53 12.24 -34.81
N GLY B 219 3.65 12.77 -33.98
CA GLY B 219 2.22 12.55 -34.09
C GLY B 219 1.60 12.76 -32.74
N LYS B 220 0.42 13.37 -32.73
CA LYS B 220 -0.37 13.47 -31.50
C LYS B 220 -1.04 12.12 -31.30
N ASN B 221 -0.82 11.53 -30.13
CA ASN B 221 -1.26 10.16 -29.83
C ASN B 221 -2.78 10.02 -29.85
N PRO B 222 -3.38 9.33 -30.83
CA PRO B 222 -4.84 9.19 -30.86
C PRO B 222 -5.39 8.10 -29.95
N LEU B 223 -4.54 7.26 -29.37
CA LEU B 223 -5.01 6.27 -28.43
C LEU B 223 -5.34 6.93 -27.10
N GLU B 224 -5.93 6.13 -26.21
CA GLU B 224 -6.43 6.60 -24.92
C GLU B 224 -6.72 5.40 -24.04
N LYS B 225 -6.05 5.29 -22.89
CA LYS B 225 -6.23 4.14 -22.00
C LYS B 225 -7.71 3.89 -21.77
N GLY B 226 -8.12 2.62 -21.90
CA GLY B 226 -9.49 2.21 -21.67
C GLY B 226 -10.38 2.17 -22.92
N ILE B 227 -10.08 2.99 -23.92
CA ILE B 227 -10.92 3.05 -25.14
C ILE B 227 -10.41 2.07 -26.20
N GLY B 228 -11.35 1.56 -27.03
CA GLY B 228 -10.99 0.70 -28.15
C GLY B 228 -10.38 1.48 -29.29
N CYS B 229 -9.82 0.75 -30.25
CA CYS B 229 -9.27 1.37 -31.47
C CYS B 229 -9.17 0.35 -32.56
N ASP B 230 -9.28 0.82 -33.80
CA ASP B 230 -9.13 -0.02 -34.99
C ASP B 230 -7.77 0.29 -35.60
N LEU B 231 -6.75 -0.44 -35.13
CA LEU B 231 -5.40 -0.36 -35.67
C LEU B 231 -5.31 -1.04 -37.03
N GLU B 232 -4.92 -0.30 -38.06
CA GLU B 232 -4.77 -0.82 -39.41
C GLU B 232 -3.39 -0.49 -39.97
N PHE B 233 -2.67 -1.51 -40.39
CA PHE B 233 -1.33 -1.33 -40.91
C PHE B 233 -1.41 -1.63 -42.40
N ARG B 234 -1.47 -0.57 -43.18
CA ARG B 234 -1.65 -0.71 -44.61
C ARG B 234 -0.28 -0.71 -45.27
N ASN B 235 0.17 -1.88 -45.69
CA ASN B 235 1.43 -2.05 -46.42
C ASN B 235 1.26 -1.54 -47.84
N GLU B 236 1.82 -0.37 -48.15
CA GLU B 236 1.86 0.14 -49.52
C GLU B 236 3.28 0.01 -50.08
N GLU B 237 3.44 0.36 -51.37
CA GLU B 237 4.69 0.07 -52.07
C GLU B 237 5.91 0.77 -51.43
N TYR B 238 5.71 1.97 -50.85
CA TYR B 238 6.83 2.77 -50.37
C TYR B 238 6.80 3.07 -48.87
N ALA B 239 5.71 2.75 -48.16
CA ALA B 239 5.67 2.98 -46.73
C ALA B 239 4.53 2.18 -46.12
N PHE B 240 4.66 1.88 -44.83
CA PHE B 240 3.48 1.47 -44.07
C PHE B 240 2.64 2.71 -43.82
N GLN B 241 1.34 2.60 -44.03
CA GLN B 241 0.43 3.69 -43.67
C GLN B 241 -0.32 3.21 -42.43
N ILE B 242 0.15 3.64 -41.25
CA ILE B 242 -0.59 3.32 -40.04
C ILE B 242 -1.89 4.10 -40.04
N TYR B 243 -3.01 3.41 -39.85
CA TYR B 243 -4.33 4.02 -39.73
C TYR B 243 -4.92 3.63 -38.38
N VAL B 244 -5.20 4.61 -37.54
CA VAL B 244 -5.85 4.39 -36.26
C VAL B 244 -7.25 4.97 -36.30
N ASP B 245 -8.24 4.15 -35.98
CA ASP B 245 -9.64 4.55 -36.06
C ASP B 245 -9.97 5.09 -37.44
N GLY B 246 -9.45 4.43 -38.46
CA GLY B 246 -9.80 4.79 -39.83
C GLY B 246 -9.33 6.15 -40.28
N GLU B 247 -8.38 6.76 -39.56
CA GLU B 247 -7.83 8.07 -39.91
C GLU B 247 -6.32 7.97 -39.87
N ARG B 248 -5.66 8.30 -41.00
CA ARG B 248 -4.21 8.16 -41.12
C ARG B 248 -3.49 8.89 -40.01
N PHE B 249 -2.82 8.14 -39.14
CA PHE B 249 -2.04 8.72 -38.06
C PHE B 249 -0.61 8.99 -38.49
N ALA B 250 0.08 7.96 -38.95
CA ALA B 250 1.43 8.15 -39.42
C ALA B 250 1.63 7.30 -40.67
N THR B 251 2.60 7.68 -41.47
CA THR B 251 3.17 6.82 -42.49
C THR B 251 4.61 6.53 -42.10
N TYR B 252 5.14 5.41 -42.57
CA TYR B 252 6.42 4.92 -42.10
C TYR B 252 7.14 4.30 -43.29
N ALA B 253 8.07 5.07 -43.89
CA ALA B 253 8.80 4.59 -45.06
C ALA B 253 9.50 3.28 -44.77
N HIS B 254 9.50 2.38 -45.76
CA HIS B 254 10.03 1.04 -45.54
C HIS B 254 11.53 1.04 -45.33
N ARG B 255 11.98 0.37 -44.26
CA ARG B 255 13.39 0.15 -44.02
C ARG B 255 13.85 -1.24 -44.44
N LEU B 256 12.92 -2.13 -44.76
CA LEU B 256 13.17 -3.50 -45.16
C LEU B 256 12.14 -3.86 -46.20
N ASP B 257 12.58 -4.57 -47.23
CA ASP B 257 11.78 -5.18 -48.27
C ASP B 257 10.39 -5.49 -47.71
N PRO B 258 9.36 -4.75 -48.12
CA PRO B 258 8.02 -4.96 -47.58
C PRO B 258 7.35 -6.26 -48.00
N HIS B 259 8.13 -7.19 -48.54
CA HIS B 259 7.61 -8.51 -48.85
C HIS B 259 8.04 -9.51 -47.77
N ASP B 260 7.24 -10.55 -47.62
CA ASP B 260 7.55 -11.64 -46.70
C ASP B 260 7.59 -11.18 -45.25
N ILE B 261 6.69 -10.27 -44.88
CA ILE B 261 6.50 -9.87 -43.49
C ILE B 261 5.48 -10.84 -42.91
N ASN B 262 5.98 -11.89 -42.28
CA ASN B 262 5.21 -13.08 -41.99
C ASN B 262 4.96 -13.30 -40.51
N GLY B 263 5.53 -12.48 -39.64
CA GLY B 263 5.48 -12.70 -38.21
C GLY B 263 4.78 -11.55 -37.53
N LEU B 264 4.16 -11.82 -36.40
CA LEU B 264 3.36 -10.84 -35.70
C LEU B 264 3.56 -10.99 -34.21
N GLN B 265 3.77 -9.87 -33.54
CA GLN B 265 4.00 -9.90 -32.10
C GLN B 265 3.23 -8.78 -31.42
N ILE B 266 2.50 -9.11 -30.37
CA ILE B 266 1.81 -8.11 -29.56
C ILE B 266 2.14 -8.35 -28.08
N GLY B 267 2.40 -7.28 -27.35
CA GLY B 267 2.77 -7.39 -25.95
C GLY B 267 2.39 -6.12 -25.23
N GLY B 268 2.63 -6.09 -23.91
CA GLY B 268 2.32 -4.90 -23.13
C GLY B 268 0.87 -4.84 -22.69
N ASP B 269 0.43 -3.62 -22.40
CA ASP B 269 -0.81 -3.42 -21.64
C ASP B 269 -1.97 -3.16 -22.60
N VAL B 270 -2.41 -4.24 -23.23
CA VAL B 270 -3.37 -4.14 -24.32
C VAL B 270 -4.18 -5.42 -24.33
N GLU B 271 -5.50 -5.26 -24.42
CA GLU B 271 -6.44 -6.33 -24.75
C GLU B 271 -6.64 -6.36 -26.26
N VAL B 272 -6.82 -7.55 -26.83
CA VAL B 272 -6.94 -7.68 -28.28
C VAL B 272 -8.19 -8.50 -28.62
N THR B 273 -9.15 -7.89 -29.33
CA THR B 273 -10.36 -8.62 -29.74
C THR B 273 -10.38 -9.05 -31.20
N GLY B 274 -9.48 -8.57 -32.04
CA GLY B 274 -9.59 -8.96 -33.43
C GLY B 274 -8.31 -8.79 -34.22
N ILE B 275 -7.86 -9.85 -34.89
CA ILE B 275 -6.63 -9.82 -35.65
C ILE B 275 -6.94 -10.33 -37.05
N GLN B 276 -7.03 -9.43 -38.01
CA GLN B 276 -7.48 -9.84 -39.33
C GLN B 276 -6.54 -9.30 -40.41
N MET B 277 -6.12 -10.19 -41.32
CA MET B 277 -5.47 -9.76 -42.55
C MET B 277 -6.53 -9.41 -43.60
N VAL B 278 -6.32 -8.30 -44.27
CA VAL B 278 -7.19 -7.92 -45.36
C VAL B 278 -6.33 -7.36 -46.49
N MET C 1 9.37 -40.73 -3.07
CA MET C 1 8.43 -41.75 -3.53
C MET C 1 7.44 -42.10 -2.41
N ALA C 2 6.26 -42.56 -2.84
CA ALA C 2 5.24 -43.16 -1.98
C ALA C 2 4.35 -44.03 -2.88
N THR C 3 3.28 -44.59 -2.28
CA THR C 3 2.17 -45.34 -2.88
C THR C 3 2.21 -45.48 -4.40
N GLU C 4 2.01 -46.68 -4.95
CA GLU C 4 1.89 -46.78 -6.41
C GLU C 4 0.56 -46.15 -6.80
N THR C 5 0.49 -44.85 -6.51
CA THR C 5 -0.51 -43.93 -7.03
C THR C 5 -0.35 -43.70 -8.53
N ASN C 6 0.68 -44.29 -9.12
CA ASN C 6 1.20 -43.83 -10.40
C ASN C 6 1.81 -42.44 -10.22
N TYR C 7 1.73 -41.64 -11.28
CA TYR C 7 2.08 -40.25 -11.19
C TYR C 7 3.43 -40.08 -10.51
N PRO C 8 4.52 -40.56 -11.11
CA PRO C 8 5.82 -40.48 -10.44
C PRO C 8 6.50 -39.14 -10.70
N VAL C 9 7.15 -38.59 -9.68
CA VAL C 9 7.88 -37.35 -9.89
C VAL C 9 9.33 -37.71 -10.22
N PRO C 10 9.97 -37.05 -11.21
CA PRO C 10 9.39 -35.96 -12.00
C PRO C 10 8.30 -36.42 -13.00
N TYR C 11 7.14 -35.77 -12.92
CA TYR C 11 6.00 -36.03 -13.81
C TYR C 11 5.97 -34.96 -14.90
N ARG C 12 6.36 -35.32 -16.14
CA ARG C 12 6.21 -34.44 -17.28
C ARG C 12 5.09 -34.94 -18.19
N SER C 13 4.32 -34.01 -18.76
CA SER C 13 3.20 -34.36 -19.62
C SER C 13 3.14 -33.42 -20.83
N LYS C 14 2.85 -33.97 -22.00
CA LYS C 14 2.76 -33.19 -23.24
C LYS C 14 1.30 -32.83 -23.51
N LEU C 15 1.05 -31.54 -23.76
CA LEU C 15 -0.30 -31.10 -24.11
C LEU C 15 -0.61 -31.44 -25.55
N THR C 16 -1.88 -31.76 -25.81
CA THR C 16 -2.32 -32.02 -27.19
C THR C 16 -2.21 -30.75 -28.02
N GLU C 17 -2.91 -29.72 -27.62
CA GLU C 17 -2.88 -28.42 -28.23
C GLU C 17 -2.29 -27.44 -27.23
N PRO C 18 -1.97 -26.21 -27.65
CA PRO C 18 -1.43 -25.25 -26.68
C PRO C 18 -2.53 -24.84 -25.71
N PHE C 19 -2.08 -24.33 -24.57
CA PHE C 19 -2.94 -24.11 -23.40
C PHE C 19 -3.80 -22.85 -23.61
N GLU C 20 -5.10 -23.03 -24.12
CA GLU C 20 -5.88 -21.87 -24.52
C GLU C 20 -6.61 -21.24 -23.34
N PRO C 21 -6.91 -19.93 -23.37
CA PRO C 21 -7.76 -19.32 -22.35
C PRO C 21 -8.99 -20.18 -22.07
N GLY C 22 -9.48 -20.13 -20.82
CA GLY C 22 -10.61 -20.92 -20.37
C GLY C 22 -10.31 -22.35 -19.97
N GLN C 23 -9.19 -22.90 -20.43
CA GLN C 23 -8.76 -24.21 -19.97
C GLN C 23 -8.16 -24.10 -18.56
N THR C 24 -8.18 -25.24 -17.84
CA THR C 24 -7.71 -25.32 -16.46
C THR C 24 -6.79 -26.52 -16.23
N LEU C 25 -5.73 -26.29 -15.46
CA LEU C 25 -4.83 -27.34 -14.97
C LEU C 25 -5.14 -27.63 -13.50
N ILE C 26 -5.33 -28.91 -13.17
CA ILE C 26 -5.76 -29.33 -11.82
C ILE C 26 -4.77 -30.34 -11.28
N ILE C 27 -4.07 -30.01 -10.21
CA ILE C 27 -3.09 -30.92 -9.64
C ILE C 27 -3.43 -31.15 -8.17
N LYS C 28 -3.84 -32.36 -7.84
CA LYS C 28 -4.12 -32.81 -6.49
C LYS C 28 -3.01 -33.75 -6.04
N GLY C 29 -2.70 -33.74 -4.75
CA GLY C 29 -1.66 -34.64 -4.24
C GLY C 29 -1.55 -34.59 -2.73
N LYS C 30 -0.85 -35.58 -2.20
CA LYS C 30 -0.53 -35.67 -0.77
C LYS C 30 0.90 -35.23 -0.53
N THR C 31 1.10 -34.55 0.60
CA THR C 31 2.42 -34.11 1.07
C THR C 31 2.82 -34.92 2.29
N ALA C 32 4.12 -35.15 2.44
CA ALA C 32 4.66 -35.76 3.65
C ALA C 32 4.97 -34.68 4.69
N GLU C 33 5.25 -35.10 5.92
CA GLU C 33 5.61 -34.12 6.95
C GLU C 33 7.08 -33.69 6.86
N ASP C 34 7.90 -34.39 6.10
CA ASP C 34 9.22 -33.90 5.74
C ASP C 34 9.23 -33.17 4.40
N SER C 35 8.05 -32.80 3.88
CA SER C 35 7.99 -32.07 2.62
C SER C 35 8.54 -30.67 2.79
N VAL C 36 9.25 -30.21 1.76
CA VAL C 36 9.92 -28.92 1.81
C VAL C 36 9.44 -28.05 0.66
N ARG C 37 9.64 -28.50 -0.58
CA ARG C 37 9.21 -27.77 -1.76
C ARG C 37 8.66 -28.73 -2.81
N PHE C 38 7.61 -28.28 -3.51
CA PHE C 38 7.26 -28.89 -4.77
C PHE C 38 6.92 -27.79 -5.76
N THR C 39 7.02 -28.15 -7.04
CA THR C 39 7.09 -27.22 -8.16
C THR C 39 6.06 -27.61 -9.22
N ILE C 40 5.40 -26.62 -9.81
CA ILE C 40 4.55 -26.83 -10.99
C ILE C 40 5.01 -25.87 -12.06
N ASN C 41 5.45 -26.39 -13.21
CA ASN C 41 6.03 -25.59 -14.28
C ASN C 41 5.15 -25.77 -15.51
N LEU C 42 4.61 -24.66 -16.01
CA LEU C 42 4.06 -24.62 -17.36
C LEU C 42 5.18 -24.13 -18.28
N HIS C 43 5.61 -24.97 -19.21
CA HIS C 43 6.78 -24.69 -20.02
C HIS C 43 6.57 -25.11 -21.47
N ASN C 44 7.61 -24.92 -22.28
CA ASN C 44 7.77 -25.61 -23.54
C ASN C 44 9.04 -26.43 -23.48
N THR C 45 9.54 -26.88 -24.63
CA THR C 45 10.79 -27.64 -24.65
C THR C 45 11.62 -27.38 -25.90
N SER C 46 11.32 -28.15 -26.95
CA SER C 46 12.02 -28.36 -28.23
C SER C 46 12.23 -29.86 -28.41
N ALA C 47 11.15 -30.58 -28.80
CA ALA C 47 10.98 -32.02 -28.59
C ALA C 47 10.82 -32.34 -27.08
N ASP C 48 11.92 -32.30 -26.32
CA ASP C 48 11.98 -32.17 -24.84
C ASP C 48 13.36 -31.69 -24.35
N PHE C 49 13.56 -30.37 -24.10
CA PHE C 49 14.91 -29.83 -23.86
C PHE C 49 15.41 -30.02 -22.42
N SER C 50 14.70 -29.43 -21.42
CA SER C 50 14.87 -29.56 -19.96
C SER C 50 15.45 -28.31 -19.26
N GLY C 51 15.10 -27.11 -19.73
CA GLY C 51 15.62 -25.89 -19.14
C GLY C 51 15.53 -24.70 -20.07
N ASN C 52 14.36 -24.55 -20.70
CA ASN C 52 14.11 -23.48 -21.66
C ASN C 52 12.66 -23.05 -21.54
N ASP C 53 12.43 -21.73 -21.46
CA ASP C 53 11.14 -21.06 -21.40
C ASP C 53 10.11 -21.69 -20.47
N VAL C 54 9.80 -21.04 -19.35
CA VAL C 54 8.78 -21.54 -18.46
C VAL C 54 7.78 -20.42 -18.20
N PRO C 55 6.68 -20.34 -18.94
CA PRO C 55 5.77 -19.19 -18.77
C PRO C 55 5.16 -19.07 -17.38
N LEU C 56 4.99 -20.17 -16.65
CA LEU C 56 4.50 -20.09 -15.28
C LEU C 56 5.23 -21.13 -14.45
N HIS C 57 6.13 -20.70 -13.57
CA HIS C 57 6.76 -21.57 -12.59
C HIS C 57 6.13 -21.28 -11.25
N ILE C 58 5.46 -22.27 -10.67
CA ILE C 58 4.93 -22.18 -9.31
C ILE C 58 5.79 -23.01 -8.39
N SER C 59 6.28 -22.40 -7.32
CA SER C 59 7.02 -23.12 -6.29
C SER C 59 6.38 -22.82 -4.94
N VAL C 60 5.84 -23.86 -4.30
CA VAL C 60 5.26 -23.75 -2.97
C VAL C 60 6.21 -24.44 -2.00
N ARG C 61 6.54 -23.76 -0.92
CA ARG C 61 7.66 -24.17 -0.07
C ARG C 61 7.22 -24.09 1.39
N PHE C 62 7.22 -25.23 2.06
CA PHE C 62 6.81 -25.26 3.46
C PHE C 62 7.87 -24.68 4.39
N ASP C 63 9.12 -24.57 3.91
CA ASP C 63 10.17 -23.93 4.70
C ASP C 63 9.96 -22.42 4.76
N GLU C 64 9.69 -21.77 3.62
CA GLU C 64 9.44 -20.33 3.59
C GLU C 64 7.96 -19.95 3.78
N GLY C 65 7.03 -20.92 3.79
CA GLY C 65 5.62 -20.62 4.02
C GLY C 65 4.97 -19.77 2.96
N LYS C 66 5.61 -19.62 1.81
CA LYS C 66 5.13 -18.75 0.75
C LYS C 66 5.05 -19.55 -0.54
N ILE C 67 4.12 -19.18 -1.41
CA ILE C 67 4.01 -19.74 -2.75
C ILE C 67 4.62 -18.74 -3.73
N VAL C 68 5.71 -19.14 -4.36
CA VAL C 68 6.46 -18.29 -5.29
C VAL C 68 5.95 -18.47 -6.71
N PHE C 69 5.72 -17.37 -7.42
CA PHE C 69 5.34 -17.40 -8.83
C PHE C 69 6.36 -16.65 -9.66
N ASN C 70 6.84 -17.24 -10.74
CA ASN C 70 7.95 -16.68 -11.49
C ASN C 70 7.87 -17.14 -12.96
N THR C 71 8.86 -16.73 -13.75
CA THR C 71 8.87 -17.03 -15.18
C THR C 71 10.30 -17.08 -15.71
N PHE C 72 10.71 -18.26 -16.15
CA PHE C 72 12.03 -18.46 -16.74
C PHE C 72 11.93 -18.22 -18.24
N SER C 73 12.63 -17.19 -18.73
CA SER C 73 12.64 -16.81 -20.14
C SER C 73 14.02 -16.28 -20.48
N LYS C 74 14.40 -16.43 -21.75
CA LYS C 74 15.70 -15.96 -22.23
C LYS C 74 16.86 -16.42 -21.34
N GLY C 75 16.72 -17.53 -20.61
CA GLY C 75 17.79 -18.01 -19.77
C GLY C 75 17.68 -17.71 -18.28
N GLU C 76 16.83 -16.77 -17.85
CA GLU C 76 16.77 -16.38 -16.44
C GLU C 76 15.33 -16.26 -15.94
N PHE C 77 15.19 -16.03 -14.63
CA PHE C 77 13.93 -15.72 -13.97
C PHE C 77 13.70 -14.21 -13.91
N GLY C 78 12.75 -13.78 -13.09
CA GLY C 78 12.48 -12.37 -12.91
C GLY C 78 11.97 -12.07 -11.52
N LYS C 79 11.51 -10.83 -11.28
CA LYS C 79 10.95 -10.47 -9.99
C LYS C 79 9.89 -11.48 -9.59
N GLU C 80 10.13 -12.22 -8.50
CA GLU C 80 9.13 -13.19 -8.08
C GLU C 80 7.96 -12.47 -7.42
N GLU C 81 6.76 -12.88 -7.80
CA GLU C 81 5.54 -12.54 -7.09
C GLU C 81 5.35 -13.57 -6.00
N ARG C 82 4.93 -13.13 -4.81
CA ARG C 82 4.82 -14.01 -3.67
C ARG C 82 3.44 -13.89 -3.06
N LYS C 83 3.10 -14.94 -2.32
CA LYS C 83 1.79 -15.14 -1.71
C LYS C 83 1.97 -16.15 -0.57
N SER C 84 1.12 -16.05 0.44
CA SER C 84 1.30 -16.89 1.63
C SER C 84 0.79 -18.30 1.35
N ASN C 85 1.60 -19.31 1.71
CA ASN C 85 1.25 -20.72 1.50
C ASN C 85 0.26 -21.24 2.55
N PRO C 86 -1.01 -21.47 2.17
CA PRO C 86 -2.01 -21.93 3.14
C PRO C 86 -1.80 -23.38 3.58
N TYR C 87 -0.81 -24.06 3.04
CA TYR C 87 -0.60 -25.45 3.38
C TYR C 87 0.37 -25.57 4.55
N LYS C 88 0.40 -26.78 5.11
CA LYS C 88 1.28 -27.13 6.20
C LYS C 88 1.75 -28.55 5.94
N LYS C 89 3.07 -28.78 6.00
CA LYS C 89 3.68 -30.10 5.88
C LYS C 89 2.73 -31.19 6.37
N GLY C 90 2.42 -32.17 5.52
CA GLY C 90 1.26 -33.01 5.76
C GLY C 90 0.13 -32.49 4.91
N ASP C 91 -1.12 -32.84 5.24
CA ASP C 91 -2.36 -32.63 4.46
C ASP C 91 -2.21 -32.53 2.94
N ASP C 92 -3.34 -32.29 2.27
CA ASP C 92 -3.45 -32.44 0.83
C ASP C 92 -3.47 -31.08 0.13
N ILE C 93 -3.06 -31.10 -1.15
CA ILE C 93 -2.94 -29.91 -1.96
C ILE C 93 -3.89 -30.04 -3.16
N ASP C 94 -4.50 -28.89 -3.54
CA ASP C 94 -5.46 -28.78 -4.66
C ASP C 94 -5.19 -27.47 -5.40
N ILE C 95 -4.13 -27.44 -6.21
CA ILE C 95 -3.75 -26.26 -6.96
C ILE C 95 -4.34 -26.37 -8.35
N ARG C 96 -5.03 -25.32 -8.78
CA ARG C 96 -5.75 -25.30 -10.06
C ARG C 96 -5.42 -24.01 -10.80
N ILE C 97 -4.86 -24.13 -11.99
CA ILE C 97 -4.35 -22.99 -12.75
C ILE C 97 -5.22 -22.80 -13.98
N ARG C 98 -5.91 -21.67 -14.06
CA ARG C 98 -6.75 -21.34 -15.20
C ARG C 98 -6.11 -20.23 -16.05
N ALA C 99 -5.96 -20.52 -17.36
CA ALA C 99 -5.43 -19.56 -18.31
C ALA C 99 -6.53 -18.61 -18.81
N HIS C 100 -6.13 -17.37 -19.08
CA HIS C 100 -6.94 -16.31 -19.63
C HIS C 100 -6.07 -15.49 -20.57
N ASP C 101 -6.66 -14.48 -21.22
CA ASP C 101 -5.89 -13.65 -22.15
C ASP C 101 -4.79 -12.88 -21.42
N SER C 102 -5.11 -12.29 -20.27
CA SER C 102 -4.20 -11.37 -19.61
C SER C 102 -3.36 -12.01 -18.52
N LYS C 103 -3.81 -13.13 -17.97
CA LYS C 103 -3.32 -13.53 -16.67
C LYS C 103 -3.45 -15.04 -16.55
N PHE C 104 -2.78 -15.58 -15.53
CA PHE C 104 -3.07 -16.90 -14.99
C PHE C 104 -3.82 -16.73 -13.68
N SER C 105 -4.77 -17.62 -13.42
CA SER C 105 -5.51 -17.61 -12.16
C SER C 105 -5.17 -18.91 -11.42
N ILE C 106 -4.44 -18.78 -10.32
CA ILE C 106 -4.06 -19.90 -9.50
C ILE C 106 -5.02 -19.96 -8.32
N SER C 107 -5.45 -21.17 -7.96
CA SER C 107 -6.40 -21.30 -6.87
C SER C 107 -5.98 -22.45 -5.99
N VAL C 108 -6.17 -22.28 -4.68
CA VAL C 108 -5.73 -23.27 -3.72
C VAL C 108 -6.96 -23.77 -2.98
N ASP C 109 -7.15 -25.10 -3.02
CA ASP C 109 -8.32 -25.74 -2.42
C ASP C 109 -9.59 -25.03 -2.83
N GLN C 110 -9.71 -24.82 -4.14
CA GLN C 110 -10.90 -24.26 -4.75
C GLN C 110 -11.14 -22.82 -4.30
N LYS C 111 -10.07 -22.07 -4.14
CA LYS C 111 -10.18 -20.68 -3.70
C LYS C 111 -9.02 -19.92 -4.31
N GLU C 112 -9.32 -18.98 -5.21
CA GLU C 112 -8.25 -18.30 -5.93
C GLU C 112 -7.42 -17.48 -4.97
N VAL C 113 -6.11 -17.50 -5.19
CA VAL C 113 -5.16 -16.86 -4.28
C VAL C 113 -4.13 -16.08 -5.08
N LYS C 114 -4.23 -16.10 -6.41
CA LYS C 114 -3.19 -15.45 -7.22
C LYS C 114 -3.68 -15.23 -8.65
N GLU C 115 -3.59 -13.98 -9.09
CA GLU C 115 -3.66 -13.62 -10.48
C GLU C 115 -2.24 -13.30 -10.89
N TYR C 116 -1.79 -13.93 -11.97
CA TYR C 116 -0.44 -13.75 -12.49
C TYR C 116 -0.55 -13.28 -13.93
N GLU C 117 -0.19 -12.01 -14.16
CA GLU C 117 -0.26 -11.44 -15.50
C GLU C 117 0.75 -12.10 -16.42
N HIS C 118 0.36 -12.41 -17.65
CA HIS C 118 1.25 -13.09 -18.59
C HIS C 118 2.52 -12.28 -18.84
N ARG C 119 3.66 -12.95 -18.83
CA ARG C 119 4.95 -12.29 -19.08
C ARG C 119 5.62 -12.72 -20.38
N VAL C 120 5.31 -13.92 -20.85
CA VAL C 120 5.69 -14.43 -22.17
C VAL C 120 4.45 -15.08 -22.77
N PRO C 121 4.42 -15.31 -24.08
CA PRO C 121 3.20 -15.88 -24.67
C PRO C 121 2.67 -17.16 -23.99
N LEU C 122 1.45 -17.06 -23.50
CA LEU C 122 0.71 -18.24 -23.08
C LEU C 122 0.76 -19.33 -24.13
N SER C 123 0.95 -18.93 -25.39
CA SER C 123 1.02 -19.85 -26.51
C SER C 123 2.17 -20.85 -26.41
N SER C 124 3.16 -20.57 -25.56
CA SER C 124 4.35 -21.41 -25.47
C SER C 124 4.25 -22.50 -24.41
N VAL C 125 3.22 -22.51 -23.56
CA VAL C 125 2.99 -23.68 -22.72
C VAL C 125 2.53 -24.82 -23.61
N THR C 126 3.45 -25.74 -23.87
CA THR C 126 3.19 -26.96 -24.62
C THR C 126 3.37 -28.22 -23.77
N HIS C 127 3.93 -28.10 -22.57
CA HIS C 127 4.08 -29.17 -21.59
C HIS C 127 3.76 -28.64 -20.20
N PHE C 128 3.76 -29.54 -19.21
CA PHE C 128 3.79 -29.16 -17.82
C PHE C 128 4.44 -30.29 -17.03
N SER C 129 5.28 -29.92 -16.07
CA SER C 129 5.84 -30.88 -15.13
C SER C 129 5.44 -30.50 -13.71
N VAL C 130 5.51 -31.51 -12.83
CA VAL C 130 5.34 -31.37 -11.38
C VAL C 130 6.44 -32.16 -10.69
N ASP C 131 7.27 -31.48 -9.91
CA ASP C 131 8.43 -32.08 -9.25
C ASP C 131 8.43 -31.71 -7.77
N GLY C 132 9.17 -32.49 -6.97
CA GLY C 132 9.53 -32.13 -5.61
C GLY C 132 8.83 -32.97 -4.54
N ASP C 133 8.91 -32.49 -3.30
CA ASP C 133 8.50 -33.29 -2.17
C ASP C 133 6.99 -33.37 -2.13
N ILE C 134 6.40 -33.99 -3.15
CA ILE C 134 4.96 -34.13 -3.29
C ILE C 134 4.65 -35.49 -3.90
N LEU C 135 3.51 -36.05 -3.52
CA LEU C 135 2.97 -37.26 -4.13
C LEU C 135 1.72 -36.86 -4.92
N ILE C 136 1.73 -37.12 -6.24
CA ILE C 136 0.58 -36.70 -7.04
C ILE C 136 -0.47 -37.78 -7.04
N THR C 137 -1.73 -37.36 -6.84
CA THR C 137 -2.88 -38.25 -6.74
C THR C 137 -3.87 -38.05 -7.89
N TYR C 138 -3.78 -36.93 -8.60
CA TYR C 138 -4.78 -36.47 -9.56
C TYR C 138 -4.22 -35.31 -10.38
N ILE C 139 -4.12 -35.46 -11.70
CA ILE C 139 -3.73 -34.35 -12.57
C ILE C 139 -4.56 -34.42 -13.86
N HIS C 140 -5.45 -33.44 -14.04
CA HIS C 140 -6.33 -33.36 -15.20
C HIS C 140 -6.29 -31.94 -15.76
N TRP C 141 -6.40 -31.84 -17.09
CA TRP C 141 -6.57 -30.54 -17.71
C TRP C 141 -7.70 -30.56 -18.74
N GLY C 142 -8.15 -29.37 -19.08
CA GLY C 142 -9.15 -29.25 -20.10
C GLY C 142 -10.13 -28.12 -19.84
N GLY C 143 -11.30 -28.25 -20.43
CA GLY C 143 -12.34 -27.28 -20.23
C GLY C 143 -12.11 -26.09 -21.11
N LYS C 144 -13.03 -25.15 -20.99
CA LYS C 144 -13.12 -23.97 -21.84
C LYS C 144 -13.93 -22.92 -21.09
N TYR C 145 -14.23 -21.82 -21.77
CA TYR C 145 -15.26 -20.91 -21.26
C TYR C 145 -16.64 -21.50 -21.58
N TYR C 146 -17.36 -21.87 -20.51
CA TYR C 146 -18.71 -22.40 -20.64
C TYR C 146 -19.71 -21.29 -20.36
N PRO C 147 -20.49 -20.85 -21.34
CA PRO C 147 -21.56 -19.87 -21.07
C PRO C 147 -22.65 -20.45 -20.17
N VAL C 148 -23.05 -19.68 -19.17
CA VAL C 148 -24.23 -19.98 -18.36
C VAL C 148 -25.24 -18.86 -18.58
N PRO C 149 -26.52 -19.16 -18.89
CA PRO C 149 -27.14 -20.49 -18.98
C PRO C 149 -26.53 -21.36 -20.07
N TYR C 150 -26.32 -22.61 -19.71
CA TYR C 150 -25.75 -23.59 -20.58
C TYR C 150 -26.82 -24.53 -21.08
N GLU C 151 -26.69 -24.92 -22.34
CA GLU C 151 -27.47 -26.00 -22.93
C GLU C 151 -26.57 -26.67 -23.95
N SER C 152 -26.66 -28.00 -24.02
CA SER C 152 -25.93 -28.73 -25.04
C SER C 152 -26.42 -30.16 -25.01
N GLY C 153 -26.32 -30.81 -26.17
CA GLY C 153 -26.45 -32.25 -26.19
C GLY C 153 -25.32 -32.90 -25.42
N LEU C 154 -25.56 -34.14 -25.01
CA LEU C 154 -24.52 -34.97 -24.42
C LEU C 154 -24.11 -36.04 -25.41
N ALA C 155 -22.78 -36.23 -25.57
CA ALA C 155 -22.15 -37.29 -26.35
C ALA C 155 -23.01 -37.75 -27.52
N GLY C 156 -23.23 -39.06 -27.64
CA GLY C 156 -24.19 -39.60 -28.58
C GLY C 156 -25.00 -40.63 -27.84
N ASP C 157 -24.29 -41.61 -27.31
CA ASP C 157 -24.81 -42.57 -26.36
C ASP C 157 -25.57 -41.88 -25.24
N GLY C 158 -25.09 -40.72 -24.81
CA GLY C 158 -25.65 -40.02 -23.68
C GLY C 158 -25.22 -40.63 -22.35
N LEU C 159 -25.62 -39.95 -21.28
CA LEU C 159 -25.44 -40.48 -19.93
C LEU C 159 -26.35 -41.69 -19.72
N ALA C 160 -25.76 -42.86 -19.61
CA ALA C 160 -26.46 -44.10 -19.29
C ALA C 160 -25.76 -44.77 -18.12
N PRO C 161 -26.37 -45.83 -17.54
CA PRO C 161 -25.73 -46.51 -16.41
C PRO C 161 -24.31 -46.88 -16.72
N GLY C 162 -23.44 -46.75 -15.71
CA GLY C 162 -22.04 -46.98 -15.93
C GLY C 162 -21.29 -45.76 -16.44
N LYS C 163 -21.93 -44.61 -16.49
CA LYS C 163 -21.27 -43.36 -16.89
C LYS C 163 -21.49 -42.28 -15.82
N SER C 164 -20.66 -41.25 -15.86
CA SER C 164 -20.79 -40.16 -14.90
C SER C 164 -20.58 -38.83 -15.61
N LEU C 165 -21.51 -37.89 -15.38
CA LEU C 165 -21.34 -36.52 -15.83
C LEU C 165 -20.55 -35.80 -14.75
N LEU C 166 -19.41 -35.27 -15.12
CA LEU C 166 -18.44 -34.76 -14.15
C LEU C 166 -18.26 -33.27 -14.42
N ILE C 167 -18.73 -32.42 -13.50
CA ILE C 167 -18.82 -30.97 -13.72
C ILE C 167 -18.02 -30.23 -12.68
N PHE C 168 -17.17 -29.30 -13.13
CA PHE C 168 -16.39 -28.40 -12.28
C PHE C 168 -16.98 -27.00 -12.41
N ALA C 169 -17.61 -26.52 -11.35
CA ALA C 169 -18.31 -25.23 -11.36
C ALA C 169 -18.07 -24.46 -10.06
N THR C 170 -18.37 -23.17 -10.09
CA THR C 170 -18.17 -22.30 -8.92
C THR C 170 -19.41 -21.46 -8.68
N PRO C 171 -20.15 -21.70 -7.60
CA PRO C 171 -21.32 -20.86 -7.30
C PRO C 171 -20.90 -19.42 -7.01
N GLU C 172 -21.53 -18.47 -7.71
CA GLU C 172 -21.02 -17.10 -7.67
C GLU C 172 -21.22 -16.50 -6.28
N LYS C 173 -20.40 -15.47 -5.98
CA LYS C 173 -20.28 -15.04 -4.59
C LYS C 173 -21.54 -14.33 -4.11
N LYS C 174 -22.23 -13.56 -4.95
CA LYS C 174 -23.44 -12.89 -4.52
C LYS C 174 -24.70 -13.59 -5.03
N GLY C 175 -24.62 -14.90 -5.20
CA GLY C 175 -25.68 -15.70 -5.82
C GLY C 175 -26.53 -16.46 -4.83
N LYS C 176 -27.83 -16.50 -5.08
CA LYS C 176 -28.74 -17.17 -4.16
C LYS C 176 -28.94 -18.64 -4.49
N ARG C 177 -28.87 -19.04 -5.77
CA ARG C 177 -29.07 -20.43 -6.13
C ARG C 177 -28.73 -20.68 -7.59
N PHE C 178 -28.50 -21.95 -7.93
CA PHE C 178 -28.30 -22.38 -9.31
C PHE C 178 -28.87 -23.78 -9.49
N HIS C 179 -28.98 -24.21 -10.76
CA HIS C 179 -29.44 -25.56 -11.00
C HIS C 179 -28.63 -26.21 -12.11
N ILE C 180 -28.79 -27.53 -12.19
CA ILE C 180 -28.30 -28.39 -13.26
C ILE C 180 -29.44 -29.34 -13.62
N ASN C 181 -29.58 -29.68 -14.91
CA ASN C 181 -30.62 -30.59 -15.37
C ASN C 181 -30.03 -31.65 -16.29
N LEU C 182 -30.16 -32.92 -15.90
CA LEU C 182 -29.91 -34.01 -16.83
C LEU C 182 -31.20 -34.31 -17.59
N LEU C 183 -31.14 -34.31 -18.91
CA LEU C 183 -32.37 -34.35 -19.71
C LEU C 183 -32.50 -35.62 -20.54
N LYS C 184 -33.75 -35.97 -20.81
CA LYS C 184 -34.11 -37.10 -21.64
C LYS C 184 -34.56 -36.56 -22.99
N LYS C 185 -34.42 -37.39 -24.03
CA LYS C 185 -34.73 -36.89 -25.37
C LYS C 185 -36.15 -36.35 -25.46
N ASN C 186 -37.10 -37.00 -24.80
CA ASN C 186 -38.49 -36.54 -24.90
C ASN C 186 -38.68 -35.15 -24.30
N GLY C 187 -37.75 -34.69 -23.45
CA GLY C 187 -37.86 -33.41 -22.77
C GLY C 187 -37.92 -33.52 -21.26
N ASP C 188 -38.40 -34.65 -20.73
CA ASP C 188 -38.46 -34.85 -19.28
C ASP C 188 -37.08 -34.57 -18.69
N ILE C 189 -37.05 -34.14 -17.42
CA ILE C 189 -35.80 -34.00 -16.68
C ILE C 189 -35.57 -35.28 -15.89
N ALA C 190 -34.52 -36.04 -16.25
CA ALA C 190 -34.11 -37.19 -15.44
C ALA C 190 -33.71 -36.76 -14.03
N LEU C 191 -32.91 -35.70 -13.90
CA LEU C 191 -32.58 -35.21 -12.57
C LEU C 191 -32.39 -33.70 -12.57
N HIS C 192 -33.11 -33.05 -11.66
CA HIS C 192 -33.03 -31.61 -11.42
C HIS C 192 -32.27 -31.40 -10.11
N PHE C 193 -31.09 -30.81 -10.21
CA PHE C 193 -30.15 -30.64 -9.10
C PHE C 193 -30.12 -29.15 -8.82
N ASN C 194 -30.67 -28.74 -7.68
CA ASN C 194 -30.99 -27.34 -7.42
C ASN C 194 -30.41 -26.89 -6.08
N PRO C 195 -29.11 -26.68 -5.99
CA PRO C 195 -28.57 -26.05 -4.78
C PRO C 195 -29.20 -24.68 -4.61
N ARG C 196 -29.90 -24.50 -3.49
CA ARG C 196 -30.35 -23.18 -3.06
C ARG C 196 -29.57 -22.79 -1.81
N PHE C 197 -28.89 -21.64 -1.87
CA PHE C 197 -28.16 -21.18 -0.69
C PHE C 197 -29.09 -20.52 0.32
N ASP C 198 -30.14 -19.85 -0.15
CA ASP C 198 -31.12 -19.26 0.74
C ASP C 198 -31.75 -20.32 1.63
N GLU C 199 -32.26 -21.39 1.02
CA GLU C 199 -32.90 -22.47 1.75
C GLU C 199 -31.91 -23.45 2.37
N LYS C 200 -30.61 -23.18 2.26
CA LYS C 200 -29.55 -23.97 2.89
C LYS C 200 -29.60 -25.45 2.49
N ALA C 201 -30.27 -25.78 1.38
CA ALA C 201 -30.45 -27.16 0.93
C ALA C 201 -29.97 -27.33 -0.51
N ILE C 202 -29.92 -28.59 -0.95
CA ILE C 202 -29.72 -28.95 -2.35
C ILE C 202 -30.94 -29.76 -2.76
N VAL C 203 -31.90 -29.12 -3.39
CA VAL C 203 -33.12 -29.81 -3.77
C VAL C 203 -32.84 -30.72 -4.96
N ARG C 204 -33.36 -31.94 -4.90
CA ARG C 204 -33.30 -32.85 -6.05
C ARG C 204 -34.71 -33.31 -6.46
N ASN C 205 -34.93 -33.48 -7.76
CA ASN C 205 -36.28 -33.76 -8.24
C ASN C 205 -36.25 -34.12 -9.73
N SER C 206 -37.37 -34.65 -10.19
CA SER C 206 -37.55 -35.00 -11.59
C SER C 206 -38.75 -34.25 -12.17
N LEU C 207 -38.71 -34.03 -13.48
CA LEU C 207 -39.77 -33.35 -14.20
C LEU C 207 -40.28 -34.28 -15.28
N ILE C 208 -41.50 -34.78 -15.11
CA ILE C 208 -42.05 -35.80 -15.99
C ILE C 208 -43.34 -35.26 -16.58
N SER C 209 -43.36 -35.08 -17.90
CA SER C 209 -44.52 -34.56 -18.63
C SER C 209 -45.02 -33.24 -18.03
N GLY C 210 -44.07 -32.32 -17.79
CA GLY C 210 -44.34 -30.97 -17.34
C GLY C 210 -44.53 -30.80 -15.85
N GLU C 211 -44.68 -31.89 -15.12
CA GLU C 211 -45.01 -31.83 -13.70
C GLU C 211 -43.83 -32.31 -12.86
N PHE C 212 -43.49 -31.54 -11.83
CA PHE C 212 -42.40 -31.95 -10.96
C PHE C 212 -42.86 -33.03 -9.99
N GLY C 213 -41.90 -33.78 -9.48
CA GLY C 213 -42.18 -34.89 -8.60
C GLY C 213 -42.14 -34.47 -7.15
N ASN C 214 -41.63 -35.34 -6.27
CA ASN C 214 -41.81 -35.15 -4.84
C ASN C 214 -40.95 -34.01 -4.29
N GLU C 215 -39.67 -33.95 -4.70
CA GLU C 215 -38.64 -33.02 -4.20
C GLU C 215 -37.90 -33.57 -2.98
N GLU C 216 -36.64 -33.96 -3.18
CA GLU C 216 -35.82 -34.57 -2.13
C GLU C 216 -34.80 -33.53 -1.65
N ARG C 217 -34.64 -33.40 -0.33
CA ARG C 217 -33.85 -32.28 0.15
C ARG C 217 -32.71 -32.65 1.09
N GLU C 218 -32.66 -33.91 1.58
CA GLU C 218 -31.68 -34.31 2.61
C GLU C 218 -30.22 -34.04 2.26
N GLY C 219 -29.52 -33.44 3.21
CA GLY C 219 -28.12 -33.19 2.98
C GLY C 219 -27.90 -31.72 3.19
N LYS C 220 -27.31 -31.46 4.34
CA LYS C 220 -26.55 -30.26 4.55
C LYS C 220 -25.85 -29.87 3.26
N ASN C 221 -26.20 -28.67 2.73
CA ASN C 221 -25.57 -28.13 1.54
C ASN C 221 -24.06 -27.95 1.72
N PRO C 222 -23.23 -28.77 1.07
CA PRO C 222 -21.78 -28.67 1.26
C PRO C 222 -21.13 -27.60 0.42
N LEU C 223 -21.84 -27.04 -0.55
CA LEU C 223 -21.33 -25.96 -1.39
C LEU C 223 -21.11 -24.71 -0.56
N GLU C 224 -20.40 -23.75 -1.15
CA GLU C 224 -20.04 -22.52 -0.46
C GLU C 224 -19.72 -21.45 -1.51
N LYS C 225 -20.67 -20.52 -1.71
CA LYS C 225 -20.51 -19.28 -2.49
C LYS C 225 -19.06 -18.83 -2.68
N GLY C 226 -18.65 -18.58 -3.92
CA GLY C 226 -17.32 -18.10 -4.24
C GLY C 226 -16.23 -19.14 -4.24
N ILE C 227 -16.49 -20.33 -3.72
CA ILE C 227 -15.54 -21.44 -3.67
C ILE C 227 -15.99 -22.47 -4.69
N GLY C 228 -15.03 -23.07 -5.43
CA GLY C 228 -15.34 -24.01 -6.48
C GLY C 228 -15.51 -25.45 -5.98
N CYS C 229 -16.22 -26.27 -6.77
CA CYS C 229 -16.64 -27.58 -6.30
C CYS C 229 -16.74 -28.56 -7.46
N ASP C 230 -16.55 -29.84 -7.14
CA ASP C 230 -16.54 -30.89 -8.15
C ASP C 230 -17.81 -31.72 -8.02
N LEU C 231 -18.82 -31.36 -8.81
CA LEU C 231 -20.04 -32.13 -8.89
C LEU C 231 -19.85 -33.33 -9.80
N GLU C 232 -20.36 -34.46 -9.37
CA GLU C 232 -20.24 -35.67 -10.14
C GLU C 232 -21.57 -36.38 -10.07
N PHE C 233 -22.13 -36.68 -11.23
CA PHE C 233 -23.43 -37.33 -11.33
C PHE C 233 -23.16 -38.73 -11.86
N ARG C 234 -23.16 -39.69 -10.97
CA ARG C 234 -22.68 -41.03 -11.25
C ARG C 234 -23.91 -41.89 -11.53
N ASN C 235 -24.18 -42.14 -12.81
CA ASN C 235 -25.33 -42.95 -13.20
C ASN C 235 -25.13 -44.43 -12.93
N GLU C 236 -25.49 -44.91 -11.72
CA GLU C 236 -25.47 -46.34 -11.43
C GLU C 236 -26.74 -46.96 -12.01
N GLU C 237 -26.98 -48.25 -11.77
CA GLU C 237 -28.12 -48.88 -12.40
C GLU C 237 -29.45 -48.53 -11.72
N TYR C 238 -29.44 -48.38 -10.39
CA TYR C 238 -30.66 -48.18 -9.62
C TYR C 238 -30.90 -46.74 -9.17
N ALA C 239 -29.84 -45.94 -9.03
CA ALA C 239 -30.00 -44.55 -8.64
C ALA C 239 -28.92 -43.71 -9.31
N PHE C 240 -29.15 -42.41 -9.37
CA PHE C 240 -28.00 -41.53 -9.50
C PHE C 240 -27.26 -41.52 -8.17
N GLN C 241 -25.96 -41.30 -8.24
CA GLN C 241 -25.17 -41.01 -7.05
C GLN C 241 -24.54 -39.65 -7.27
N ILE C 242 -24.86 -38.72 -6.40
CA ILE C 242 -24.40 -37.36 -6.53
C ILE C 242 -23.21 -37.17 -5.62
N TYR C 243 -22.08 -36.80 -6.21
CA TYR C 243 -20.84 -36.62 -5.47
C TYR C 243 -20.46 -35.14 -5.49
N VAL C 244 -20.24 -34.57 -4.32
CA VAL C 244 -19.80 -33.18 -4.25
C VAL C 244 -18.46 -33.13 -3.53
N ASP C 245 -17.44 -32.70 -4.25
CA ASP C 245 -16.14 -32.43 -3.66
C ASP C 245 -15.52 -33.70 -3.10
N GLY C 246 -15.65 -34.80 -3.85
CA GLY C 246 -15.03 -36.05 -3.45
C GLY C 246 -15.93 -37.04 -2.75
N GLU C 247 -16.83 -36.58 -1.88
CA GLU C 247 -17.65 -37.49 -1.09
C GLU C 247 -19.11 -37.53 -1.56
N ARG C 248 -19.77 -38.65 -1.28
CA ARG C 248 -21.10 -38.91 -1.81
C ARG C 248 -22.08 -38.01 -1.08
N PHE C 249 -22.59 -37.00 -1.77
CA PHE C 249 -23.53 -36.10 -1.11
C PHE C 249 -24.88 -36.77 -0.93
N ALA C 250 -25.50 -37.22 -2.03
CA ALA C 250 -26.83 -37.80 -1.95
C ALA C 250 -26.99 -38.89 -3.01
N THR C 251 -28.13 -39.57 -2.94
CA THR C 251 -28.48 -40.65 -3.84
C THR C 251 -29.90 -40.40 -4.34
N TYR C 252 -30.11 -40.54 -5.65
CA TYR C 252 -31.41 -40.22 -6.26
C TYR C 252 -31.93 -41.40 -7.08
N ALA C 253 -32.79 -42.20 -6.44
CA ALA C 253 -33.42 -43.34 -7.09
C ALA C 253 -34.09 -42.91 -8.38
N HIS C 254 -33.75 -43.60 -9.46
CA HIS C 254 -34.27 -43.28 -10.78
C HIS C 254 -35.78 -43.21 -10.74
N ARG C 255 -36.32 -42.10 -11.27
CA ARG C 255 -37.74 -41.96 -11.56
C ARG C 255 -38.02 -42.09 -13.04
N LEU C 256 -36.97 -42.17 -13.85
CA LEU C 256 -37.08 -42.43 -15.28
C LEU C 256 -35.96 -43.37 -15.65
N ASP C 257 -36.23 -44.22 -16.66
CA ASP C 257 -35.27 -45.14 -17.25
C ASP C 257 -33.99 -44.37 -17.56
N PRO C 258 -32.90 -44.64 -16.84
CA PRO C 258 -31.72 -43.79 -16.96
C PRO C 258 -31.02 -43.95 -18.28
N HIS C 259 -31.54 -44.83 -19.12
CA HIS C 259 -30.98 -44.98 -20.44
C HIS C 259 -31.39 -43.79 -21.30
N ASP C 260 -30.44 -43.34 -22.14
CA ASP C 260 -30.70 -42.30 -23.15
C ASP C 260 -30.95 -40.93 -22.52
N ILE C 261 -30.16 -40.58 -21.50
CA ILE C 261 -30.17 -39.23 -20.93
C ILE C 261 -29.10 -38.44 -21.66
N ASN C 262 -29.52 -37.65 -22.66
CA ASN C 262 -28.56 -37.05 -23.60
C ASN C 262 -28.62 -35.53 -23.62
N GLY C 263 -29.11 -34.91 -22.56
CA GLY C 263 -29.27 -33.46 -22.54
C GLY C 263 -28.81 -32.89 -21.22
N LEU C 264 -28.08 -31.78 -21.29
CA LEU C 264 -27.56 -31.09 -20.11
C LEU C 264 -27.99 -29.63 -20.13
N GLN C 265 -28.37 -29.14 -18.96
CA GLN C 265 -28.73 -27.75 -18.76
C GLN C 265 -28.14 -27.22 -17.47
N ILE C 266 -27.57 -26.01 -17.51
CA ILE C 266 -27.14 -25.34 -16.29
C ILE C 266 -27.66 -23.91 -16.30
N GLY C 267 -28.32 -23.52 -15.21
CA GLY C 267 -28.75 -22.16 -15.02
C GLY C 267 -28.39 -21.68 -13.63
N GLY C 268 -28.54 -20.37 -13.44
CA GLY C 268 -28.44 -19.79 -12.11
C GLY C 268 -27.14 -19.07 -11.88
N ASP C 269 -26.93 -18.75 -10.60
CA ASP C 269 -25.79 -17.92 -10.15
C ASP C 269 -24.55 -18.80 -10.02
N VAL C 270 -23.94 -19.13 -11.16
CA VAL C 270 -22.91 -20.16 -11.20
C VAL C 270 -22.06 -19.98 -12.47
N GLU C 271 -20.77 -20.16 -12.33
CA GLU C 271 -19.85 -20.21 -13.47
C GLU C 271 -19.20 -21.58 -13.57
N VAL C 272 -19.17 -22.12 -14.80
CA VAL C 272 -18.83 -23.52 -15.06
C VAL C 272 -17.51 -23.60 -15.85
N THR C 273 -16.53 -24.31 -15.29
CA THR C 273 -15.20 -24.40 -15.91
C THR C 273 -14.90 -25.75 -16.55
N GLY C 274 -15.57 -26.83 -16.13
CA GLY C 274 -15.32 -28.10 -16.79
C GLY C 274 -16.51 -29.02 -16.85
N ILE C 275 -16.92 -29.42 -18.06
CA ILE C 275 -17.91 -30.48 -18.26
C ILE C 275 -17.20 -31.64 -18.94
N GLN C 276 -17.41 -32.86 -18.44
CA GLN C 276 -16.82 -34.03 -19.09
C GLN C 276 -17.59 -35.29 -18.76
N MET C 277 -18.00 -35.99 -19.81
CA MET C 277 -18.60 -37.30 -19.68
C MET C 277 -17.55 -38.35 -19.39
N VAL C 278 -17.88 -39.30 -18.53
CA VAL C 278 -16.92 -40.33 -18.17
C VAL C 278 -17.65 -41.70 -18.12
N MET D 1 -49.28 -2.53 -38.23
CA MET D 1 -48.58 -1.97 -37.09
C MET D 1 -48.16 -0.50 -37.44
N ALA D 2 -46.87 -0.14 -37.30
CA ALA D 2 -46.26 1.11 -37.79
C ALA D 2 -44.87 1.25 -37.18
N THR D 3 -43.94 2.01 -37.83
CA THR D 3 -42.50 2.21 -37.57
C THR D 3 -41.86 1.08 -36.74
N GLU D 4 -40.54 0.91 -36.66
CA GLU D 4 -40.17 -0.06 -35.62
C GLU D 4 -39.52 0.64 -34.42
N THR D 5 -40.38 1.49 -33.87
CA THR D 5 -40.52 1.90 -32.47
C THR D 5 -40.72 0.70 -31.53
N ASN D 6 -40.06 -0.44 -31.84
CA ASN D 6 -40.36 -1.81 -31.39
C ASN D 6 -41.60 -1.90 -30.51
N TYR D 7 -41.50 -2.62 -29.38
CA TYR D 7 -42.69 -2.95 -28.60
C TYR D 7 -43.77 -3.49 -29.54
N PRO D 8 -43.70 -4.77 -29.91
CA PRO D 8 -44.71 -5.33 -30.82
C PRO D 8 -45.99 -5.64 -30.06
N VAL D 9 -47.09 -5.01 -30.47
CA VAL D 9 -48.39 -5.34 -29.86
C VAL D 9 -48.93 -6.60 -30.52
N PRO D 10 -49.43 -7.59 -29.74
CA PRO D 10 -49.56 -7.55 -28.28
C PRO D 10 -48.22 -7.74 -27.56
N TYR D 11 -47.99 -6.89 -26.57
CA TYR D 11 -46.73 -6.80 -25.84
C TYR D 11 -46.95 -7.38 -24.44
N ARG D 12 -46.22 -8.45 -24.13
CA ARG D 12 -46.33 -9.10 -22.82
C ARG D 12 -44.96 -9.18 -22.14
N SER D 13 -44.91 -8.74 -20.89
CA SER D 13 -43.65 -8.75 -20.14
C SER D 13 -43.81 -9.51 -18.83
N LYS D 14 -42.72 -10.10 -18.38
CA LYS D 14 -42.69 -10.85 -17.12
C LYS D 14 -41.97 -10.02 -16.06
N LEU D 15 -42.72 -9.56 -15.06
CA LEU D 15 -42.13 -8.85 -13.93
C LEU D 15 -41.14 -9.73 -13.19
N THR D 16 -39.92 -9.20 -12.98
CA THR D 16 -38.87 -10.00 -12.37
C THR D 16 -39.28 -10.49 -10.98
N GLU D 17 -39.94 -9.64 -10.21
CA GLU D 17 -40.44 -9.95 -8.87
C GLU D 17 -41.92 -9.59 -8.84
N PRO D 18 -42.68 -9.92 -7.80
CA PRO D 18 -44.09 -9.53 -7.82
C PRO D 18 -44.20 -8.02 -7.70
N PHE D 19 -45.30 -7.50 -8.22
CA PHE D 19 -45.53 -6.08 -8.24
C PHE D 19 -45.85 -5.64 -6.81
N GLU D 20 -45.05 -4.70 -6.27
CA GLU D 20 -45.14 -4.35 -4.86
C GLU D 20 -45.53 -2.89 -4.67
N PRO D 21 -46.17 -2.55 -3.55
CA PRO D 21 -46.59 -1.16 -3.33
C PRO D 21 -45.41 -0.19 -3.35
N GLY D 22 -45.62 0.95 -4.00
CA GLY D 22 -44.59 1.92 -4.30
C GLY D 22 -44.12 1.86 -5.73
N GLN D 23 -44.22 0.70 -6.35
CA GLN D 23 -43.79 0.51 -7.72
C GLN D 23 -44.80 1.13 -8.70
N THR D 24 -44.37 1.30 -9.93
CA THR D 24 -45.13 2.09 -10.90
C THR D 24 -44.90 1.56 -12.31
N LEU D 25 -46.00 1.15 -12.96
CA LEU D 25 -45.99 0.84 -14.39
C LEU D 25 -46.25 2.11 -15.19
N ILE D 26 -45.38 2.39 -16.17
CA ILE D 26 -45.47 3.57 -17.02
C ILE D 26 -45.65 3.08 -18.45
N ILE D 27 -46.64 3.64 -19.15
CA ILE D 27 -46.93 3.22 -20.52
C ILE D 27 -47.21 4.44 -21.38
N LYS D 28 -46.22 4.84 -22.18
CA LYS D 28 -46.36 5.83 -23.23
C LYS D 28 -46.58 5.13 -24.58
N GLY D 29 -47.08 5.90 -25.55
CA GLY D 29 -47.40 5.38 -26.85
C GLY D 29 -48.39 6.25 -27.60
N LYS D 30 -48.37 6.12 -28.94
CA LYS D 30 -49.20 6.91 -29.83
C LYS D 30 -50.33 6.08 -30.43
N THR D 31 -51.43 6.77 -30.74
CA THR D 31 -52.64 6.21 -31.33
C THR D 31 -52.79 6.67 -32.77
N ALA D 32 -53.87 6.21 -33.39
CA ALA D 32 -54.25 6.56 -34.75
C ALA D 32 -55.59 7.26 -34.73
N GLU D 33 -55.92 7.98 -35.80
CA GLU D 33 -57.28 8.49 -35.88
C GLU D 33 -58.30 7.38 -36.13
N ASP D 34 -57.85 6.16 -36.47
CA ASP D 34 -58.74 5.01 -36.59
C ASP D 34 -58.54 4.03 -35.43
N SER D 35 -58.17 4.53 -34.25
CA SER D 35 -57.97 3.71 -33.07
C SER D 35 -59.27 3.61 -32.30
N VAL D 36 -59.75 2.38 -32.09
CA VAL D 36 -60.99 2.17 -31.35
C VAL D 36 -60.71 1.94 -29.87
N ARG D 37 -59.94 0.89 -29.56
CA ARG D 37 -59.71 0.47 -28.18
C ARG D 37 -58.32 -0.13 -28.06
N PHE D 38 -57.66 0.15 -26.94
CA PHE D 38 -56.51 -0.63 -26.51
C PHE D 38 -56.66 -0.95 -25.03
N THR D 39 -55.81 -1.85 -24.54
CA THR D 39 -55.91 -2.40 -23.20
C THR D 39 -54.54 -2.52 -22.56
N ILE D 40 -54.54 -2.48 -21.22
CA ILE D 40 -53.37 -2.65 -20.36
C ILE D 40 -53.79 -3.63 -19.27
N ASN D 41 -53.25 -4.84 -19.30
CA ASN D 41 -53.70 -5.91 -18.40
C ASN D 41 -52.58 -6.32 -17.46
N LEU D 42 -52.85 -6.23 -16.18
CA LEU D 42 -51.99 -6.77 -15.15
C LEU D 42 -52.54 -8.14 -14.78
N HIS D 43 -51.78 -9.20 -15.03
CA HIS D 43 -52.28 -10.59 -14.91
C HIS D 43 -51.18 -11.52 -14.39
N ASN D 44 -51.57 -12.76 -14.08
CA ASN D 44 -50.64 -13.85 -13.82
C ASN D 44 -50.75 -14.88 -14.96
N THR D 45 -50.06 -16.00 -14.81
CA THR D 45 -50.10 -17.00 -15.86
C THR D 45 -50.14 -18.40 -15.28
N SER D 46 -49.00 -19.07 -15.37
CA SER D 46 -48.67 -20.44 -14.99
C SER D 46 -47.55 -20.91 -15.93
N ALA D 47 -46.85 -19.91 -16.50
CA ALA D 47 -45.84 -19.91 -17.57
C ALA D 47 -46.28 -18.94 -18.64
N ASP D 48 -47.52 -19.11 -19.12
CA ASP D 48 -48.03 -18.48 -20.34
C ASP D 48 -49.55 -18.56 -20.49
N PHE D 49 -50.28 -18.63 -19.36
CA PHE D 49 -51.68 -19.05 -19.37
C PHE D 49 -52.51 -18.33 -20.44
N SER D 50 -52.41 -17.01 -20.51
CA SER D 50 -53.20 -16.21 -21.47
C SER D 50 -54.70 -16.44 -21.27
N GLY D 51 -55.14 -16.37 -20.02
CA GLY D 51 -56.54 -16.47 -19.71
C GLY D 51 -56.77 -17.04 -18.34
N ASN D 52 -56.39 -16.28 -17.31
CA ASN D 52 -56.55 -16.64 -15.90
C ASN D 52 -56.08 -15.48 -15.03
N ASP D 53 -56.89 -15.14 -14.01
CA ASP D 53 -56.76 -14.02 -13.08
C ASP D 53 -56.01 -12.78 -13.57
N VAL D 54 -56.77 -11.70 -13.75
CA VAL D 54 -56.26 -10.39 -14.15
C VAL D 54 -56.65 -9.38 -13.07
N PRO D 55 -55.72 -9.03 -12.18
CA PRO D 55 -56.07 -8.16 -11.05
C PRO D 55 -56.50 -6.76 -11.44
N LEU D 56 -55.87 -6.17 -12.45
CA LEU D 56 -56.30 -4.88 -12.99
C LEU D 56 -56.31 -4.96 -14.51
N HIS D 57 -57.49 -4.78 -15.10
CA HIS D 57 -57.65 -4.66 -16.55
C HIS D 57 -58.12 -3.24 -16.86
N ILE D 58 -57.28 -2.47 -17.54
CA ILE D 58 -57.66 -1.14 -18.04
C ILE D 58 -58.04 -1.28 -19.50
N SER D 59 -59.17 -0.71 -19.87
CA SER D 59 -59.58 -0.62 -21.26
C SER D 59 -59.84 0.86 -21.57
N VAL D 60 -58.96 1.46 -22.36
CA VAL D 60 -59.14 2.82 -22.87
C VAL D 60 -59.87 2.70 -24.20
N ARG D 61 -61.13 3.13 -24.25
CA ARG D 61 -61.95 2.95 -25.45
C ARG D 61 -62.32 4.28 -26.09
N PHE D 62 -61.91 4.45 -27.35
CA PHE D 62 -62.17 5.68 -28.09
C PHE D 62 -63.59 5.78 -28.62
N ASP D 63 -64.30 4.64 -28.70
CA ASP D 63 -65.70 4.64 -29.08
C ASP D 63 -66.58 5.18 -27.97
N GLU D 64 -66.66 4.46 -26.84
CA GLU D 64 -67.47 4.93 -25.73
C GLU D 64 -66.92 6.21 -25.12
N GLY D 65 -65.71 6.63 -25.48
CA GLY D 65 -65.11 7.83 -24.92
C GLY D 65 -64.84 7.70 -23.45
N LYS D 66 -64.67 6.49 -22.96
CA LYS D 66 -64.56 6.23 -21.54
C LYS D 66 -63.36 5.33 -21.32
N ILE D 67 -62.72 5.45 -20.17
CA ILE D 67 -61.79 4.42 -19.75
C ILE D 67 -62.55 3.48 -18.83
N VAL D 68 -62.31 2.18 -18.95
CA VAL D 68 -63.00 1.19 -18.15
C VAL D 68 -62.00 0.36 -17.35
N PHE D 69 -62.09 0.43 -16.05
CA PHE D 69 -61.31 -0.41 -15.19
C PHE D 69 -62.10 -1.67 -14.85
N ASN D 70 -61.38 -2.75 -14.53
CA ASN D 70 -62.06 -3.99 -14.16
C ASN D 70 -61.11 -5.06 -13.65
N THR D 71 -61.68 -6.21 -13.25
CA THR D 71 -60.88 -7.32 -12.74
C THR D 71 -61.48 -8.62 -13.24
N PHE D 72 -60.61 -9.55 -13.63
CA PHE D 72 -61.01 -10.86 -14.12
C PHE D 72 -60.49 -11.89 -13.13
N SER D 73 -61.40 -12.63 -12.53
CA SER D 73 -61.03 -13.61 -11.52
C SER D 73 -62.09 -14.69 -11.55
N LYS D 74 -61.69 -15.91 -11.18
CA LYS D 74 -62.61 -17.03 -11.07
C LYS D 74 -63.29 -17.33 -12.41
N GLY D 75 -62.76 -16.79 -13.51
CA GLY D 75 -63.31 -16.98 -14.84
C GLY D 75 -64.21 -15.88 -15.38
N GLU D 76 -64.43 -14.79 -14.62
CA GLU D 76 -65.41 -13.78 -15.01
C GLU D 76 -64.91 -12.39 -14.62
N PHE D 77 -65.60 -11.37 -15.14
CA PHE D 77 -65.39 -9.98 -14.75
C PHE D 77 -66.42 -9.52 -13.71
N GLY D 78 -66.02 -8.55 -12.88
CA GLY D 78 -66.91 -7.87 -11.99
C GLY D 78 -67.30 -6.52 -12.54
N LYS D 79 -67.99 -5.74 -11.71
CA LYS D 79 -68.58 -4.50 -12.20
C LYS D 79 -67.49 -3.56 -12.74
N GLU D 80 -67.84 -2.82 -13.81
CA GLU D 80 -66.87 -1.98 -14.52
C GLU D 80 -66.85 -0.59 -13.90
N GLU D 81 -65.80 -0.28 -13.13
CA GLU D 81 -65.57 1.09 -12.70
C GLU D 81 -65.14 1.91 -13.92
N ARG D 82 -65.88 2.96 -14.26
CA ARG D 82 -65.61 3.72 -15.47
C ARG D 82 -65.18 5.13 -15.12
N LYS D 83 -64.69 5.81 -16.15
CA LYS D 83 -64.05 7.12 -16.02
C LYS D 83 -63.91 7.71 -17.40
N SER D 84 -63.96 9.03 -17.46
CA SER D 84 -64.09 9.75 -18.72
C SER D 84 -62.72 9.83 -19.40
N ASN D 85 -62.59 9.16 -20.57
CA ASN D 85 -61.38 9.15 -21.40
C ASN D 85 -60.97 10.52 -21.90
N PRO D 86 -59.90 11.12 -21.36
CA PRO D 86 -59.48 12.46 -21.82
C PRO D 86 -58.83 12.45 -23.18
N TYR D 87 -58.27 11.31 -23.59
CA TYR D 87 -57.61 11.19 -24.87
C TYR D 87 -58.61 11.26 -26.03
N LYS D 88 -58.20 11.96 -27.08
CA LYS D 88 -58.90 11.98 -28.35
C LYS D 88 -58.21 11.03 -29.33
N LYS D 89 -58.93 10.60 -30.37
CA LYS D 89 -58.34 9.73 -31.38
C LYS D 89 -57.10 10.41 -31.99
N GLY D 90 -56.00 9.66 -32.08
CA GLY D 90 -54.70 10.28 -32.28
C GLY D 90 -54.11 10.68 -30.94
N ASP D 91 -53.34 11.77 -30.88
CA ASP D 91 -52.43 12.21 -29.80
C ASP D 91 -51.87 11.12 -28.88
N ASP D 92 -50.68 11.38 -28.34
CA ASP D 92 -49.98 10.37 -27.58
C ASP D 92 -50.72 10.09 -26.28
N ILE D 93 -50.30 9.03 -25.58
CA ILE D 93 -50.94 8.57 -24.36
C ILE D 93 -49.87 8.34 -23.28
N ASP D 94 -50.25 8.62 -22.01
CA ASP D 94 -49.38 8.42 -20.85
C ASP D 94 -50.19 7.88 -19.67
N ILE D 95 -50.31 6.56 -19.57
CA ILE D 95 -50.97 5.89 -18.44
C ILE D 95 -49.90 5.42 -17.47
N ARG D 96 -50.07 5.74 -16.20
CA ARG D 96 -49.15 5.29 -15.18
C ARG D 96 -49.94 4.64 -14.04
N ILE D 97 -49.45 3.50 -13.56
CA ILE D 97 -50.17 2.69 -12.58
C ILE D 97 -49.27 2.48 -11.38
N ARG D 98 -49.71 2.96 -10.22
CA ARG D 98 -48.92 2.85 -9.01
C ARG D 98 -49.60 1.90 -8.04
N ALA D 99 -48.84 0.92 -7.54
CA ALA D 99 -49.38 -0.07 -6.64
C ALA D 99 -49.27 0.43 -5.20
N HIS D 100 -50.34 0.23 -4.42
CA HIS D 100 -50.39 0.60 -3.02
C HIS D 100 -50.96 -0.59 -2.23
N ASP D 101 -50.96 -0.46 -0.90
CA ASP D 101 -51.56 -1.50 -0.06
C ASP D 101 -53.04 -1.68 -0.39
N SER D 102 -53.75 -0.57 -0.57
CA SER D 102 -55.21 -0.52 -0.59
C SER D 102 -55.80 -0.40 -1.99
N LYS D 103 -55.01 0.01 -2.98
CA LYS D 103 -55.54 0.44 -4.27
C LYS D 103 -54.43 0.39 -5.31
N PHE D 104 -54.84 0.57 -6.57
CA PHE D 104 -54.03 1.12 -7.64
C PHE D 104 -54.31 2.60 -7.76
N SER D 105 -53.29 3.36 -8.13
CA SER D 105 -53.44 4.77 -8.47
C SER D 105 -53.09 4.90 -9.94
N ILE D 106 -54.06 5.33 -10.74
CA ILE D 106 -53.87 5.44 -12.18
C ILE D 106 -53.81 6.92 -12.52
N SER D 107 -52.80 7.31 -13.27
CA SER D 107 -52.68 8.69 -13.69
C SER D 107 -52.63 8.76 -15.22
N VAL D 108 -53.05 9.89 -15.74
CA VAL D 108 -53.09 10.12 -17.17
C VAL D 108 -52.42 11.45 -17.46
N ASP D 109 -51.55 11.46 -18.47
CA ASP D 109 -50.68 12.60 -18.76
C ASP D 109 -50.21 13.27 -17.48
N GLN D 110 -49.63 12.46 -16.59
CA GLN D 110 -49.06 12.87 -15.32
C GLN D 110 -50.11 13.35 -14.33
N LYS D 111 -51.38 13.10 -14.62
CA LYS D 111 -52.48 13.57 -13.77
C LYS D 111 -53.30 12.36 -13.34
N GLU D 112 -53.35 12.12 -12.02
CA GLU D 112 -54.12 11.03 -11.44
C GLU D 112 -55.58 11.09 -11.87
N VAL D 113 -56.15 9.94 -12.22
CA VAL D 113 -57.55 9.94 -12.67
C VAL D 113 -58.38 8.89 -11.95
N LYS D 114 -57.73 7.83 -11.45
CA LYS D 114 -58.51 6.76 -10.86
C LYS D 114 -57.68 6.05 -9.81
N GLU D 115 -58.30 5.87 -8.65
CA GLU D 115 -57.84 4.93 -7.66
C GLU D 115 -58.72 3.71 -7.81
N TYR D 116 -58.10 2.57 -8.08
CA TYR D 116 -58.80 1.31 -8.29
C TYR D 116 -58.58 0.43 -7.08
N GLU D 117 -59.65 0.08 -6.40
CA GLU D 117 -59.53 -0.65 -5.15
C GLU D 117 -59.25 -2.12 -5.42
N HIS D 118 -58.21 -2.64 -4.74
CA HIS D 118 -57.73 -4.00 -4.85
C HIS D 118 -58.84 -5.02 -4.67
N ARG D 119 -59.16 -5.74 -5.74
CA ARG D 119 -60.21 -6.74 -5.71
C ARG D 119 -59.68 -8.17 -5.55
N VAL D 120 -58.50 -8.46 -6.09
CA VAL D 120 -57.82 -9.74 -5.86
C VAL D 120 -56.37 -9.46 -5.43
N PRO D 121 -55.60 -10.46 -4.98
CA PRO D 121 -54.27 -10.18 -4.42
C PRO D 121 -53.33 -9.49 -5.40
N LEU D 122 -52.70 -8.41 -4.94
CA LEU D 122 -51.65 -7.76 -5.72
C LEU D 122 -50.51 -8.71 -6.02
N SER D 123 -50.18 -9.62 -5.07
CA SER D 123 -49.26 -10.75 -5.25
C SER D 123 -49.41 -11.44 -6.60
N SER D 124 -50.59 -11.33 -7.23
CA SER D 124 -50.96 -12.10 -8.42
C SER D 124 -50.62 -11.39 -9.72
N VAL D 125 -50.23 -10.11 -9.66
CA VAL D 125 -49.69 -9.41 -10.81
C VAL D 125 -48.24 -9.87 -10.95
N THR D 126 -48.04 -10.85 -11.84
CA THR D 126 -46.72 -11.34 -12.24
C THR D 126 -46.32 -10.89 -13.64
N HIS D 127 -47.29 -10.50 -14.47
CA HIS D 127 -47.07 -10.02 -15.83
C HIS D 127 -47.80 -8.70 -16.05
N PHE D 128 -47.49 -8.03 -17.17
CA PHE D 128 -48.40 -7.01 -17.67
C PHE D 128 -48.39 -7.05 -19.20
N SER D 129 -49.52 -6.68 -19.80
CA SER D 129 -49.71 -6.87 -21.24
C SER D 129 -50.54 -5.76 -21.88
N VAL D 130 -50.02 -5.23 -22.99
CA VAL D 130 -50.63 -4.12 -23.73
C VAL D 130 -51.10 -4.65 -25.07
N ASP D 131 -52.38 -4.49 -25.35
CA ASP D 131 -52.94 -4.93 -26.61
C ASP D 131 -53.80 -3.80 -27.17
N GLY D 132 -54.05 -3.83 -28.48
CA GLY D 132 -55.10 -3.05 -29.09
C GLY D 132 -54.57 -2.05 -30.10
N ASP D 133 -55.27 -0.93 -30.19
CA ASP D 133 -55.01 0.07 -31.22
C ASP D 133 -54.07 1.13 -30.68
N ILE D 134 -52.88 0.68 -30.33
CA ILE D 134 -51.88 1.59 -29.78
C ILE D 134 -50.53 1.21 -30.36
N LEU D 135 -49.73 2.23 -30.60
CA LEU D 135 -48.32 2.07 -30.91
C LEU D 135 -47.53 2.36 -29.64
N ILE D 136 -47.01 1.31 -29.00
CA ILE D 136 -46.23 1.54 -27.79
C ILE D 136 -44.90 2.18 -28.13
N THR D 137 -44.54 3.21 -27.36
CA THR D 137 -43.29 3.94 -27.50
C THR D 137 -42.41 3.92 -26.26
N TYR D 138 -43.01 3.73 -25.07
CA TYR D 138 -42.25 3.69 -23.82
C TYR D 138 -42.98 2.83 -22.79
N ILE D 139 -42.30 1.80 -22.27
CA ILE D 139 -42.76 0.99 -21.15
C ILE D 139 -41.67 0.97 -20.08
N HIS D 140 -42.02 1.37 -18.87
CA HIS D 140 -41.11 1.23 -17.73
C HIS D 140 -41.90 0.92 -16.48
N TRP D 141 -41.31 0.09 -15.64
CA TRP D 141 -41.84 -0.14 -14.30
C TRP D 141 -40.67 -0.20 -13.32
N GLY D 142 -40.97 0.09 -12.07
CA GLY D 142 -40.00 0.13 -11.02
C GLY D 142 -40.42 1.13 -9.97
N GLY D 143 -39.45 1.60 -9.22
CA GLY D 143 -39.71 2.62 -8.24
C GLY D 143 -40.19 1.99 -6.96
N LYS D 144 -40.42 2.86 -5.97
CA LYS D 144 -40.73 2.43 -4.62
C LYS D 144 -41.30 3.63 -3.87
N TYR D 145 -41.60 3.44 -2.59
CA TYR D 145 -41.95 4.57 -1.72
C TYR D 145 -40.64 5.24 -1.28
N TYR D 146 -40.41 6.44 -1.82
CA TYR D 146 -39.18 7.20 -1.61
C TYR D 146 -39.40 8.26 -0.55
N PRO D 147 -38.73 8.16 0.61
CA PRO D 147 -38.92 9.14 1.69
C PRO D 147 -38.24 10.49 1.42
N VAL D 148 -38.99 11.58 1.53
CA VAL D 148 -38.37 12.91 1.47
C VAL D 148 -38.61 13.70 2.76
N PRO D 149 -37.60 14.43 3.26
CA PRO D 149 -36.25 14.60 2.72
C PRO D 149 -35.52 13.29 2.49
N TYR D 150 -34.92 13.20 1.32
CA TYR D 150 -34.23 12.02 0.83
C TYR D 150 -32.74 12.30 0.76
N GLU D 151 -31.96 11.34 1.24
CA GLU D 151 -30.51 11.44 1.17
C GLU D 151 -29.96 10.04 1.01
N SER D 152 -29.14 9.83 -0.02
CA SER D 152 -28.63 8.51 -0.32
C SER D 152 -27.42 8.63 -1.24
N GLY D 153 -26.46 7.72 -1.07
CA GLY D 153 -25.32 7.67 -1.97
C GLY D 153 -25.74 7.20 -3.36
N LEU D 154 -25.46 7.99 -4.39
CA LEU D 154 -25.67 7.51 -5.74
C LEU D 154 -24.74 6.34 -6.02
N ALA D 155 -25.30 5.31 -6.69
CA ALA D 155 -24.62 4.10 -7.17
C ALA D 155 -23.23 3.85 -6.58
N GLY D 156 -22.27 3.49 -7.42
CA GLY D 156 -20.90 3.37 -6.96
C GLY D 156 -20.09 4.47 -7.61
N ASP D 157 -19.66 4.19 -8.83
CA ASP D 157 -19.26 5.17 -9.82
C ASP D 157 -19.91 6.54 -9.60
N GLY D 158 -21.22 6.54 -9.43
CA GLY D 158 -21.99 7.76 -9.31
C GLY D 158 -22.23 8.41 -10.66
N LEU D 159 -22.89 9.55 -10.60
CA LEU D 159 -23.10 10.37 -11.79
C LEU D 159 -21.76 10.86 -12.35
N ALA D 160 -21.43 10.36 -13.53
CA ALA D 160 -20.25 10.70 -14.31
C ALA D 160 -20.73 11.19 -15.66
N PRO D 161 -19.83 11.80 -16.45
CA PRO D 161 -20.22 12.16 -17.82
C PRO D 161 -20.53 10.90 -18.61
N GLY D 162 -21.65 10.95 -19.34
CA GLY D 162 -22.19 9.79 -19.99
C GLY D 162 -23.25 9.06 -19.19
N LYS D 163 -23.59 9.57 -18.02
CA LYS D 163 -24.62 8.99 -17.17
C LYS D 163 -25.75 9.99 -16.99
N SER D 164 -26.95 9.50 -16.70
CA SER D 164 -28.05 10.36 -16.31
C SER D 164 -28.74 9.87 -15.06
N LEU D 165 -29.18 10.84 -14.25
CA LEU D 165 -30.07 10.63 -13.12
C LEU D 165 -31.47 11.01 -13.53
N LEU D 166 -32.37 10.02 -13.53
CA LEU D 166 -33.70 10.15 -14.13
C LEU D 166 -34.72 10.01 -13.01
N ILE D 167 -35.15 11.15 -12.44
CA ILE D 167 -35.98 11.20 -11.24
C ILE D 167 -37.42 11.45 -11.62
N PHE D 168 -38.32 10.56 -11.20
CA PHE D 168 -39.76 10.72 -11.38
C PHE D 168 -40.32 11.26 -10.07
N ALA D 169 -40.77 12.51 -10.06
CA ALA D 169 -41.30 13.12 -8.86
C ALA D 169 -42.56 13.90 -9.18
N THR D 170 -43.17 14.48 -8.15
CA THR D 170 -44.49 15.10 -8.30
C THR D 170 -44.58 16.22 -7.30
N PRO D 171 -44.48 17.47 -7.75
CA PRO D 171 -44.57 18.60 -6.81
C PRO D 171 -45.90 18.58 -6.08
N GLU D 172 -45.84 18.64 -4.75
CA GLU D 172 -47.04 18.60 -3.92
C GLU D 172 -47.98 19.76 -4.30
N LYS D 173 -49.29 19.50 -4.20
CA LYS D 173 -50.25 20.42 -4.81
C LYS D 173 -50.19 21.80 -4.16
N LYS D 174 -50.00 21.86 -2.84
CA LYS D 174 -49.90 23.14 -2.16
C LYS D 174 -48.49 23.44 -1.64
N GLY D 175 -47.47 22.79 -2.22
CA GLY D 175 -46.10 23.13 -1.87
C GLY D 175 -45.60 24.34 -2.65
N LYS D 176 -44.53 24.96 -2.14
CA LYS D 176 -44.07 26.18 -2.76
C LYS D 176 -42.68 26.10 -3.38
N ARG D 177 -41.89 25.08 -3.04
CA ARG D 177 -40.56 24.89 -3.63
C ARG D 177 -39.87 23.63 -3.11
N PHE D 178 -39.19 22.90 -3.99
CA PHE D 178 -38.41 21.73 -3.60
C PHE D 178 -37.04 21.80 -4.26
N HIS D 179 -36.13 20.91 -3.85
CA HIS D 179 -34.85 20.88 -4.52
C HIS D 179 -34.37 19.45 -4.72
N ILE D 180 -33.40 19.33 -5.62
CA ILE D 180 -32.64 18.12 -5.85
C ILE D 180 -31.17 18.51 -5.85
N ASN D 181 -30.32 17.70 -5.23
CA ASN D 181 -28.93 18.06 -5.01
C ASN D 181 -28.00 16.93 -5.43
N LEU D 182 -27.20 17.16 -6.49
CA LEU D 182 -26.18 16.22 -6.96
C LEU D 182 -24.86 16.59 -6.29
N LEU D 183 -24.37 15.72 -5.41
CA LEU D 183 -23.27 16.05 -4.53
C LEU D 183 -21.99 15.28 -4.87
N LYS D 184 -20.86 15.90 -4.58
CA LYS D 184 -19.56 15.24 -4.68
C LYS D 184 -19.16 14.70 -3.32
N LYS D 185 -18.17 13.79 -3.33
CA LYS D 185 -17.75 13.07 -2.13
C LYS D 185 -17.48 13.96 -0.93
N ASN D 186 -17.09 15.21 -1.16
CA ASN D 186 -16.62 16.03 -0.06
C ASN D 186 -17.68 16.94 0.52
N GLY D 187 -18.86 17.05 -0.12
CA GLY D 187 -19.95 17.84 0.40
C GLY D 187 -20.42 18.94 -0.53
N ASP D 188 -19.51 19.47 -1.36
CA ASP D 188 -19.85 20.53 -2.29
C ASP D 188 -20.99 20.09 -3.22
N ILE D 189 -21.90 21.00 -3.51
CA ILE D 189 -23.02 20.67 -4.39
C ILE D 189 -22.59 20.88 -5.83
N ALA D 190 -22.69 19.83 -6.64
CA ALA D 190 -22.32 19.99 -8.03
C ALA D 190 -23.42 20.73 -8.79
N LEU D 191 -24.68 20.36 -8.59
CA LEU D 191 -25.80 21.10 -9.17
C LEU D 191 -26.96 21.05 -8.18
N HIS D 192 -27.23 22.20 -7.56
CA HIS D 192 -28.42 22.43 -6.75
C HIS D 192 -29.54 22.86 -7.70
N PHE D 193 -30.56 22.02 -7.84
CA PHE D 193 -31.66 22.23 -8.78
C PHE D 193 -32.91 22.50 -7.97
N ASN D 194 -33.36 23.74 -7.95
CA ASN D 194 -34.34 24.22 -6.98
C ASN D 194 -35.53 24.91 -7.67
N PRO D 195 -36.52 24.14 -8.11
CA PRO D 195 -37.77 24.77 -8.58
C PRO D 195 -38.41 25.59 -7.46
N ARG D 196 -38.91 26.78 -7.82
CA ARG D 196 -39.58 27.67 -6.88
C ARG D 196 -40.87 28.22 -7.51
N PHE D 197 -42.00 27.58 -7.21
CA PHE D 197 -43.27 27.97 -7.85
C PHE D 197 -43.70 29.38 -7.47
N ASP D 198 -43.23 29.87 -6.33
CA ASP D 198 -43.56 31.22 -5.86
C ASP D 198 -42.80 32.31 -6.61
N GLU D 199 -41.61 32.01 -7.14
CA GLU D 199 -40.89 32.95 -7.99
C GLU D 199 -41.00 32.57 -9.45
N LYS D 200 -41.88 31.61 -9.77
CA LYS D 200 -42.18 31.19 -11.15
C LYS D 200 -40.93 30.71 -11.90
N ALA D 201 -39.85 30.36 -11.19
CA ALA D 201 -38.58 30.01 -11.82
C ALA D 201 -37.90 28.83 -11.13
N ILE D 202 -36.97 28.19 -11.86
CA ILE D 202 -36.13 27.11 -11.33
C ILE D 202 -34.72 27.63 -11.21
N VAL D 203 -34.23 27.71 -9.99
CA VAL D 203 -32.85 28.14 -9.75
C VAL D 203 -31.91 26.96 -9.89
N ARG D 204 -30.81 27.17 -10.59
CA ARG D 204 -29.68 26.26 -10.62
C ARG D 204 -28.47 26.99 -10.03
N ASN D 205 -27.70 26.29 -9.19
CA ASN D 205 -26.47 26.90 -8.67
C ASN D 205 -25.60 25.79 -8.10
N SER D 206 -24.39 26.16 -7.69
CA SER D 206 -23.45 25.24 -7.08
C SER D 206 -23.05 25.76 -5.72
N LEU D 207 -22.73 24.86 -4.80
CA LEU D 207 -22.23 25.24 -3.47
C LEU D 207 -20.80 24.73 -3.32
N ILE D 208 -19.83 25.65 -3.36
CA ILE D 208 -18.42 25.29 -3.37
C ILE D 208 -17.81 25.69 -2.03
N SER D 209 -17.26 24.71 -1.31
CA SER D 209 -16.65 24.91 0.02
C SER D 209 -17.47 25.84 0.90
N GLY D 210 -18.77 25.59 0.97
CA GLY D 210 -19.62 26.29 1.90
C GLY D 210 -20.36 27.48 1.35
N GLU D 211 -19.87 28.10 0.28
CA GLU D 211 -20.50 29.30 -0.26
C GLU D 211 -21.09 29.06 -1.63
N PHE D 212 -22.32 29.52 -1.81
CA PHE D 212 -23.00 29.38 -3.08
C PHE D 212 -22.37 30.29 -4.13
N GLY D 213 -22.53 29.89 -5.40
CA GLY D 213 -22.06 30.65 -6.54
C GLY D 213 -23.08 31.64 -7.04
N ASN D 214 -23.00 31.96 -8.34
CA ASN D 214 -23.72 33.13 -8.84
C ASN D 214 -25.23 32.95 -8.76
N GLU D 215 -25.84 32.05 -9.58
CA GLU D 215 -27.28 31.71 -9.57
C GLU D 215 -27.92 31.91 -10.93
N GLU D 216 -28.55 30.87 -11.47
CA GLU D 216 -29.09 30.86 -12.82
C GLU D 216 -30.56 30.45 -12.78
N ARG D 217 -31.40 31.17 -13.54
CA ARG D 217 -32.83 30.90 -13.45
C ARG D 217 -33.60 31.23 -14.73
N GLU D 218 -32.89 31.51 -15.84
CA GLU D 218 -33.53 31.81 -17.11
C GLU D 218 -34.42 30.65 -17.57
N GLY D 219 -35.65 30.96 -17.93
CA GLY D 219 -36.49 29.91 -18.45
C GLY D 219 -37.82 29.81 -17.75
N LYS D 220 -38.87 29.68 -18.55
CA LYS D 220 -40.21 29.47 -18.03
C LYS D 220 -40.27 28.17 -17.25
N ASN D 221 -40.89 28.22 -16.08
CA ASN D 221 -41.03 27.02 -15.25
C ASN D 221 -42.00 26.04 -15.87
N PRO D 222 -41.55 24.89 -16.35
CA PRO D 222 -42.46 23.90 -16.95
C PRO D 222 -43.07 22.93 -15.96
N LEU D 223 -42.75 23.03 -14.68
CA LEU D 223 -43.43 22.15 -13.75
C LEU D 223 -44.81 22.70 -13.41
N GLU D 224 -45.61 21.89 -12.75
CA GLU D 224 -46.88 22.38 -12.23
C GLU D 224 -47.26 21.61 -10.96
N LYS D 225 -47.81 22.34 -9.99
CA LYS D 225 -48.23 21.73 -8.73
C LYS D 225 -49.23 20.61 -8.97
N GLY D 226 -49.10 19.54 -8.20
CA GLY D 226 -50.00 18.43 -8.29
C GLY D 226 -49.76 17.50 -9.43
N ILE D 227 -49.00 17.90 -10.42
CA ILE D 227 -48.76 17.06 -11.59
C ILE D 227 -47.40 16.41 -11.46
N GLY D 228 -47.28 15.21 -12.05
CA GLY D 228 -46.02 14.51 -12.21
C GLY D 228 -45.12 15.23 -13.18
N CYS D 229 -43.97 14.65 -13.52
CA CYS D 229 -42.97 15.28 -14.37
C CYS D 229 -41.71 14.43 -14.42
N ASP D 230 -41.13 14.25 -15.60
CA ASP D 230 -39.92 13.46 -15.74
C ASP D 230 -38.72 14.40 -15.72
N LEU D 231 -37.85 14.25 -14.71
CA LEU D 231 -36.64 15.05 -14.57
C LEU D 231 -35.43 14.22 -14.99
N GLU D 232 -34.58 14.81 -15.82
CA GLU D 232 -33.38 14.12 -16.25
C GLU D 232 -32.20 15.06 -16.10
N PHE D 233 -31.27 14.67 -15.25
CA PHE D 233 -29.99 15.36 -15.09
C PHE D 233 -28.99 14.53 -15.88
N ARG D 234 -28.87 14.87 -17.16
CA ARG D 234 -27.99 14.20 -18.10
C ARG D 234 -26.60 14.82 -17.97
N ASN D 235 -25.63 14.01 -17.53
CA ASN D 235 -24.25 14.49 -17.33
C ASN D 235 -23.44 14.32 -18.62
N GLU D 236 -23.45 15.36 -19.46
CA GLU D 236 -22.57 15.44 -20.62
C GLU D 236 -21.18 15.94 -20.18
N GLU D 237 -20.26 16.05 -21.15
CA GLU D 237 -18.85 16.31 -20.85
C GLU D 237 -18.62 17.74 -20.33
N TYR D 238 -19.34 18.75 -20.86
CA TYR D 238 -19.11 20.14 -20.47
C TYR D 238 -20.24 20.75 -19.63
N ALA D 239 -21.35 20.05 -19.44
CA ALA D 239 -22.49 20.66 -18.74
C ALA D 239 -23.48 19.57 -18.35
N PHE D 240 -24.22 19.81 -17.27
CA PHE D 240 -25.43 19.03 -17.03
C PHE D 240 -26.47 19.50 -18.03
N GLN D 241 -27.08 18.57 -18.75
CA GLN D 241 -28.20 18.89 -19.65
C GLN D 241 -29.48 18.57 -18.90
N ILE D 242 -30.07 19.57 -18.25
CA ILE D 242 -31.29 19.32 -17.48
C ILE D 242 -32.47 19.18 -18.44
N TYR D 243 -33.25 18.10 -18.28
CA TYR D 243 -34.40 17.80 -19.12
C TYR D 243 -35.65 17.65 -18.27
N VAL D 244 -36.75 18.28 -18.68
CA VAL D 244 -37.99 18.22 -17.92
C VAL D 244 -39.13 17.85 -18.84
N ASP D 245 -39.70 16.67 -18.61
CA ASP D 245 -40.81 16.11 -19.38
C ASP D 245 -40.43 15.85 -20.84
N GLY D 246 -39.21 15.39 -21.05
CA GLY D 246 -38.78 15.00 -22.37
C GLY D 246 -38.25 16.12 -23.23
N GLU D 247 -38.14 17.34 -22.68
CA GLU D 247 -37.60 18.49 -23.39
C GLU D 247 -36.44 19.10 -22.58
N ARG D 248 -35.36 19.46 -23.28
CA ARG D 248 -34.20 20.06 -22.63
C ARG D 248 -34.61 21.43 -22.06
N PHE D 249 -34.67 21.54 -20.73
CA PHE D 249 -35.15 22.77 -20.08
C PHE D 249 -34.06 23.83 -20.01
N ALA D 250 -32.83 23.43 -19.71
CA ALA D 250 -31.73 24.34 -19.48
C ALA D 250 -30.46 23.50 -19.37
N THR D 251 -29.35 24.06 -19.81
CA THR D 251 -28.09 23.40 -19.57
C THR D 251 -27.38 24.17 -18.47
N TYR D 252 -26.38 23.53 -17.87
CA TYR D 252 -25.68 24.06 -16.69
C TYR D 252 -24.20 23.71 -16.80
N ALA D 253 -23.39 24.69 -17.17
CA ALA D 253 -21.95 24.49 -17.29
C ALA D 253 -21.35 24.01 -15.97
N HIS D 254 -20.60 22.91 -16.05
CA HIS D 254 -19.94 22.35 -14.87
C HIS D 254 -19.13 23.41 -14.15
N ARG D 255 -19.37 23.53 -12.84
CA ARG D 255 -18.53 24.34 -11.95
C ARG D 255 -17.67 23.50 -11.02
N LEU D 256 -17.71 22.18 -11.15
CA LEU D 256 -16.88 21.25 -10.42
C LEU D 256 -16.61 20.11 -11.38
N ASP D 257 -15.51 19.40 -11.16
CA ASP D 257 -15.22 18.23 -11.96
C ASP D 257 -16.42 17.29 -11.89
N PRO D 258 -17.07 17.01 -13.03
CA PRO D 258 -18.35 16.26 -12.98
C PRO D 258 -18.17 14.78 -12.70
N HIS D 259 -16.93 14.40 -12.36
CA HIS D 259 -16.63 13.04 -11.95
C HIS D 259 -16.85 12.91 -10.46
N ASP D 260 -17.21 11.69 -10.03
CA ASP D 260 -17.33 11.37 -8.60
C ASP D 260 -18.41 12.23 -7.95
N ILE D 261 -19.49 12.46 -8.68
CA ILE D 261 -20.71 13.06 -8.12
C ILE D 261 -21.55 11.87 -7.66
N ASN D 262 -21.41 11.47 -6.40
CA ASN D 262 -22.05 10.24 -5.96
C ASN D 262 -22.99 10.39 -4.77
N GLY D 263 -23.37 11.61 -4.38
CA GLY D 263 -24.41 11.82 -3.40
C GLY D 263 -25.65 12.39 -4.06
N LEU D 264 -26.84 12.02 -3.58
CA LEU D 264 -28.08 12.64 -4.02
C LEU D 264 -28.86 13.18 -2.82
N GLN D 265 -29.64 14.23 -3.05
CA GLN D 265 -30.34 14.92 -1.98
C GLN D 265 -31.60 15.59 -2.53
N ILE D 266 -32.75 15.17 -2.04
CA ILE D 266 -34.04 15.65 -2.50
C ILE D 266 -34.81 16.15 -1.29
N GLY D 267 -35.01 17.47 -1.20
CA GLY D 267 -35.71 18.06 -0.08
C GLY D 267 -36.96 18.82 -0.53
N GLY D 268 -37.78 19.15 0.46
CA GLY D 268 -38.86 20.10 0.25
C GLY D 268 -40.18 19.48 -0.16
N ASP D 269 -41.00 20.29 -0.82
CA ASP D 269 -42.41 19.94 -1.06
C ASP D 269 -42.53 19.16 -2.35
N VAL D 270 -42.37 17.84 -2.27
CA VAL D 270 -42.29 17.02 -3.48
C VAL D 270 -42.48 15.57 -3.11
N GLU D 271 -43.30 14.83 -3.87
CA GLU D 271 -43.33 13.39 -3.75
C GLU D 271 -42.49 12.79 -4.88
N VAL D 272 -41.65 11.81 -4.52
CA VAL D 272 -40.72 11.19 -5.45
C VAL D 272 -41.05 9.70 -5.58
N THR D 273 -41.32 9.26 -6.81
CA THR D 273 -41.83 7.93 -7.11
C THR D 273 -40.90 7.12 -8.02
N GLY D 274 -39.68 7.62 -8.28
CA GLY D 274 -38.76 6.99 -9.20
C GLY D 274 -37.38 7.59 -9.19
N ILE D 275 -36.35 6.75 -9.07
CA ILE D 275 -34.97 7.19 -9.17
C ILE D 275 -34.19 6.15 -9.96
N GLN D 276 -33.76 6.51 -11.16
CA GLN D 276 -32.93 5.62 -11.95
C GLN D 276 -31.63 6.30 -12.29
N MET D 277 -30.53 5.59 -12.05
CA MET D 277 -29.27 5.95 -12.67
C MET D 277 -29.16 5.28 -14.04
N VAL D 278 -28.86 6.09 -15.04
CA VAL D 278 -28.93 5.65 -16.42
C VAL D 278 -27.62 6.04 -17.13
N MET E 1 -36.10 2.95 39.07
CA MET E 1 -37.00 2.11 38.29
C MET E 1 -38.08 1.50 39.17
N ALA E 2 -39.28 1.35 38.60
CA ALA E 2 -40.36 0.61 39.24
C ALA E 2 -40.10 -0.89 39.09
N THR E 3 -41.16 -1.71 39.19
CA THR E 3 -41.15 -3.17 39.03
C THR E 3 -40.18 -3.66 37.96
N GLU E 4 -39.63 -4.86 38.07
CA GLU E 4 -38.63 -5.27 37.08
C GLU E 4 -39.23 -6.27 36.11
N THR E 5 -39.66 -5.75 34.96
CA THR E 5 -40.05 -6.56 33.82
C THR E 5 -39.38 -5.90 32.60
N ASN E 6 -38.19 -6.41 32.24
CA ASN E 6 -37.38 -6.05 31.05
C ASN E 6 -37.27 -4.56 30.71
N TYR E 7 -36.43 -4.25 29.70
CA TYR E 7 -36.24 -2.93 29.10
C TYR E 7 -36.04 -1.80 30.11
N PRO E 8 -34.89 -1.71 30.78
CA PRO E 8 -34.68 -0.61 31.74
C PRO E 8 -34.43 0.73 31.06
N VAL E 9 -34.92 1.79 31.67
CA VAL E 9 -34.82 3.14 31.12
C VAL E 9 -33.70 3.89 31.82
N PRO E 10 -32.83 4.61 31.10
CA PRO E 10 -32.90 4.76 29.63
C PRO E 10 -32.68 3.49 28.78
N TYR E 11 -33.69 3.09 28.01
CA TYR E 11 -33.54 2.04 27.00
C TYR E 11 -33.06 2.67 25.71
N ARG E 12 -32.07 2.06 25.06
CA ARG E 12 -31.58 2.56 23.80
C ARG E 12 -31.09 1.37 22.99
N SER E 13 -31.59 1.25 21.76
CA SER E 13 -31.30 0.11 20.90
C SER E 13 -30.96 0.61 19.51
N LYS E 14 -29.93 0.04 18.90
CA LYS E 14 -29.54 0.43 17.56
C LYS E 14 -30.39 -0.30 16.53
N LEU E 15 -30.88 0.43 15.53
CA LEU E 15 -31.65 -0.20 14.47
C LEU E 15 -30.76 -1.14 13.67
N THR E 16 -31.29 -2.34 13.36
CA THR E 16 -30.53 -3.29 12.55
C THR E 16 -30.29 -2.75 11.14
N GLU E 17 -31.36 -2.41 10.43
CA GLU E 17 -31.37 -1.75 9.14
C GLU E 17 -32.13 -0.44 9.24
N PRO E 18 -32.05 0.44 8.24
CA PRO E 18 -32.71 1.74 8.39
C PRO E 18 -34.22 1.61 8.45
N PHE E 19 -34.83 2.39 9.35
CA PHE E 19 -36.27 2.58 9.38
C PHE E 19 -36.78 2.93 8.00
N GLU E 20 -37.73 2.13 7.50
CA GLU E 20 -38.20 2.33 6.13
C GLU E 20 -39.71 2.47 6.11
N PRO E 21 -40.23 3.28 5.18
CA PRO E 21 -41.68 3.48 5.09
C PRO E 21 -42.41 2.15 4.98
N GLY E 22 -43.47 2.01 5.80
CA GLY E 22 -44.22 0.79 5.94
C GLY E 22 -44.05 0.16 7.31
N GLN E 23 -42.89 0.37 7.93
CA GLN E 23 -42.50 -0.23 9.19
C GLN E 23 -43.02 0.56 10.39
N THR E 24 -43.18 -0.14 11.51
CA THR E 24 -43.80 0.43 12.68
C THR E 24 -42.95 0.16 13.91
N LEU E 25 -42.87 1.15 14.79
CA LEU E 25 -42.32 0.97 16.13
C LEU E 25 -43.47 1.00 17.11
N ILE E 26 -43.51 0.01 18.01
CA ILE E 26 -44.52 -0.09 19.06
C ILE E 26 -43.83 -0.04 20.42
N ILE E 27 -44.43 0.70 21.35
CA ILE E 27 -43.90 0.82 22.71
C ILE E 27 -45.04 0.93 23.71
N LYS E 28 -45.32 -0.13 24.45
CA LYS E 28 -46.27 -0.16 25.56
C LYS E 28 -45.54 -0.04 26.89
N GLY E 29 -46.22 0.46 27.90
CA GLY E 29 -45.58 0.57 29.19
C GLY E 29 -46.56 1.03 30.24
N LYS E 30 -46.15 0.87 31.50
CA LYS E 30 -46.96 1.33 32.63
C LYS E 30 -46.34 2.58 33.25
N THR E 31 -47.21 3.41 33.80
CA THR E 31 -46.81 4.65 34.44
C THR E 31 -47.30 4.64 35.89
N ALA E 32 -46.63 5.41 36.75
CA ALA E 32 -47.03 5.57 38.14
C ALA E 32 -47.78 6.88 38.32
N GLU E 33 -48.29 7.10 39.54
CA GLU E 33 -49.04 8.33 39.81
C GLU E 33 -48.15 9.53 40.03
N ASP E 34 -46.85 9.31 40.24
CA ASP E 34 -45.86 10.38 40.32
C ASP E 34 -45.10 10.58 38.99
N SER E 35 -45.49 9.88 37.92
CA SER E 35 -44.89 10.04 36.60
C SER E 35 -45.20 11.40 36.01
N VAL E 36 -44.17 12.18 35.67
CA VAL E 36 -44.40 13.50 35.13
C VAL E 36 -44.24 13.49 33.61
N ARG E 37 -43.07 13.07 33.13
CA ARG E 37 -42.84 13.02 31.69
C ARG E 37 -42.08 11.75 31.36
N PHE E 38 -42.34 11.23 30.18
CA PHE E 38 -41.46 10.26 29.54
C PHE E 38 -41.37 10.64 28.08
N THR E 39 -40.33 10.14 27.42
CA THR E 39 -40.04 10.58 26.07
C THR E 39 -39.75 9.37 25.19
N ILE E 40 -39.93 9.54 23.88
CA ILE E 40 -39.49 8.59 22.87
C ILE E 40 -38.72 9.37 21.81
N ASN E 41 -37.65 8.77 21.28
CA ASN E 41 -36.73 9.48 20.38
C ASN E 41 -36.24 8.57 19.26
N LEU E 42 -36.35 9.06 18.03
CA LEU E 42 -35.75 8.42 16.85
C LEU E 42 -34.58 9.28 16.43
N HIS E 43 -33.40 8.69 16.30
CA HIS E 43 -32.22 9.52 16.09
C HIS E 43 -31.10 8.69 15.49
N ASN E 44 -30.03 9.38 15.09
CA ASN E 44 -28.76 8.74 14.74
C ASN E 44 -27.67 9.20 15.69
N THR E 45 -26.43 8.83 15.36
CA THR E 45 -25.33 8.96 16.30
C THR E 45 -23.97 8.94 15.64
N SER E 46 -23.27 7.82 15.82
CA SER E 46 -21.89 7.54 15.42
C SER E 46 -21.61 6.04 15.58
N ALA E 47 -22.56 5.36 16.23
CA ALA E 47 -22.47 4.09 16.97
C ALA E 47 -23.13 4.36 18.31
N ASP E 48 -22.68 5.43 18.97
CA ASP E 48 -23.18 5.89 20.28
C ASP E 48 -22.79 7.35 20.53
N PHE E 49 -23.35 8.28 19.73
CA PHE E 49 -23.20 9.73 19.92
C PHE E 49 -24.00 10.25 21.10
N SER E 50 -25.19 9.68 21.35
CA SER E 50 -26.09 10.08 22.43
C SER E 50 -26.78 11.42 22.15
N GLY E 51 -26.80 11.87 20.89
CA GLY E 51 -27.45 13.12 20.51
C GLY E 51 -26.85 13.94 19.38
N ASN E 52 -27.36 13.74 18.17
CA ASN E 52 -27.18 14.65 17.05
C ASN E 52 -28.15 14.18 15.97
N ASP E 53 -28.98 15.09 15.45
CA ASP E 53 -30.11 14.72 14.59
C ASP E 53 -31.13 13.83 15.31
N VAL E 54 -32.37 14.30 15.41
CA VAL E 54 -33.45 13.57 16.06
C VAL E 54 -34.64 13.78 15.15
N PRO E 55 -34.77 13.02 14.07
CA PRO E 55 -35.85 13.28 13.11
C PRO E 55 -37.20 13.34 13.75
N LEU E 56 -37.44 12.55 14.77
CA LEU E 56 -38.75 12.50 15.42
C LEU E 56 -38.54 12.36 16.90
N HIS E 57 -39.21 13.21 17.65
CA HIS E 57 -38.97 13.27 19.07
C HIS E 57 -40.30 13.45 19.77
N ILE E 58 -40.78 12.41 20.46
CA ILE E 58 -42.09 12.42 21.10
C ILE E 58 -41.91 12.60 22.60
N SER E 59 -42.35 13.73 23.12
CA SER E 59 -42.37 13.99 24.56
C SER E 59 -43.80 13.82 25.06
N VAL E 60 -44.02 12.88 25.98
CA VAL E 60 -45.34 12.65 26.60
C VAL E 60 -45.35 13.29 27.97
N ARG E 61 -46.27 14.23 28.18
CA ARG E 61 -46.23 15.15 29.31
C ARG E 61 -47.49 15.08 30.16
N PHE E 62 -47.39 14.42 31.32
CA PHE E 62 -48.54 14.35 32.24
C PHE E 62 -48.77 15.67 32.97
N ASP E 63 -47.74 16.51 33.09
CA ASP E 63 -47.95 17.83 33.67
C ASP E 63 -48.79 18.72 32.76
N GLU E 64 -48.50 18.72 31.44
CA GLU E 64 -49.21 19.57 30.47
C GLU E 64 -50.40 18.90 29.80
N GLY E 65 -50.57 17.59 29.98
CA GLY E 65 -51.62 16.88 29.27
C GLY E 65 -51.48 16.98 27.78
N LYS E 66 -50.25 17.09 27.30
CA LYS E 66 -49.99 17.22 25.88
C LYS E 66 -48.95 16.19 25.46
N ILE E 67 -49.05 15.70 24.24
CA ILE E 67 -48.01 14.91 23.62
C ILE E 67 -47.33 15.84 22.64
N VAL E 68 -46.00 15.92 22.73
CA VAL E 68 -45.23 16.96 22.09
C VAL E 68 -44.26 16.34 21.11
N PHE E 69 -44.33 16.79 19.86
CA PHE E 69 -43.52 16.29 18.75
C PHE E 69 -42.58 17.39 18.29
N ASN E 70 -41.31 17.06 18.06
CA ASN E 70 -40.35 18.04 17.58
C ASN E 70 -39.26 17.34 16.81
N THR E 71 -38.37 18.12 16.21
CA THR E 71 -37.22 17.56 15.54
C THR E 71 -36.00 18.42 15.81
N PHE E 72 -34.95 17.81 16.34
CA PHE E 72 -33.66 18.44 16.61
C PHE E 72 -32.73 18.20 15.43
N SER E 73 -32.07 19.25 14.96
CA SER E 73 -31.11 19.05 13.89
C SER E 73 -30.22 20.27 13.80
N LYS E 74 -28.97 20.03 13.41
CA LYS E 74 -27.96 21.07 13.27
C LYS E 74 -27.85 21.89 14.56
N GLY E 75 -28.10 21.25 15.71
CA GLY E 75 -27.95 21.88 17.00
C GLY E 75 -29.18 22.51 17.59
N GLU E 76 -30.25 22.69 16.80
CA GLU E 76 -31.40 23.49 17.22
C GLU E 76 -32.69 22.67 17.19
N PHE E 77 -33.52 22.85 18.20
CA PHE E 77 -34.90 22.39 18.11
C PHE E 77 -35.73 23.31 17.20
N GLY E 78 -36.69 22.75 16.49
CA GLY E 78 -37.66 23.53 15.76
C GLY E 78 -38.97 23.69 16.52
N LYS E 79 -40.02 24.05 15.77
CA LYS E 79 -41.36 24.26 16.32
C LYS E 79 -41.93 22.97 16.89
N GLU E 80 -42.43 23.06 18.11
CA GLU E 80 -43.12 21.95 18.74
C GLU E 80 -44.52 21.93 18.15
N GLU E 81 -44.90 20.82 17.61
CA GLU E 81 -46.30 20.59 17.28
C GLU E 81 -46.90 19.81 18.46
N ARG E 82 -47.92 20.39 19.08
CA ARG E 82 -48.55 19.81 20.25
C ARG E 82 -49.80 19.02 19.87
N LYS E 83 -50.14 18.06 20.74
CA LYS E 83 -51.41 17.36 20.64
C LYS E 83 -51.84 16.92 22.04
N SER E 84 -53.13 16.72 22.20
CA SER E 84 -53.66 16.37 23.50
C SER E 84 -53.14 15.02 23.97
N ASN E 85 -52.97 14.90 25.28
CA ASN E 85 -52.52 13.64 25.84
C ASN E 85 -53.74 12.89 26.35
N PRO E 86 -53.97 11.67 25.86
CA PRO E 86 -55.10 10.87 26.33
C PRO E 86 -54.90 10.24 27.69
N TYR E 87 -53.68 10.20 28.20
CA TYR E 87 -53.33 9.43 29.39
C TYR E 87 -53.35 10.30 30.64
N LYS E 88 -53.91 9.77 31.74
CA LYS E 88 -53.74 10.40 33.03
C LYS E 88 -52.68 9.66 33.81
N LYS E 89 -52.02 10.36 34.75
CA LYS E 89 -50.95 9.75 35.53
C LYS E 89 -51.38 8.37 36.02
N GLY E 90 -50.43 7.45 36.09
CA GLY E 90 -50.75 6.04 36.21
C GLY E 90 -51.18 5.48 34.86
N ASP E 91 -51.63 4.23 34.87
CA ASP E 91 -52.25 3.55 33.72
C ASP E 91 -51.38 3.46 32.45
N ASP E 92 -51.70 2.47 31.60
CA ASP E 92 -50.77 1.94 30.62
C ASP E 92 -50.71 2.81 29.37
N ILE E 93 -49.56 2.79 28.69
CA ILE E 93 -49.38 3.59 27.49
C ILE E 93 -49.08 2.67 26.31
N ASP E 94 -49.56 3.10 25.12
CA ASP E 94 -49.44 2.37 23.86
C ASP E 94 -49.21 3.40 22.75
N ILE E 95 -47.94 3.67 22.45
CA ILE E 95 -47.50 4.62 21.44
C ILE E 95 -47.02 3.80 20.25
N ARG E 96 -47.48 4.13 19.04
CA ARG E 96 -47.03 3.44 17.83
C ARG E 96 -46.60 4.46 16.80
N ILE E 97 -45.43 4.24 16.19
CA ILE E 97 -44.83 5.18 15.26
C ILE E 97 -44.62 4.45 13.94
N ARG E 98 -45.31 4.87 12.88
CA ARG E 98 -45.21 4.21 11.58
C ARG E 98 -44.58 5.13 10.54
N ALA E 99 -43.54 4.64 9.88
CA ALA E 99 -42.87 5.44 8.87
C ALA E 99 -43.68 5.46 7.57
N HIS E 100 -43.66 6.62 6.91
CA HIS E 100 -44.18 6.76 5.56
C HIS E 100 -43.25 7.68 4.78
N ASP E 101 -43.44 7.74 3.46
CA ASP E 101 -42.61 8.62 2.65
C ASP E 101 -42.72 10.07 3.13
N SER E 102 -43.94 10.57 3.27
CA SER E 102 -44.12 11.99 3.53
C SER E 102 -43.97 12.38 4.99
N LYS E 103 -43.98 11.41 5.92
CA LYS E 103 -44.13 11.71 7.34
C LYS E 103 -44.30 10.49 8.25
N PHE E 104 -43.96 10.66 9.54
CA PHE E 104 -44.33 9.67 10.55
C PHE E 104 -45.80 9.76 10.88
N SER E 105 -46.43 8.61 11.07
CA SER E 105 -47.78 8.52 11.60
C SER E 105 -47.73 7.91 13.00
N ILE E 106 -48.21 8.64 13.98
CA ILE E 106 -48.10 8.25 15.38
C ILE E 106 -49.49 7.97 15.91
N SER E 107 -49.64 6.82 16.57
CA SER E 107 -50.88 6.36 17.17
C SER E 107 -50.67 6.24 18.66
N VAL E 108 -51.66 6.70 19.43
CA VAL E 108 -51.68 6.53 20.89
C VAL E 108 -52.94 5.76 21.23
N ASP E 109 -52.79 4.66 21.98
CA ASP E 109 -53.89 3.74 22.26
C ASP E 109 -54.50 3.17 20.98
N GLN E 110 -53.62 2.84 20.01
CA GLN E 110 -54.03 2.30 18.71
C GLN E 110 -55.07 3.19 18.03
N LYS E 111 -54.86 4.50 18.12
CA LYS E 111 -55.71 5.53 17.53
C LYS E 111 -54.78 6.57 16.93
N GLU E 112 -54.76 6.70 15.61
CA GLU E 112 -53.83 7.61 14.96
C GLU E 112 -54.11 9.06 15.36
N VAL E 113 -53.15 9.67 16.06
CA VAL E 113 -53.33 11.00 16.64
C VAL E 113 -52.61 12.09 15.85
N LYS E 114 -51.56 11.76 15.12
CA LYS E 114 -50.64 12.78 14.66
C LYS E 114 -49.97 12.32 13.38
N GLU E 115 -49.97 13.18 12.36
CA GLU E 115 -49.17 12.97 11.18
C GLU E 115 -48.09 14.05 11.15
N TYR E 116 -46.87 13.65 11.42
CA TYR E 116 -45.73 14.55 11.58
C TYR E 116 -44.87 14.49 10.31
N GLU E 117 -45.04 15.49 9.44
CA GLU E 117 -44.25 15.65 8.22
C GLU E 117 -42.77 15.56 8.54
N HIS E 118 -42.05 14.79 7.73
CA HIS E 118 -40.60 14.72 7.81
C HIS E 118 -39.98 16.12 7.75
N ARG E 119 -39.06 16.39 8.67
CA ARG E 119 -38.26 17.61 8.57
C ARG E 119 -36.82 17.32 8.17
N VAL E 120 -36.28 16.20 8.62
CA VAL E 120 -34.94 15.77 8.20
C VAL E 120 -35.08 14.34 7.68
N PRO E 121 -34.13 13.88 6.85
CA PRO E 121 -34.30 12.57 6.21
C PRO E 121 -34.59 11.39 7.14
N LEU E 122 -35.71 10.72 6.87
CA LEU E 122 -36.13 9.57 7.68
C LEU E 122 -35.04 8.51 7.78
N SER E 123 -34.27 8.34 6.69
CA SER E 123 -33.06 7.53 6.55
C SER E 123 -31.98 7.89 7.62
N SER E 124 -32.19 8.93 8.43
CA SER E 124 -31.28 9.30 9.50
C SER E 124 -31.56 8.57 10.80
N VAL E 125 -32.76 8.01 10.98
CA VAL E 125 -33.04 7.26 12.20
C VAL E 125 -32.24 5.98 12.15
N THR E 126 -31.22 5.88 12.98
CA THR E 126 -30.49 4.63 13.14
C THR E 126 -30.65 4.03 14.52
N HIS E 127 -31.10 4.80 15.51
CA HIS E 127 -31.38 4.30 16.84
C HIS E 127 -32.73 4.82 17.30
N PHE E 128 -33.34 4.14 18.25
CA PHE E 128 -34.42 4.76 19.02
C PHE E 128 -34.14 4.62 20.50
N SER E 129 -34.52 5.63 21.26
CA SER E 129 -34.34 5.66 22.70
C SER E 129 -35.67 5.95 23.36
N VAL E 130 -35.83 5.40 24.55
CA VAL E 130 -36.99 5.64 25.39
C VAL E 130 -36.47 5.93 26.79
N ASP E 131 -36.85 7.06 27.36
CA ASP E 131 -36.44 7.43 28.70
C ASP E 131 -37.60 8.13 29.40
N GLY E 132 -37.46 8.30 30.71
CA GLY E 132 -38.45 9.01 31.51
C GLY E 132 -39.18 8.18 32.57
N ASP E 133 -40.27 8.73 33.09
CA ASP E 133 -41.03 8.07 34.15
C ASP E 133 -41.99 7.05 33.54
N ILE E 134 -41.40 6.12 32.80
CA ILE E 134 -42.18 5.06 32.18
C ILE E 134 -41.42 3.75 32.36
N LEU E 135 -42.14 2.73 32.81
CA LEU E 135 -41.61 1.38 32.82
C LEU E 135 -42.06 0.66 31.56
N ILE E 136 -41.09 0.12 30.80
CA ILE E 136 -41.36 -0.42 29.48
C ILE E 136 -41.77 -1.89 29.57
N THR E 137 -42.88 -2.24 28.94
CA THR E 137 -43.40 -3.60 28.97
C THR E 137 -43.38 -4.32 27.63
N TYR E 138 -43.06 -3.64 26.53
CA TYR E 138 -43.10 -4.26 25.21
C TYR E 138 -42.40 -3.32 24.22
N ILE E 139 -41.64 -3.90 23.30
CA ILE E 139 -40.96 -3.12 22.26
C ILE E 139 -40.77 -4.03 21.05
N HIS E 140 -41.18 -3.55 19.88
CA HIS E 140 -41.13 -4.34 18.64
C HIS E 140 -41.13 -3.37 17.47
N TRP E 141 -40.10 -3.40 16.63
CA TRP E 141 -40.17 -2.69 15.36
C TRP E 141 -40.14 -3.72 14.23
N GLY E 142 -41.16 -3.68 13.41
CA GLY E 142 -41.21 -4.55 12.26
C GLY E 142 -42.16 -4.00 11.23
N GLY E 143 -42.67 -4.89 10.39
CA GLY E 143 -43.77 -4.57 9.52
C GLY E 143 -43.34 -4.05 8.18
N LYS E 144 -44.33 -3.85 7.32
CA LYS E 144 -44.16 -3.36 5.96
C LYS E 144 -45.54 -2.97 5.46
N TYR E 145 -45.64 -2.62 4.19
CA TYR E 145 -46.94 -2.39 3.56
C TYR E 145 -47.48 -3.73 3.07
N TYR E 146 -48.54 -4.22 3.71
CA TYR E 146 -49.12 -5.50 3.33
C TYR E 146 -50.32 -5.25 2.43
N PRO E 147 -50.27 -5.67 1.17
CA PRO E 147 -51.45 -5.51 0.29
C PRO E 147 -52.57 -6.45 0.70
N VAL E 148 -53.77 -5.89 0.84
CA VAL E 148 -54.99 -6.69 1.00
C VAL E 148 -55.84 -6.49 -0.25
N PRO E 149 -56.52 -7.52 -0.81
CA PRO E 149 -56.47 -8.90 -0.33
C PRO E 149 -55.08 -9.38 -0.37
N TYR E 150 -54.79 -10.21 0.60
CA TYR E 150 -53.49 -10.80 0.79
C TYR E 150 -53.66 -12.32 0.78
N GLU E 151 -52.60 -12.99 0.39
CA GLU E 151 -52.61 -14.45 0.38
C GLU E 151 -51.17 -14.85 0.56
N SER E 152 -50.93 -15.92 1.31
CA SER E 152 -49.56 -16.29 1.61
C SER E 152 -49.40 -17.64 2.30
N GLY E 153 -48.39 -18.40 1.90
CA GLY E 153 -47.94 -19.51 2.72
C GLY E 153 -47.30 -19.01 4.00
N LEU E 154 -47.39 -19.83 5.05
CA LEU E 154 -46.96 -19.44 6.38
C LEU E 154 -45.62 -20.07 6.71
N ALA E 155 -44.86 -19.36 7.57
CA ALA E 155 -43.54 -19.75 8.08
C ALA E 155 -42.87 -20.79 7.19
N GLY E 156 -43.31 -22.04 7.33
CA GLY E 156 -42.83 -23.17 6.58
C GLY E 156 -43.17 -24.37 7.43
N ASP E 157 -42.67 -24.34 8.68
CA ASP E 157 -43.12 -25.23 9.74
C ASP E 157 -44.64 -25.29 9.82
N GLY E 158 -45.30 -24.19 9.51
CA GLY E 158 -46.73 -24.11 9.67
C GLY E 158 -47.14 -23.69 11.07
N LEU E 159 -48.40 -23.24 11.15
CA LEU E 159 -49.10 -23.04 12.41
C LEU E 159 -49.44 -24.41 13.01
N ALA E 160 -48.61 -24.87 13.91
CA ALA E 160 -48.86 -26.10 14.65
C ALA E 160 -49.25 -25.75 16.07
N PRO E 161 -49.83 -26.69 16.81
CA PRO E 161 -50.19 -26.39 18.20
C PRO E 161 -48.97 -25.94 18.98
N GLY E 162 -49.16 -24.92 19.83
CA GLY E 162 -48.04 -24.26 20.45
C GLY E 162 -47.64 -23.00 19.71
N LYS E 163 -47.66 -23.05 18.38
CA LYS E 163 -47.38 -21.85 17.57
C LYS E 163 -48.51 -20.84 17.69
N SER E 164 -48.16 -19.56 17.50
CA SER E 164 -49.11 -18.46 17.49
C SER E 164 -48.82 -17.52 16.33
N LEU E 165 -49.83 -17.27 15.50
CA LEU E 165 -49.72 -16.26 14.46
C LEU E 165 -50.32 -14.97 14.99
N LEU E 166 -49.54 -13.90 14.98
CA LEU E 166 -49.96 -12.61 15.48
C LEU E 166 -50.21 -11.67 14.30
N ILE E 167 -51.28 -10.88 14.37
CA ILE E 167 -51.62 -9.95 13.30
C ILE E 167 -51.99 -8.60 13.89
N PHE E 168 -51.40 -7.53 13.35
CA PHE E 168 -51.73 -6.15 13.67
C PHE E 168 -52.55 -5.55 12.53
N ALA E 169 -53.76 -5.09 12.82
CA ALA E 169 -54.59 -4.59 11.72
C ALA E 169 -55.49 -3.46 12.16
N THR E 170 -55.68 -2.51 11.26
CA THR E 170 -56.68 -1.48 11.51
C THR E 170 -57.85 -1.69 10.56
N PRO E 171 -58.98 -2.23 11.02
CA PRO E 171 -60.17 -2.24 10.17
C PRO E 171 -60.51 -0.83 9.73
N GLU E 172 -61.03 -0.71 8.51
CA GLU E 172 -61.15 0.59 7.87
C GLU E 172 -62.29 1.39 8.49
N LYS E 173 -62.09 2.72 8.59
CA LYS E 173 -63.09 3.56 9.24
C LYS E 173 -64.46 3.46 8.54
N LYS E 174 -64.49 3.15 7.25
CA LYS E 174 -65.77 3.05 6.56
C LYS E 174 -66.05 1.63 6.06
N GLY E 175 -65.48 0.63 6.73
CA GLY E 175 -65.60 -0.73 6.25
C GLY E 175 -66.78 -1.48 6.82
N LYS E 176 -67.25 -2.48 6.08
CA LYS E 176 -68.33 -3.31 6.58
C LYS E 176 -67.78 -4.53 7.32
N ARG E 177 -66.93 -5.32 6.66
CA ARG E 177 -66.38 -6.51 7.28
C ARG E 177 -65.14 -6.97 6.53
N PHE E 178 -64.23 -7.63 7.25
CA PHE E 178 -63.03 -8.24 6.70
C PHE E 178 -62.95 -9.67 7.24
N HIS E 179 -61.92 -10.40 6.81
CA HIS E 179 -61.75 -11.77 7.27
C HIS E 179 -60.28 -12.18 7.25
N ILE E 180 -59.98 -13.27 7.95
CA ILE E 180 -58.67 -13.92 7.97
C ILE E 180 -58.90 -15.41 7.92
N ASN E 181 -58.20 -16.11 7.01
CA ASN E 181 -58.35 -17.56 6.85
C ASN E 181 -57.01 -18.20 7.15
N LEU E 182 -56.93 -18.99 8.22
CA LEU E 182 -55.79 -19.89 8.35
C LEU E 182 -56.10 -21.17 7.59
N LEU E 183 -55.16 -21.62 6.76
CA LEU E 183 -55.43 -22.64 5.75
C LEU E 183 -54.57 -23.89 5.94
N LYS E 184 -55.18 -25.03 5.60
CA LYS E 184 -54.55 -26.33 5.47
C LYS E 184 -54.12 -26.58 4.03
N LYS E 185 -53.02 -27.34 3.87
CA LYS E 185 -52.39 -27.56 2.57
C LYS E 185 -53.35 -27.87 1.41
N ASN E 186 -54.44 -28.61 1.66
CA ASN E 186 -55.37 -28.93 0.58
C ASN E 186 -56.36 -27.82 0.28
N GLY E 187 -56.11 -26.61 0.78
CA GLY E 187 -56.98 -25.46 0.56
C GLY E 187 -58.13 -25.34 1.52
N ASP E 188 -58.34 -26.32 2.41
CA ASP E 188 -59.37 -26.22 3.44
C ASP E 188 -59.04 -25.07 4.39
N ILE E 189 -60.07 -24.37 4.88
CA ILE E 189 -59.83 -23.33 5.88
C ILE E 189 -59.95 -23.95 7.27
N ALA E 190 -58.84 -24.00 7.99
CA ALA E 190 -58.87 -24.48 9.37
C ALA E 190 -59.73 -23.58 10.25
N LEU E 191 -59.57 -22.26 10.13
CA LEU E 191 -60.43 -21.31 10.82
C LEU E 191 -60.65 -20.09 9.94
N HIS E 192 -61.89 -19.66 9.89
CA HIS E 192 -62.31 -18.47 9.16
C HIS E 192 -62.67 -17.43 10.21
N PHE E 193 -61.92 -16.35 10.25
CA PHE E 193 -62.08 -15.32 11.28
C PHE E 193 -62.72 -14.11 10.62
N ASN E 194 -64.04 -13.96 10.74
CA ASN E 194 -64.81 -12.99 9.95
C ASN E 194 -65.50 -11.96 10.84
N PRO E 195 -64.86 -10.83 11.13
CA PRO E 195 -65.51 -9.75 11.89
C PRO E 195 -66.47 -8.97 11.00
N ARG E 196 -67.76 -8.97 11.39
CA ARG E 196 -68.83 -8.33 10.63
C ARG E 196 -69.36 -7.15 11.44
N PHE E 197 -68.89 -5.95 11.13
CA PHE E 197 -69.36 -4.78 11.87
C PHE E 197 -70.86 -4.57 11.66
N ASP E 198 -71.36 -4.84 10.46
CA ASP E 198 -72.79 -4.79 10.21
C ASP E 198 -73.54 -5.72 11.17
N GLU E 199 -73.21 -7.02 11.17
CA GLU E 199 -73.86 -7.98 12.09
C GLU E 199 -73.39 -7.84 13.51
N LYS E 200 -72.54 -6.87 13.85
CA LYS E 200 -72.07 -6.58 15.21
C LYS E 200 -71.23 -7.70 15.84
N ALA E 201 -70.87 -8.76 15.10
CA ALA E 201 -70.24 -9.94 15.68
C ALA E 201 -69.15 -10.50 14.77
N ILE E 202 -68.30 -11.37 15.33
CA ILE E 202 -67.18 -11.96 14.59
C ILE E 202 -67.52 -13.42 14.30
N VAL E 203 -67.75 -13.73 13.05
CA VAL E 203 -68.07 -15.10 12.70
C VAL E 203 -66.80 -15.94 12.71
N ARG E 204 -66.89 -17.13 13.28
CA ARG E 204 -65.84 -18.12 13.18
C ARG E 204 -66.42 -19.38 12.58
N ASN E 205 -65.73 -19.90 11.56
CA ASN E 205 -66.20 -21.08 10.85
C ASN E 205 -65.00 -21.79 10.25
N SER E 206 -65.26 -22.97 9.69
CA SER E 206 -64.25 -23.73 8.99
C SER E 206 -64.83 -24.24 7.68
N LEU E 207 -64.00 -24.17 6.63
CA LEU E 207 -64.33 -24.66 5.30
C LEU E 207 -63.75 -26.05 5.12
N ILE E 208 -64.61 -27.05 4.92
CA ILE E 208 -64.16 -28.41 4.69
C ILE E 208 -64.84 -28.94 3.43
N SER E 209 -64.02 -29.33 2.45
CA SER E 209 -64.47 -29.96 1.22
C SER E 209 -65.39 -29.03 0.44
N GLY E 210 -64.95 -27.76 0.33
CA GLY E 210 -65.70 -26.76 -0.40
C GLY E 210 -67.02 -26.37 0.22
N GLU E 211 -67.24 -26.72 1.48
CA GLU E 211 -68.46 -26.36 2.19
C GLU E 211 -68.09 -25.59 3.44
N PHE E 212 -69.01 -24.76 3.90
CA PHE E 212 -68.87 -24.20 5.22
C PHE E 212 -69.66 -25.04 6.22
N GLY E 213 -69.25 -24.93 7.48
CA GLY E 213 -69.83 -25.63 8.60
C GLY E 213 -70.78 -24.77 9.39
N ASN E 214 -70.86 -25.05 10.71
CA ASN E 214 -72.01 -24.61 11.51
C ASN E 214 -72.10 -23.08 11.60
N GLU E 215 -71.01 -22.43 12.02
CA GLU E 215 -70.84 -20.96 12.18
C GLU E 215 -71.05 -20.54 13.63
N GLU E 216 -69.94 -20.34 14.35
CA GLU E 216 -69.97 -19.88 15.73
C GLU E 216 -69.84 -18.35 15.77
N ARG E 217 -70.75 -17.68 16.49
CA ARG E 217 -70.77 -16.21 16.46
C ARG E 217 -70.88 -15.57 17.84
N GLU E 218 -71.04 -16.35 18.91
CA GLU E 218 -71.25 -15.78 20.24
C GLU E 218 -70.08 -14.89 20.63
N GLY E 219 -70.39 -13.74 21.25
CA GLY E 219 -69.36 -12.83 21.73
C GLY E 219 -69.43 -11.42 21.19
N LYS E 220 -69.47 -10.44 22.08
CA LYS E 220 -69.53 -9.04 21.70
C LYS E 220 -68.30 -8.67 20.88
N ASN E 221 -68.48 -7.80 19.90
CA ASN E 221 -67.38 -7.49 19.01
C ASN E 221 -66.39 -6.55 19.71
N PRO E 222 -65.11 -6.93 19.80
CA PRO E 222 -64.10 -6.06 20.43
C PRO E 222 -63.34 -5.17 19.45
N LEU E 223 -63.68 -5.24 18.16
CA LEU E 223 -63.04 -4.40 17.16
C LEU E 223 -63.86 -3.13 16.99
N GLU E 224 -63.30 -2.19 16.24
CA GLU E 224 -63.89 -0.86 16.11
C GLU E 224 -63.40 -0.26 14.80
N LYS E 225 -64.34 0.05 13.90
CA LYS E 225 -64.06 0.73 12.63
C LYS E 225 -63.07 1.88 12.82
N GLY E 226 -61.83 1.73 12.37
CA GLY E 226 -60.87 2.82 12.37
C GLY E 226 -59.75 2.77 13.40
N ILE E 227 -59.83 1.93 14.42
CA ILE E 227 -58.77 1.85 15.41
C ILE E 227 -58.16 0.44 15.35
N GLY E 228 -56.83 0.38 15.40
CA GLY E 228 -56.13 -0.86 15.17
C GLY E 228 -56.24 -1.83 16.33
N CYS E 229 -55.84 -3.07 16.08
CA CYS E 229 -55.94 -4.09 17.12
C CYS E 229 -54.78 -5.07 17.04
N ASP E 230 -54.54 -5.71 18.18
CA ASP E 230 -53.59 -6.81 18.32
C ASP E 230 -54.39 -8.12 18.21
N LEU E 231 -54.36 -8.73 17.02
CA LEU E 231 -55.05 -10.01 16.80
C LEU E 231 -54.05 -11.15 16.87
N GLU E 232 -54.25 -12.05 17.85
CA GLU E 232 -53.40 -13.24 18.02
C GLU E 232 -54.23 -14.52 17.95
N PHE E 233 -53.85 -15.42 17.06
CA PHE E 233 -54.49 -16.72 16.86
C PHE E 233 -53.59 -17.79 17.49
N ARG E 234 -53.98 -18.22 18.69
CA ARG E 234 -53.22 -19.16 19.50
C ARG E 234 -53.69 -20.59 19.18
N ASN E 235 -52.78 -21.38 18.62
CA ASN E 235 -53.06 -22.76 18.22
C ASN E 235 -52.81 -23.69 19.42
N GLU E 236 -53.87 -24.05 20.15
CA GLU E 236 -53.76 -24.99 21.26
C GLU E 236 -54.01 -26.42 20.81
N GLU E 237 -53.89 -27.35 21.76
CA GLU E 237 -54.07 -28.75 21.43
C GLU E 237 -55.51 -29.05 21.00
N TYR E 238 -56.49 -28.44 21.67
CA TYR E 238 -57.91 -28.72 21.45
C TYR E 238 -58.67 -27.61 20.73
N ALA E 239 -58.12 -26.41 20.60
CA ALA E 239 -58.92 -25.30 20.09
C ALA E 239 -57.99 -24.14 19.75
N PHE E 240 -58.44 -23.27 18.86
CA PHE E 240 -57.79 -21.98 18.66
C PHE E 240 -58.25 -21.02 19.74
N GLN E 241 -57.34 -20.46 20.52
CA GLN E 241 -57.70 -19.35 21.39
C GLN E 241 -57.46 -18.04 20.63
N ILE E 242 -58.53 -17.29 20.35
CA ILE E 242 -58.39 -15.99 19.71
C ILE E 242 -58.23 -14.93 20.79
N TYR E 243 -57.10 -14.22 20.76
CA TYR E 243 -56.85 -13.10 21.64
C TYR E 243 -56.95 -11.82 20.85
N VAL E 244 -57.72 -10.86 21.36
CA VAL E 244 -57.81 -9.55 20.72
C VAL E 244 -57.37 -8.51 21.73
N ASP E 245 -56.38 -7.73 21.35
CA ASP E 245 -55.87 -6.66 22.19
C ASP E 245 -55.51 -7.19 23.58
N GLY E 246 -54.83 -8.34 23.59
CA GLY E 246 -54.33 -8.92 24.82
C GLY E 246 -55.30 -9.80 25.59
N GLU E 247 -56.61 -9.76 25.28
CA GLU E 247 -57.62 -10.48 26.07
C GLU E 247 -58.31 -11.55 25.24
N ARG E 248 -58.74 -12.62 25.93
CA ARG E 248 -59.23 -13.85 25.28
C ARG E 248 -60.64 -13.62 24.75
N PHE E 249 -60.74 -13.46 23.43
CA PHE E 249 -62.03 -13.16 22.81
C PHE E 249 -62.90 -14.40 22.70
N ALA E 250 -62.37 -15.42 22.03
CA ALA E 250 -63.12 -16.64 21.86
C ALA E 250 -62.13 -17.79 21.79
N THR E 251 -62.64 -18.98 22.10
CA THR E 251 -61.96 -20.23 21.81
C THR E 251 -62.79 -20.96 20.74
N TYR E 252 -62.10 -21.63 19.80
CA TYR E 252 -62.72 -22.26 18.64
C TYR E 252 -62.17 -23.67 18.46
N ALA E 253 -62.94 -24.68 18.86
CA ALA E 253 -62.48 -26.07 18.82
C ALA E 253 -62.15 -26.53 17.41
N HIS E 254 -61.06 -27.29 17.30
CA HIS E 254 -60.51 -27.69 16.01
C HIS E 254 -61.47 -28.63 15.28
N ARG E 255 -61.75 -28.33 14.02
CA ARG E 255 -62.51 -29.21 13.17
C ARG E 255 -61.62 -29.90 12.14
N LEU E 256 -60.33 -29.54 12.07
CA LEU E 256 -59.36 -30.31 11.31
C LEU E 256 -58.10 -30.45 12.16
N ASP E 257 -57.13 -31.20 11.62
CA ASP E 257 -55.86 -31.41 12.26
C ASP E 257 -55.17 -30.07 12.49
N PRO E 258 -54.94 -29.67 13.74
CA PRO E 258 -54.27 -28.37 13.98
C PRO E 258 -52.82 -28.30 13.48
N HIS E 259 -52.32 -29.39 12.91
CA HIS E 259 -51.00 -29.41 12.28
C HIS E 259 -51.17 -29.26 10.78
N ASP E 260 -50.17 -28.66 10.14
CA ASP E 260 -50.09 -28.42 8.70
C ASP E 260 -51.01 -27.28 8.26
N ILE E 261 -51.24 -26.34 9.16
CA ILE E 261 -51.88 -25.07 8.80
C ILE E 261 -50.78 -24.16 8.29
N ASN E 262 -50.72 -23.98 6.97
CA ASN E 262 -49.61 -23.23 6.41
C ASN E 262 -50.06 -22.30 5.28
N GLY E 263 -51.36 -21.98 5.22
CA GLY E 263 -51.86 -20.99 4.29
C GLY E 263 -52.50 -19.86 5.07
N LEU E 264 -52.23 -18.63 4.65
CA LEU E 264 -52.82 -17.46 5.27
C LEU E 264 -53.55 -16.65 4.21
N GLN E 265 -54.70 -16.10 4.58
CA GLN E 265 -55.44 -15.23 3.68
C GLN E 265 -56.08 -14.12 4.49
N ILE E 266 -55.99 -12.89 3.98
CA ILE E 266 -56.67 -11.73 4.54
C ILE E 266 -57.39 -10.99 3.42
N GLY E 267 -58.68 -10.72 3.61
CA GLY E 267 -59.44 -9.98 2.62
C GLY E 267 -60.36 -8.95 3.26
N GLY E 268 -61.20 -8.31 2.44
CA GLY E 268 -62.20 -7.42 2.99
C GLY E 268 -61.68 -6.01 3.23
N ASP E 269 -62.21 -5.38 4.27
CA ASP E 269 -62.07 -3.94 4.48
C ASP E 269 -61.16 -3.74 5.69
N VAL E 270 -59.85 -3.82 5.46
CA VAL E 270 -58.89 -3.76 6.56
C VAL E 270 -57.55 -3.31 6.02
N GLU E 271 -56.75 -2.69 6.89
CA GLU E 271 -55.35 -2.41 6.62
C GLU E 271 -54.51 -3.25 7.58
N VAL E 272 -53.43 -3.82 7.07
CA VAL E 272 -52.58 -4.65 7.92
C VAL E 272 -51.19 -4.02 7.97
N THR E 273 -50.61 -3.98 9.18
CA THR E 273 -49.26 -3.44 9.38
C THR E 273 -48.27 -4.47 9.89
N GLY E 274 -48.72 -5.68 10.20
CA GLY E 274 -47.83 -6.60 10.87
C GLY E 274 -48.36 -8.02 10.96
N ILE E 275 -47.63 -8.93 10.31
CA ILE E 275 -47.88 -10.37 10.40
C ILE E 275 -46.59 -11.03 10.86
N GLN E 276 -46.65 -11.74 11.99
CA GLN E 276 -45.50 -12.53 12.37
C GLN E 276 -45.94 -13.79 13.09
N MET E 277 -45.06 -14.78 13.12
CA MET E 277 -45.24 -15.99 13.91
C MET E 277 -44.64 -15.82 15.30
N VAL E 278 -45.16 -16.58 16.25
CA VAL E 278 -44.69 -16.57 17.64
C VAL E 278 -44.82 -18.01 18.22
N MET F 1 -5.75 24.04 4.22
CA MET F 1 -6.88 24.39 5.08
C MET F 1 -7.43 23.15 5.80
N ALA F 2 -7.35 23.15 7.14
CA ALA F 2 -7.87 22.07 7.99
C ALA F 2 -8.98 22.57 8.92
N THR F 3 -8.89 22.28 10.22
CA THR F 3 -9.94 22.64 11.17
C THR F 3 -9.89 24.16 11.44
N GLU F 4 -10.87 24.62 12.22
CA GLU F 4 -11.25 26.03 12.28
C GLU F 4 -10.72 26.65 13.57
N THR F 5 -9.41 26.88 13.63
CA THR F 5 -8.76 27.48 14.79
C THR F 5 -7.94 28.71 14.36
N ASN F 6 -8.61 29.87 14.31
CA ASN F 6 -8.10 31.24 14.04
C ASN F 6 -6.87 31.39 13.14
N TYR F 7 -6.36 32.61 13.05
CA TYR F 7 -5.09 32.91 12.39
C TYR F 7 -4.92 32.27 11.01
N PRO F 8 -5.75 32.62 10.02
CA PRO F 8 -5.65 31.96 8.71
C PRO F 8 -4.38 32.35 7.97
N VAL F 9 -3.75 31.37 7.33
CA VAL F 9 -2.60 31.67 6.49
C VAL F 9 -3.11 32.04 5.11
N PRO F 10 -2.46 32.99 4.41
CA PRO F 10 -1.34 33.73 4.97
C PRO F 10 -1.74 34.73 6.07
N TYR F 11 -1.30 34.48 7.29
CA TYR F 11 -1.45 35.46 8.35
C TYR F 11 -0.46 36.58 8.12
N ARG F 12 -0.79 37.74 8.65
CA ARG F 12 0.06 38.92 8.49
C ARG F 12 -0.43 40.02 9.43
N SER F 13 0.32 40.23 10.51
CA SER F 13 0.01 41.26 11.48
C SER F 13 0.88 42.49 11.24
N LYS F 14 0.37 43.63 11.69
CA LYS F 14 1.14 44.87 11.72
C LYS F 14 1.52 45.16 13.16
N LEU F 15 2.66 45.81 13.33
CA LEU F 15 3.23 45.97 14.66
C LEU F 15 2.73 47.29 15.26
N THR F 16 2.06 47.18 16.41
CA THR F 16 1.64 48.34 17.20
C THR F 16 2.76 49.38 17.25
N GLU F 17 3.81 49.10 18.03
CA GLU F 17 5.04 49.85 18.15
C GLU F 17 6.18 49.11 17.44
N PRO F 18 7.35 49.72 17.26
CA PRO F 18 8.46 48.99 16.63
C PRO F 18 8.88 47.78 17.46
N PHE F 19 9.66 46.92 16.82
CA PHE F 19 10.16 45.69 17.43
C PHE F 19 11.48 46.02 18.13
N GLU F 20 11.51 45.93 19.46
CA GLU F 20 12.64 46.53 20.17
C GLU F 20 13.41 45.51 21.00
N PRO F 21 14.72 45.70 21.16
CA PRO F 21 15.56 44.70 21.87
C PRO F 21 14.98 44.30 23.22
N GLY F 22 14.77 42.99 23.41
CA GLY F 22 14.17 42.44 24.61
C GLY F 22 12.84 41.76 24.40
N GLN F 23 12.14 42.12 23.32
CA GLN F 23 10.80 41.64 22.97
C GLN F 23 10.83 40.29 22.25
N THR F 24 9.83 39.45 22.51
CA THR F 24 9.82 38.10 21.93
C THR F 24 8.55 37.87 21.13
N LEU F 25 8.72 37.50 19.86
CA LEU F 25 7.65 36.98 19.02
C LEU F 25 7.58 35.47 19.21
N ILE F 26 6.36 34.95 19.39
CA ILE F 26 6.13 33.51 19.57
C ILE F 26 5.18 33.03 18.49
N ILE F 27 5.46 31.86 17.93
CA ILE F 27 4.58 31.26 16.94
C ILE F 27 4.54 29.75 17.11
N LYS F 28 3.40 29.24 17.55
CA LYS F 28 3.17 27.81 17.60
C LYS F 28 2.20 27.44 16.49
N GLY F 29 2.17 26.16 16.14
CA GLY F 29 1.25 25.69 15.12
C GLY F 29 1.38 24.20 14.91
N LYS F 30 0.43 23.67 14.13
CA LYS F 30 0.41 22.26 13.76
C LYS F 30 0.68 22.09 12.27
N THR F 31 1.35 20.98 11.95
CA THR F 31 1.75 20.56 10.61
C THR F 31 0.82 19.47 10.12
N ALA F 32 0.95 19.14 8.84
CA ALA F 32 0.36 17.94 8.27
C ALA F 32 1.46 17.05 7.71
N GLU F 33 1.16 15.74 7.56
CA GLU F 33 2.20 14.86 7.01
C GLU F 33 2.51 15.15 5.54
N ASP F 34 1.72 15.99 4.88
CA ASP F 34 2.01 16.46 3.52
C ASP F 34 2.41 17.94 3.50
N SER F 35 3.07 18.41 4.56
CA SER F 35 3.56 19.77 4.68
C SER F 35 5.00 19.85 4.15
N VAL F 36 5.24 20.77 3.22
CA VAL F 36 6.56 20.90 2.62
C VAL F 36 7.29 22.05 3.31
N ARG F 37 6.66 23.22 3.32
CA ARG F 37 7.32 24.41 3.83
C ARG F 37 6.32 25.32 4.52
N PHE F 38 6.71 25.85 5.66
CA PHE F 38 6.05 27.03 6.20
C PHE F 38 7.12 28.07 6.48
N THR F 39 6.71 29.34 6.58
CA THR F 39 7.68 30.41 6.78
C THR F 39 7.16 31.44 7.80
N ILE F 40 8.10 32.11 8.47
CA ILE F 40 7.81 33.23 9.36
C ILE F 40 8.67 34.40 8.89
N ASN F 41 8.06 35.58 8.75
CA ASN F 41 8.74 36.72 8.14
C ASN F 41 8.62 37.94 9.03
N LEU F 42 9.74 38.63 9.25
CA LEU F 42 9.74 39.96 9.86
C LEU F 42 10.15 40.93 8.77
N HIS F 43 9.34 41.95 8.53
CA HIS F 43 9.57 42.77 7.33
C HIS F 43 8.92 44.14 7.52
N ASN F 44 9.04 44.96 6.47
CA ASN F 44 8.34 46.22 6.50
C ASN F 44 7.48 46.39 5.26
N THR F 45 6.92 47.58 5.10
CA THR F 45 5.89 47.83 4.11
C THR F 45 5.77 49.29 3.69
N SER F 46 4.51 49.71 3.61
CA SER F 46 3.94 51.05 3.42
C SER F 46 2.67 51.13 4.25
N ALA F 47 1.75 50.21 3.92
CA ALA F 47 0.43 50.00 4.49
C ALA F 47 0.22 48.50 4.58
N ASP F 48 0.04 47.84 3.42
CA ASP F 48 0.16 46.38 3.30
C ASP F 48 0.96 46.08 2.01
N PHE F 49 2.25 46.46 2.01
CA PHE F 49 3.21 46.31 0.90
C PHE F 49 3.11 44.98 0.15
N SER F 50 3.58 43.93 0.84
CA SER F 50 3.85 42.59 0.35
C SER F 50 5.00 42.62 -0.64
N GLY F 51 6.17 43.14 -0.24
CA GLY F 51 7.36 42.98 -1.06
C GLY F 51 8.48 44.01 -1.07
N ASN F 52 9.00 44.40 0.09
CA ASN F 52 10.34 44.99 0.20
C ASN F 52 10.92 44.55 1.53
N ASP F 53 12.09 45.11 1.86
CA ASP F 53 12.89 44.88 3.07
C ASP F 53 12.39 43.79 4.04
N VAL F 54 13.23 42.79 4.29
CA VAL F 54 12.87 41.70 5.19
C VAL F 54 14.04 41.42 6.12
N PRO F 55 14.14 42.09 7.28
CA PRO F 55 15.33 41.91 8.10
C PRO F 55 15.55 40.48 8.53
N LEU F 56 14.49 39.67 8.69
CA LEU F 56 14.66 38.28 9.14
C LEU F 56 13.56 37.40 8.55
N HIS F 57 13.96 36.41 7.76
CA HIS F 57 13.04 35.57 7.00
C HIS F 57 13.37 34.10 7.28
N ILE F 58 12.54 33.43 8.07
CA ILE F 58 12.80 32.05 8.48
C ILE F 58 12.00 31.11 7.58
N SER F 59 12.68 30.44 6.66
CA SER F 59 12.12 29.30 5.93
C SER F 59 12.39 27.99 6.66
N VAL F 60 11.36 27.36 7.21
CA VAL F 60 11.49 26.03 7.79
C VAL F 60 10.95 25.01 6.79
N ARG F 61 11.84 24.14 6.30
CA ARG F 61 11.59 23.26 5.15
C ARG F 61 11.66 21.81 5.59
N PHE F 62 10.57 21.06 5.37
CA PHE F 62 10.56 19.64 5.68
C PHE F 62 11.17 18.80 4.56
N ASP F 63 11.42 19.39 3.39
CA ASP F 63 12.08 18.65 2.32
C ASP F 63 13.61 18.66 2.50
N GLU F 64 14.21 19.82 2.77
CA GLU F 64 15.64 19.84 3.06
C GLU F 64 15.94 19.26 4.43
N GLY F 65 14.99 19.36 5.36
CA GLY F 65 15.24 19.09 6.76
C GLY F 65 16.10 20.14 7.43
N LYS F 66 15.94 21.39 7.03
CA LYS F 66 16.70 22.48 7.63
C LYS F 66 15.78 23.67 7.85
N ILE F 67 16.18 24.51 8.78
CA ILE F 67 15.54 25.80 9.00
C ILE F 67 16.51 26.83 8.45
N VAL F 68 16.02 27.68 7.56
CA VAL F 68 16.85 28.51 6.69
C VAL F 68 16.55 29.97 6.99
N PHE F 69 17.57 30.69 7.46
CA PHE F 69 17.44 32.09 7.78
C PHE F 69 18.14 32.91 6.71
N ASN F 70 17.52 34.03 6.29
CA ASN F 70 18.10 34.95 5.31
C ASN F 70 17.42 36.30 5.42
N THR F 71 18.04 37.30 4.82
CA THR F 71 17.54 38.67 4.81
C THR F 71 17.32 39.09 3.37
N PHE F 72 16.20 39.76 3.12
CA PHE F 72 15.92 40.42 1.86
C PHE F 72 16.01 41.92 2.05
N SER F 73 16.60 42.60 1.06
CA SER F 73 16.88 44.02 1.14
C SER F 73 17.28 44.52 -0.23
N LYS F 74 16.74 45.67 -0.61
CA LYS F 74 17.14 46.36 -1.83
C LYS F 74 17.00 45.44 -3.05
N GLY F 75 15.91 44.68 -3.08
CA GLY F 75 15.63 43.81 -4.19
C GLY F 75 16.38 42.51 -4.23
N GLU F 76 17.40 42.32 -3.40
CA GLU F 76 18.24 41.14 -3.47
C GLU F 76 18.06 40.27 -2.23
N PHE F 77 18.08 38.97 -2.40
CA PHE F 77 18.32 38.15 -1.24
C PHE F 77 19.81 38.18 -0.92
N GLY F 78 20.14 37.89 0.33
CA GLY F 78 21.50 37.69 0.73
C GLY F 78 21.79 36.22 0.90
N LYS F 79 22.85 35.92 1.64
CA LYS F 79 23.27 34.54 1.82
C LYS F 79 22.48 33.88 2.93
N GLU F 80 21.85 32.75 2.60
CA GLU F 80 21.16 31.97 3.61
C GLU F 80 22.13 31.42 4.65
N GLU F 81 21.61 31.26 5.85
CA GLU F 81 22.31 30.66 6.97
C GLU F 81 21.44 29.53 7.47
N ARG F 82 21.95 28.31 7.42
CA ARG F 82 21.16 27.11 7.65
C ARG F 82 21.36 26.55 9.05
N LYS F 83 20.42 25.70 9.44
CA LYS F 83 20.41 25.07 10.75
C LYS F 83 19.50 23.86 10.70
N SER F 84 19.87 22.84 11.47
CA SER F 84 19.16 21.58 11.41
C SER F 84 17.68 21.79 11.78
N ASN F 85 16.77 21.16 11.04
CA ASN F 85 15.35 21.21 11.39
C ASN F 85 14.98 20.08 12.35
N PRO F 86 14.52 20.40 13.57
CA PRO F 86 14.12 19.32 14.49
C PRO F 86 12.85 18.60 14.07
N TYR F 87 11.91 19.32 13.50
CA TYR F 87 10.56 18.83 13.29
C TYR F 87 10.45 17.92 12.06
N LYS F 88 9.67 16.84 12.18
CA LYS F 88 9.29 16.05 11.01
C LYS F 88 7.83 16.28 10.62
N LYS F 89 7.51 15.98 9.35
CA LYS F 89 6.16 16.17 8.81
C LYS F 89 5.14 15.61 9.80
N GLY F 90 4.29 16.46 10.38
CA GLY F 90 3.29 15.99 11.31
C GLY F 90 3.18 16.62 12.69
N ASP F 91 4.29 16.73 13.42
CA ASP F 91 4.27 17.16 14.82
C ASP F 91 4.15 18.68 14.91
N ASP F 92 4.12 19.19 16.15
CA ASP F 92 3.79 20.59 16.42
C ASP F 92 5.05 21.43 16.62
N ILE F 93 4.98 22.70 16.19
CA ILE F 93 6.13 23.58 16.10
C ILE F 93 5.99 24.74 17.09
N ASP F 94 7.13 25.31 17.47
CA ASP F 94 7.24 26.36 18.49
C ASP F 94 8.50 27.17 18.13
N ILE F 95 8.34 28.08 17.17
CA ILE F 95 9.40 28.98 16.77
C ILE F 95 9.23 30.25 17.62
N ARG F 96 10.30 30.65 18.32
CA ARG F 96 10.30 31.90 19.08
C ARG F 96 11.49 32.74 18.69
N ILE F 97 11.22 34.02 18.38
CA ILE F 97 12.23 34.98 17.92
C ILE F 97 12.34 36.07 18.97
N ARG F 98 13.54 36.28 19.52
CA ARG F 98 13.75 37.35 20.48
C ARG F 98 14.84 38.30 19.98
N ALA F 99 14.45 39.56 19.74
CA ALA F 99 15.37 40.58 19.26
C ALA F 99 16.32 41.04 20.36
N HIS F 100 17.54 41.38 19.97
CA HIS F 100 18.50 42.00 20.88
C HIS F 100 19.16 43.18 20.17
N ASP F 101 20.15 43.79 20.84
CA ASP F 101 20.73 45.00 20.26
C ASP F 101 21.44 44.67 18.96
N SER F 102 22.04 43.49 18.87
CA SER F 102 22.92 43.16 17.77
C SER F 102 22.44 42.01 16.89
N LYS F 103 21.33 41.34 17.22
CA LYS F 103 20.99 40.08 16.55
C LYS F 103 19.60 39.63 16.99
N PHE F 104 19.05 38.68 16.23
CA PHE F 104 17.84 37.95 16.60
C PHE F 104 18.28 36.64 17.20
N SER F 105 17.67 36.27 18.33
CA SER F 105 17.82 34.93 18.92
C SER F 105 16.57 34.10 18.63
N ILE F 106 16.73 33.02 17.88
CA ILE F 106 15.61 32.21 17.44
C ILE F 106 15.65 30.90 18.23
N SER F 107 14.55 30.60 18.92
CA SER F 107 14.45 29.36 19.67
C SER F 107 13.37 28.47 19.06
N VAL F 108 13.71 27.20 18.92
CA VAL F 108 12.83 26.17 18.37
C VAL F 108 12.58 25.15 19.46
N ASP F 109 11.31 24.99 19.86
CA ASP F 109 10.94 24.11 20.95
C ASP F 109 11.59 24.54 22.26
N GLN F 110 11.65 25.85 22.48
CA GLN F 110 12.17 26.48 23.69
C GLN F 110 13.66 26.23 23.90
N LYS F 111 14.38 25.91 22.82
CA LYS F 111 15.82 25.69 22.83
C LYS F 111 16.43 26.63 21.80
N GLU F 112 17.25 27.58 22.24
CA GLU F 112 17.79 28.56 21.31
C GLU F 112 18.77 27.88 20.35
N VAL F 113 18.48 27.96 19.06
CA VAL F 113 19.24 27.23 18.04
C VAL F 113 20.04 28.12 17.12
N LYS F 114 19.80 29.44 17.12
CA LYS F 114 20.33 30.32 16.08
C LYS F 114 20.39 31.74 16.59
N GLU F 115 21.57 32.36 16.50
CA GLU F 115 21.69 33.80 16.62
C GLU F 115 21.98 34.37 15.24
N TYR F 116 21.15 35.29 14.81
CA TYR F 116 21.20 35.83 13.47
C TYR F 116 21.57 37.30 13.59
N GLU F 117 22.85 37.62 13.44
CA GLU F 117 23.27 39.01 13.58
C GLU F 117 22.51 39.87 12.58
N HIS F 118 22.05 41.02 13.06
CA HIS F 118 21.30 41.96 12.24
C HIS F 118 22.05 42.24 10.95
N ARG F 119 21.29 42.36 9.85
CA ARG F 119 21.86 42.79 8.58
C ARG F 119 21.32 44.14 8.11
N VAL F 120 20.08 44.47 8.47
CA VAL F 120 19.51 45.78 8.20
C VAL F 120 18.87 46.24 9.51
N PRO F 121 18.50 47.52 9.64
CA PRO F 121 18.00 48.02 10.93
C PRO F 121 16.79 47.27 11.50
N LEU F 122 16.87 47.00 12.81
CA LEU F 122 15.79 46.32 13.51
C LEU F 122 14.50 47.14 13.48
N SER F 123 14.62 48.46 13.51
CA SER F 123 13.46 49.33 13.40
C SER F 123 12.81 49.29 12.03
N SER F 124 13.27 48.43 11.12
CA SER F 124 12.49 48.25 9.91
C SER F 124 11.45 47.17 10.07
N VAL F 125 11.45 46.42 11.17
CA VAL F 125 10.49 45.34 11.39
C VAL F 125 9.19 46.00 11.81
N THR F 126 8.26 46.16 10.88
CA THR F 126 6.98 46.77 11.21
C THR F 126 5.80 45.85 10.99
N HIS F 127 5.99 44.73 10.31
CA HIS F 127 4.98 43.69 10.16
C HIS F 127 5.64 42.34 10.38
N PHE F 128 4.81 41.31 10.55
CA PHE F 128 5.31 39.95 10.38
C PHE F 128 4.23 39.07 9.77
N SER F 129 4.59 38.37 8.70
CA SER F 129 3.71 37.43 8.04
C SER F 129 4.15 36.00 8.36
N VAL F 130 3.17 35.13 8.43
CA VAL F 130 3.37 33.68 8.49
C VAL F 130 2.66 33.08 7.29
N ASP F 131 3.36 32.22 6.54
CA ASP F 131 2.74 31.55 5.42
C ASP F 131 3.40 30.19 5.16
N GLY F 132 2.63 29.30 4.53
CA GLY F 132 3.08 27.97 4.18
C GLY F 132 2.13 26.89 4.66
N ASP F 133 2.62 25.66 4.64
CA ASP F 133 1.83 24.51 5.05
C ASP F 133 1.82 24.39 6.57
N ILE F 134 1.31 25.43 7.22
CA ILE F 134 1.17 25.43 8.67
C ILE F 134 -0.25 25.86 9.03
N LEU F 135 -0.77 25.25 10.09
CA LEU F 135 -1.97 25.71 10.77
C LEU F 135 -1.55 26.33 12.09
N ILE F 136 -1.80 27.63 12.26
CA ILE F 136 -1.33 28.35 13.44
C ILE F 136 -2.27 28.14 14.62
N THR F 137 -1.69 27.91 15.80
CA THR F 137 -2.46 27.69 17.02
C THR F 137 -2.25 28.75 18.10
N TYR F 138 -1.27 29.66 17.95
CA TYR F 138 -1.03 30.71 18.95
C TYR F 138 0.08 31.66 18.55
N ILE F 139 -0.24 32.94 18.32
CA ILE F 139 0.73 33.97 17.99
C ILE F 139 0.72 35.02 19.09
N HIS F 140 1.86 35.22 19.75
CA HIS F 140 1.95 36.28 20.74
C HIS F 140 3.29 37.02 20.60
N TRP F 141 3.23 38.34 20.42
CA TRP F 141 4.43 39.16 20.47
C TRP F 141 4.37 40.08 21.67
N GLY F 142 5.50 40.22 22.35
CA GLY F 142 5.61 41.09 23.50
C GLY F 142 6.89 40.78 24.26
N GLY F 143 6.99 41.37 25.44
CA GLY F 143 8.02 41.06 26.39
C GLY F 143 8.89 42.28 26.66
N LYS F 144 10.05 42.01 27.25
CA LYS F 144 11.02 43.04 27.59
C LYS F 144 12.18 42.37 28.33
N TYR F 145 13.22 43.16 28.58
CA TYR F 145 14.29 42.74 29.47
C TYR F 145 13.76 42.87 30.88
N TYR F 146 13.54 41.74 31.55
CA TYR F 146 13.05 41.74 32.93
C TYR F 146 14.20 41.44 33.86
N PRO F 147 14.61 42.35 34.74
CA PRO F 147 15.77 42.09 35.60
C PRO F 147 15.42 41.07 36.69
N VAL F 148 16.29 40.09 36.90
CA VAL F 148 16.15 39.22 38.07
C VAL F 148 17.28 39.52 39.04
N PRO F 149 17.03 39.63 40.36
CA PRO F 149 15.71 39.49 41.00
C PRO F 149 14.74 40.54 40.50
N TYR F 150 13.47 40.20 40.62
CA TYR F 150 12.38 41.02 40.15
C TYR F 150 11.37 41.14 41.27
N GLU F 151 10.52 42.16 41.14
CA GLU F 151 9.63 42.54 42.21
C GLU F 151 8.67 43.52 41.59
N SER F 152 7.38 43.35 41.82
CA SER F 152 6.41 44.27 41.23
C SER F 152 4.97 43.95 41.64
N GLY F 153 4.13 44.98 41.66
CA GLY F 153 2.72 44.75 41.91
C GLY F 153 2.08 44.11 40.69
N LEU F 154 1.14 43.21 40.96
CA LEU F 154 0.50 42.44 39.90
C LEU F 154 -0.73 43.19 39.42
N ALA F 155 -0.84 43.34 38.09
CA ALA F 155 -1.95 44.01 37.44
C ALA F 155 -2.41 45.23 38.26
N GLY F 156 -3.47 45.06 39.01
CA GLY F 156 -3.98 46.10 39.91
C GLY F 156 -5.05 45.50 40.79
N ASP F 157 -6.00 44.82 40.16
CA ASP F 157 -6.92 43.92 40.86
C ASP F 157 -6.12 42.78 41.50
N GLY F 158 -5.54 41.90 40.67
CA GLY F 158 -4.56 40.94 41.13
C GLY F 158 -4.78 39.59 40.47
N LEU F 159 -4.28 38.56 41.15
CA LEU F 159 -4.41 37.20 40.68
C LEU F 159 -5.51 36.47 41.44
N ALA F 160 -6.75 36.93 41.40
CA ALA F 160 -7.84 36.25 42.10
C ALA F 160 -8.37 35.09 41.25
N PRO F 161 -9.14 34.17 41.84
CA PRO F 161 -9.63 33.01 41.08
C PRO F 161 -10.28 33.38 39.76
N GLY F 162 -9.96 32.58 38.73
CA GLY F 162 -10.33 32.86 37.37
C GLY F 162 -9.19 33.33 36.50
N LYS F 163 -8.21 34.03 37.08
CA LYS F 163 -7.10 34.56 36.30
C LYS F 163 -5.83 33.71 36.46
N SER F 164 -5.01 33.75 35.42
CA SER F 164 -3.77 32.98 35.31
C SER F 164 -2.60 33.93 35.12
N LEU F 165 -1.63 33.88 36.03
CA LEU F 165 -0.34 34.48 35.76
C LEU F 165 0.42 33.56 34.83
N LEU F 166 1.22 34.16 33.95
CA LEU F 166 1.85 33.41 32.88
C LEU F 166 3.23 34.00 32.67
N ILE F 167 4.25 33.15 32.74
CA ILE F 167 5.64 33.57 32.79
C ILE F 167 6.46 32.66 31.91
N PHE F 168 7.20 33.25 30.99
CA PHE F 168 8.12 32.51 30.15
C PHE F 168 9.53 32.76 30.66
N ALA F 169 10.21 31.70 31.02
CA ALA F 169 11.49 31.86 31.68
C ALA F 169 12.42 30.73 31.27
N THR F 170 13.70 31.04 31.16
CA THR F 170 14.71 30.03 30.84
C THR F 170 15.66 29.89 32.02
N PRO F 171 15.62 28.79 32.78
CA PRO F 171 16.59 28.61 33.87
C PRO F 171 18.02 28.60 33.34
N GLU F 172 18.86 29.48 33.89
CA GLU F 172 20.23 29.63 33.37
C GLU F 172 20.91 28.28 33.26
N LYS F 173 21.67 28.07 32.18
CA LYS F 173 22.16 26.71 31.91
C LYS F 173 23.10 26.18 33.00
N LYS F 174 23.65 27.03 33.86
CA LYS F 174 24.41 26.54 35.00
C LYS F 174 23.75 26.86 36.35
N GLY F 175 22.44 27.08 36.34
CA GLY F 175 21.75 27.40 37.57
C GLY F 175 21.66 26.23 38.53
N LYS F 176 21.31 26.57 39.77
CA LYS F 176 21.02 25.65 40.86
C LYS F 176 19.54 25.58 41.19
N ARG F 177 18.87 26.74 41.27
CA ARG F 177 17.48 26.85 41.70
C ARG F 177 16.98 28.29 41.54
N PHE F 178 15.76 28.48 41.05
CA PHE F 178 15.14 29.80 41.04
C PHE F 178 13.80 29.73 41.73
N HIS F 179 13.15 30.87 41.91
CA HIS F 179 11.89 30.84 42.64
C HIS F 179 10.98 31.98 42.22
N ILE F 180 9.68 31.76 42.41
CA ILE F 180 8.63 32.70 42.01
C ILE F 180 7.61 32.81 43.14
N ASN F 181 7.39 34.02 43.65
CA ASN F 181 6.54 34.23 44.83
C ASN F 181 5.29 34.96 44.39
N LEU F 182 4.14 34.31 44.48
CA LEU F 182 2.87 35.03 44.45
C LEU F 182 2.57 35.49 45.87
N LEU F 183 2.26 36.78 46.02
CA LEU F 183 2.22 37.46 47.30
C LEU F 183 0.91 38.18 47.51
N LYS F 184 0.53 38.26 48.78
CA LYS F 184 -0.63 38.97 49.30
C LYS F 184 -0.23 40.36 49.81
N LYS F 185 -1.23 41.24 49.97
CA LYS F 185 -0.96 42.64 50.29
C LYS F 185 -0.11 42.78 51.55
N ASN F 186 -0.35 41.94 52.57
CA ASN F 186 0.39 41.95 53.84
C ASN F 186 1.76 41.31 53.75
N GLY F 187 2.28 41.11 52.55
CA GLY F 187 3.59 40.57 52.35
C GLY F 187 3.69 39.06 52.40
N ASP F 188 2.65 38.37 52.87
CA ASP F 188 2.75 36.92 52.99
C ASP F 188 2.80 36.28 51.59
N ILE F 189 3.46 35.13 51.50
CA ILE F 189 3.66 34.47 50.21
C ILE F 189 2.61 33.36 50.07
N ALA F 190 1.57 33.64 49.28
CA ALA F 190 0.54 32.65 49.02
C ALA F 190 1.15 31.37 48.51
N LEU F 191 1.95 31.46 47.45
CA LEU F 191 2.56 30.29 46.84
C LEU F 191 4.01 30.61 46.51
N HIS F 192 4.91 29.83 47.09
CA HIS F 192 6.34 29.89 46.80
C HIS F 192 6.64 28.76 45.82
N PHE F 193 7.06 29.12 44.60
CA PHE F 193 7.36 28.16 43.53
C PHE F 193 8.87 28.06 43.38
N ASN F 194 9.45 26.93 43.77
CA ASN F 194 10.90 26.81 43.90
C ASN F 194 11.40 25.56 43.18
N PRO F 195 11.76 25.68 41.91
CA PRO F 195 12.48 24.58 41.25
C PRO F 195 13.85 24.42 41.89
N ARG F 196 14.32 23.18 41.95
CA ARG F 196 15.64 22.89 42.52
C ARG F 196 16.27 21.79 41.69
N PHE F 197 17.33 22.14 40.95
CA PHE F 197 17.97 21.20 40.05
C PHE F 197 18.98 20.32 40.77
N ASP F 198 19.49 20.75 41.91
CA ASP F 198 20.28 19.87 42.77
C ASP F 198 19.39 18.82 43.44
N GLU F 199 18.24 19.23 43.94
CA GLU F 199 17.33 18.32 44.63
C GLU F 199 16.41 17.59 43.67
N LYS F 200 16.57 17.81 42.37
CA LYS F 200 15.74 17.17 41.35
C LYS F 200 14.25 17.43 41.57
N ALA F 201 13.86 18.59 42.10
CA ALA F 201 12.45 18.78 42.47
C ALA F 201 12.06 20.25 42.42
N ILE F 202 10.74 20.46 42.41
CA ILE F 202 10.14 21.80 42.36
C ILE F 202 9.32 21.93 43.63
N VAL F 203 9.92 22.52 44.66
CA VAL F 203 9.19 22.66 45.91
C VAL F 203 8.06 23.67 45.73
N ARG F 204 6.94 23.41 46.37
CA ARG F 204 5.93 24.43 46.57
C ARG F 204 5.71 24.61 48.06
N ASN F 205 5.32 25.81 48.46
CA ASN F 205 5.04 26.08 49.87
C ASN F 205 4.45 27.48 49.99
N SER F 206 3.95 27.79 51.19
CA SER F 206 3.44 29.12 51.50
C SER F 206 4.17 29.67 52.71
N LEU F 207 4.43 30.99 52.68
CA LEU F 207 5.01 31.75 53.79
C LEU F 207 3.86 32.52 54.44
N ILE F 208 3.57 32.23 55.72
CA ILE F 208 2.48 32.86 56.46
C ILE F 208 3.00 33.41 57.79
N SER F 209 2.98 34.74 57.91
CA SER F 209 3.30 35.46 59.13
C SER F 209 4.61 34.94 59.74
N GLY F 210 5.66 35.17 58.97
CA GLY F 210 6.99 34.70 59.34
C GLY F 210 7.29 33.27 58.92
N GLU F 211 6.35 32.35 59.15
CA GLU F 211 6.62 30.92 59.05
C GLU F 211 6.54 30.45 57.60
N PHE F 212 7.29 29.40 57.29
CA PHE F 212 7.07 28.63 56.08
C PHE F 212 6.33 27.36 56.42
N GLY F 213 5.45 26.92 55.53
CA GLY F 213 4.62 25.77 55.80
C GLY F 213 5.17 24.40 55.43
N ASN F 214 4.31 23.56 54.84
CA ASN F 214 4.49 22.12 54.90
C ASN F 214 5.55 21.62 53.91
N GLU F 215 5.64 22.23 52.73
CA GLU F 215 6.61 21.89 51.66
C GLU F 215 6.16 20.71 50.82
N GLU F 216 5.32 20.96 49.82
CA GLU F 216 4.94 19.95 48.85
C GLU F 216 6.01 19.86 47.74
N ARG F 217 6.43 18.64 47.41
CA ARG F 217 7.50 18.50 46.43
C ARG F 217 7.26 17.37 45.45
N GLU F 218 6.27 16.51 45.67
CA GLU F 218 6.00 15.43 44.73
C GLU F 218 5.78 15.99 43.33
N GLY F 219 6.45 15.39 42.36
CA GLY F 219 6.33 15.81 40.98
C GLY F 219 7.66 15.72 40.27
N LYS F 220 7.68 15.02 39.14
CA LYS F 220 8.91 14.81 38.37
C LYS F 220 9.27 16.12 37.67
N ASN F 221 10.44 16.69 38.03
CA ASN F 221 10.85 18.02 37.57
C ASN F 221 10.77 18.17 36.05
N PRO F 222 9.82 18.94 35.51
CA PRO F 222 9.73 19.14 34.06
C PRO F 222 10.58 20.28 33.53
N LEU F 223 11.33 20.95 34.40
CA LEU F 223 12.26 21.95 33.91
C LEU F 223 13.53 21.27 33.44
N GLU F 224 14.32 22.02 32.69
CA GLU F 224 15.65 21.57 32.27
C GLU F 224 16.49 22.84 32.11
N LYS F 225 17.63 22.88 32.80
CA LYS F 225 18.50 24.05 32.69
C LYS F 225 18.80 24.31 31.23
N GLY F 226 18.61 25.56 30.80
CA GLY F 226 18.93 25.99 29.47
C GLY F 226 17.74 26.07 28.53
N ILE F 227 16.70 25.25 28.72
CA ILE F 227 15.53 25.29 27.84
C ILE F 227 14.51 26.25 28.42
N GLY F 228 13.83 26.99 27.54
CA GLY F 228 12.73 27.82 27.98
C GLY F 228 11.52 26.99 28.39
N CYS F 229 10.62 27.64 29.13
CA CYS F 229 9.41 26.97 29.58
C CYS F 229 8.31 28.00 29.73
N ASP F 230 7.07 27.54 29.65
CA ASP F 230 5.89 28.39 29.83
C ASP F 230 5.26 28.04 31.17
N LEU F 231 5.68 28.75 32.22
CA LEU F 231 5.11 28.60 33.55
C LEU F 231 3.76 29.29 33.62
N GLU F 232 2.70 28.53 33.91
CA GLU F 232 1.34 29.06 34.05
C GLU F 232 0.79 28.76 35.44
N PHE F 233 0.63 29.80 36.25
CA PHE F 233 -0.05 29.68 37.53
C PHE F 233 -1.54 30.02 37.30
N ARG F 234 -2.38 28.98 37.33
CA ARG F 234 -3.83 29.10 37.16
C ARG F 234 -4.47 29.17 38.56
N ASN F 235 -4.98 30.35 38.93
CA ASN F 235 -5.58 30.55 40.26
C ASN F 235 -7.03 30.13 40.22
N GLU F 236 -7.33 28.94 40.77
CA GLU F 236 -8.71 28.44 40.82
C GLU F 236 -9.30 28.57 42.24
N GLU F 237 -10.53 28.08 42.39
CA GLU F 237 -11.25 28.36 43.63
C GLU F 237 -10.65 27.59 44.82
N TYR F 238 -10.18 26.36 44.60
CA TYR F 238 -9.67 25.53 45.69
C TYR F 238 -8.17 25.27 45.63
N ALA F 239 -7.51 25.48 44.48
CA ALA F 239 -6.09 25.20 44.36
C ALA F 239 -5.47 26.11 43.29
N PHE F 240 -4.16 26.28 43.37
CA PHE F 240 -3.40 26.75 42.21
C PHE F 240 -3.11 25.54 41.34
N GLN F 241 -3.39 25.65 40.04
CA GLN F 241 -3.00 24.62 39.08
C GLN F 241 -1.76 25.10 38.37
N ILE F 242 -0.62 24.58 38.77
CA ILE F 242 0.63 24.93 38.11
C ILE F 242 0.71 24.17 36.79
N TYR F 243 0.85 24.91 35.69
CA TYR F 243 1.06 24.35 34.37
C TYR F 243 2.46 24.72 33.88
N VAL F 244 3.24 23.70 33.53
CA VAL F 244 4.57 23.89 32.96
C VAL F 244 4.55 23.34 31.55
N ASP F 245 4.78 24.21 30.58
CA ASP F 245 4.77 23.85 29.16
C ASP F 245 3.42 23.23 28.77
N GLY F 246 2.33 23.89 29.19
CA GLY F 246 1.01 23.52 28.75
C GLY F 246 0.43 22.25 29.34
N GLU F 247 1.19 21.48 30.13
CA GLU F 247 0.66 20.28 30.78
C GLU F 247 0.73 20.43 32.30
N ARG F 248 -0.38 20.13 32.96
CA ARG F 248 -0.55 20.30 34.41
C ARG F 248 0.53 19.56 35.17
N PHE F 249 1.35 20.32 35.91
CA PHE F 249 2.43 19.74 36.71
C PHE F 249 1.97 19.40 38.11
N ALA F 250 1.58 20.41 38.88
CA ALA F 250 1.15 20.18 40.24
C ALA F 250 -0.12 20.97 40.47
N THR F 251 -0.88 20.53 41.44
CA THR F 251 -1.91 21.35 42.02
C THR F 251 -1.48 21.67 43.44
N TYR F 252 -1.83 22.85 43.89
CA TYR F 252 -1.40 23.32 45.20
C TYR F 252 -2.63 23.90 45.87
N ALA F 253 -3.15 23.20 46.88
CA ALA F 253 -4.36 23.67 47.56
C ALA F 253 -4.07 24.95 48.32
N HIS F 254 -5.06 25.84 48.37
CA HIS F 254 -4.87 27.17 48.93
C HIS F 254 -4.72 27.15 50.44
N ARG F 255 -3.71 27.86 50.94
CA ARG F 255 -3.47 28.02 52.37
C ARG F 255 -3.79 29.44 52.88
N LEU F 256 -4.16 30.34 51.97
CA LEU F 256 -4.54 31.72 52.24
C LEU F 256 -5.66 32.08 51.27
N ASP F 257 -6.47 33.07 51.66
CA ASP F 257 -7.53 33.62 50.83
C ASP F 257 -6.95 33.80 49.43
N PRO F 258 -7.47 33.09 48.42
CA PRO F 258 -6.89 33.20 47.07
C PRO F 258 -7.23 34.49 46.33
N HIS F 259 -7.92 35.42 46.99
CA HIS F 259 -8.19 36.72 46.42
C HIS F 259 -7.13 37.70 46.91
N ASP F 260 -6.93 38.76 46.15
CA ASP F 260 -6.05 39.87 46.57
C ASP F 260 -4.58 39.44 46.63
N ILE F 261 -4.15 38.65 45.64
CA ILE F 261 -2.75 38.27 45.48
C ILE F 261 -2.20 39.28 44.49
N ASN F 262 -1.70 40.38 45.04
CA ASN F 262 -1.34 41.58 44.32
C ASN F 262 0.14 41.68 43.98
N GLY F 263 1.00 40.92 44.67
CA GLY F 263 2.44 41.04 44.53
C GLY F 263 3.12 39.91 43.77
N LEU F 264 4.32 40.16 43.25
CA LEU F 264 5.03 39.18 42.45
C LEU F 264 6.53 39.27 42.77
N GLN F 265 7.22 38.13 42.74
CA GLN F 265 8.63 38.09 43.13
C GLN F 265 9.35 36.95 42.43
N ILE F 266 10.26 37.26 41.52
CA ILE F 266 11.07 36.26 40.86
C ILE F 266 12.53 36.47 41.26
N GLY F 267 13.19 35.37 41.66
CA GLY F 267 14.57 35.45 42.10
C GLY F 267 15.34 34.28 41.54
N GLY F 268 16.62 34.19 41.93
CA GLY F 268 17.42 33.01 41.62
C GLY F 268 17.90 32.95 40.19
N ASP F 269 18.28 31.73 39.78
CA ASP F 269 19.03 31.52 38.53
C ASP F 269 18.06 31.30 37.38
N VAL F 270 17.52 32.39 36.87
CA VAL F 270 16.53 32.28 35.81
C VAL F 270 16.56 33.57 35.01
N GLU F 271 16.26 33.45 33.72
CA GLU F 271 16.02 34.57 32.82
C GLU F 271 14.53 34.62 32.50
N VAL F 272 13.96 35.82 32.50
CA VAL F 272 12.52 35.98 32.33
C VAL F 272 12.28 36.79 31.05
N THR F 273 11.59 36.18 30.07
CA THR F 273 11.34 36.88 28.81
C THR F 273 9.86 37.24 28.61
N GLY F 274 9.03 37.08 29.63
CA GLY F 274 7.65 37.48 29.51
C GLY F 274 6.84 37.23 30.78
N ILE F 275 6.24 38.29 31.31
CA ILE F 275 5.34 38.20 32.45
C ILE F 275 4.02 38.77 32.00
N GLN F 276 2.95 38.00 32.10
CA GLN F 276 1.65 38.58 31.79
C GLN F 276 0.51 37.85 32.51
N MET F 277 -0.47 38.62 32.96
CA MET F 277 -1.69 38.09 33.54
C MET F 277 -2.71 37.80 32.44
N VAL F 278 -3.38 36.65 32.56
CA VAL F 278 -4.42 36.27 31.62
C VAL F 278 -5.68 35.99 32.41
N MET G 1 4.35 31.19 -11.21
CA MET G 1 4.65 30.90 -9.81
C MET G 1 3.73 29.81 -9.25
N ALA G 2 4.29 28.64 -8.88
CA ALA G 2 3.51 27.57 -8.25
C ALA G 2 3.56 27.71 -6.72
N THR G 3 3.71 26.60 -5.98
CA THR G 3 3.94 26.60 -4.54
C THR G 3 4.83 27.76 -4.12
N GLU G 4 4.65 28.35 -2.95
CA GLU G 4 5.71 29.26 -2.52
C GLU G 4 6.67 28.58 -1.55
N THR G 5 7.25 27.51 -2.10
CA THR G 5 8.48 26.81 -1.76
C THR G 5 9.65 27.81 -1.64
N ASN G 6 9.32 29.06 -1.33
CA ASN G 6 10.27 30.16 -1.21
C ASN G 6 10.84 30.53 -2.57
N TYR G 7 11.90 31.32 -2.54
CA TYR G 7 12.68 31.70 -3.71
C TYR G 7 11.75 32.25 -4.78
N PRO G 8 11.41 33.54 -4.70
CA PRO G 8 10.60 34.14 -5.76
C PRO G 8 11.44 34.30 -7.02
N VAL G 9 10.92 33.79 -8.13
CA VAL G 9 11.54 34.09 -9.42
C VAL G 9 10.93 35.38 -9.95
N PRO G 10 11.72 36.36 -10.41
CA PRO G 10 13.18 36.41 -10.55
C PRO G 10 13.90 36.51 -9.21
N TYR G 11 14.84 35.61 -9.02
CA TYR G 11 15.55 35.50 -7.76
C TYR G 11 16.96 36.05 -7.93
N ARG G 12 17.30 37.04 -7.11
CA ARG G 12 18.60 37.69 -7.19
C ARG G 12 19.25 37.73 -5.81
N SER G 13 20.53 37.36 -5.75
CA SER G 13 21.22 37.28 -4.48
C SER G 13 22.57 37.96 -4.61
N LYS G 14 22.96 38.71 -3.57
CA LYS G 14 24.23 39.42 -3.52
C LYS G 14 25.24 38.56 -2.78
N LEU G 15 26.33 38.19 -3.44
CA LEU G 15 27.37 37.43 -2.74
C LEU G 15 28.04 38.31 -1.69
N THR G 16 28.54 37.64 -0.64
CA THR G 16 29.24 38.34 0.44
C THR G 16 30.58 38.87 -0.05
N GLU G 17 31.37 38.00 -0.66
CA GLU G 17 32.66 38.36 -1.23
C GLU G 17 32.54 38.07 -2.72
N PRO G 18 33.50 38.43 -3.56
CA PRO G 18 33.36 38.07 -4.97
C PRO G 18 33.58 36.57 -5.14
N PHE G 19 33.03 36.04 -6.22
CA PHE G 19 33.10 34.61 -6.49
C PHE G 19 34.55 34.21 -6.74
N GLU G 20 35.01 33.13 -6.11
CA GLU G 20 36.42 32.77 -6.19
C GLU G 20 36.63 31.30 -6.52
N PRO G 21 37.81 30.94 -7.01
CA PRO G 21 38.09 29.54 -7.38
C PRO G 21 37.99 28.61 -6.17
N GLY G 22 37.37 27.45 -6.38
CA GLY G 22 37.06 26.51 -5.33
C GLY G 22 35.63 26.56 -4.86
N GLN G 23 34.95 27.69 -5.11
CA GLN G 23 33.57 27.88 -4.67
C GLN G 23 32.59 27.28 -5.68
N THR G 24 31.34 27.11 -5.25
CA THR G 24 30.37 26.39 -6.06
C THR G 24 28.96 26.93 -5.83
N LEU G 25 28.29 27.34 -6.92
CA LEU G 25 26.86 27.67 -6.89
C LEU G 25 26.05 26.42 -7.19
N ILE G 26 25.03 26.16 -6.37
CA ILE G 26 24.14 25.01 -6.51
C ILE G 26 22.73 25.51 -6.69
N ILE G 27 22.02 25.01 -7.71
CA ILE G 27 20.66 25.44 -8.00
C ILE G 27 19.83 24.20 -8.29
N LYS G 28 18.91 23.88 -7.39
CA LYS G 28 17.92 22.83 -7.56
C LYS G 28 16.53 23.46 -7.72
N GLY G 29 15.62 22.68 -8.30
CA GLY G 29 14.28 23.20 -8.62
C GLY G 29 13.44 22.30 -9.52
N LYS G 30 12.12 22.49 -9.51
CA LYS G 30 11.20 21.70 -10.32
C LYS G 30 10.71 22.49 -11.51
N THR G 31 10.50 21.77 -12.61
CA THR G 31 9.98 22.33 -13.85
C THR G 31 8.53 21.91 -14.03
N ALA G 32 7.93 22.45 -15.08
CA ALA G 32 6.56 22.13 -15.46
C ALA G 32 6.56 21.63 -16.89
N GLU G 33 5.55 20.82 -17.25
CA GLU G 33 5.54 20.37 -18.64
C GLU G 33 5.17 21.50 -19.59
N ASP G 34 4.88 22.69 -19.08
CA ASP G 34 4.72 23.88 -19.92
C ASP G 34 5.92 24.81 -19.82
N SER G 35 7.05 24.31 -19.34
CA SER G 35 8.25 25.13 -19.16
C SER G 35 8.99 25.26 -20.47
N VAL G 36 9.29 26.51 -20.86
CA VAL G 36 10.00 26.80 -22.10
C VAL G 36 11.51 26.92 -21.84
N ARG G 37 11.92 27.83 -20.96
CA ARG G 37 13.34 28.02 -20.67
C ARG G 37 13.46 28.88 -19.42
N PHE G 38 14.40 28.52 -18.54
CA PHE G 38 14.83 29.41 -17.48
C PHE G 38 16.27 29.80 -17.73
N THR G 39 16.83 30.62 -16.83
CA THR G 39 18.21 31.07 -16.99
C THR G 39 18.87 31.26 -15.63
N ILE G 40 20.19 31.09 -15.62
CA ILE G 40 21.05 31.39 -14.49
C ILE G 40 22.08 32.38 -14.98
N ASN G 41 22.31 33.44 -14.23
CA ASN G 41 23.25 34.46 -14.65
C ASN G 41 24.12 34.85 -13.48
N LEU G 42 25.41 34.79 -13.68
CA LEU G 42 26.37 35.35 -12.73
C LEU G 42 26.78 36.71 -13.26
N HIS G 43 26.53 37.78 -12.50
CA HIS G 43 26.64 39.15 -13.03
C HIS G 43 27.20 40.10 -11.98
N ASN G 44 27.45 41.36 -12.39
CA ASN G 44 27.76 42.42 -11.45
C ASN G 44 26.63 43.45 -11.44
N THR G 45 26.91 44.64 -10.90
CA THR G 45 25.87 45.65 -10.78
C THR G 45 26.43 47.08 -10.81
N SER G 46 26.34 47.71 -9.64
CA SER G 46 26.23 49.15 -9.40
C SER G 46 25.72 49.40 -7.99
N ALA G 47 25.42 48.30 -7.29
CA ALA G 47 24.56 48.10 -6.11
C ALA G 47 23.39 47.23 -6.58
N ASP G 48 22.73 47.66 -7.67
CA ASP G 48 21.60 46.97 -8.31
C ASP G 48 21.38 47.40 -9.77
N PHE G 49 22.22 46.94 -10.72
CA PHE G 49 22.18 47.50 -12.08
C PHE G 49 20.94 47.06 -12.86
N SER G 50 20.80 45.73 -13.08
CA SER G 50 19.78 45.06 -13.90
C SER G 50 20.15 45.04 -15.39
N GLY G 51 21.45 45.00 -15.69
CA GLY G 51 21.92 44.91 -17.06
C GLY G 51 23.29 45.52 -17.29
N ASN G 52 24.34 44.73 -17.04
CA ASN G 52 25.73 45.13 -17.23
C ASN G 52 26.62 43.99 -16.76
N ASP G 53 27.61 43.62 -17.59
CA ASP G 53 28.62 42.58 -17.34
C ASP G 53 28.07 41.28 -16.73
N VAL G 54 27.91 40.26 -17.57
CA VAL G 54 27.45 38.94 -17.12
C VAL G 54 28.53 37.92 -17.45
N PRO G 55 29.43 37.64 -16.50
CA PRO G 55 30.55 36.73 -16.78
C PRO G 55 30.13 35.37 -17.26
N LEU G 56 29.04 34.82 -16.74
CA LEU G 56 28.51 33.56 -17.23
C LEU G 56 26.98 33.63 -17.29
N HIS G 57 26.42 33.61 -18.51
CA HIS G 57 24.99 33.45 -18.71
C HIS G 57 24.70 32.01 -19.14
N ILE G 58 23.76 31.38 -18.46
CA ILE G 58 23.32 30.03 -18.78
C ILE G 58 21.85 30.12 -19.13
N SER G 59 21.50 29.69 -20.34
CA SER G 59 20.10 29.58 -20.73
C SER G 59 19.81 28.12 -21.02
N VAL G 60 19.04 27.49 -20.15
CA VAL G 60 18.56 26.12 -20.32
C VAL G 60 17.19 26.19 -20.97
N ARG G 61 17.09 25.71 -22.21
CA ARG G 61 15.87 25.84 -23.00
C ARG G 61 15.35 24.46 -23.40
N PHE G 62 14.08 24.19 -23.06
CA PHE G 62 13.41 22.94 -23.41
C PHE G 62 12.92 22.88 -24.85
N ASP G 63 12.76 24.03 -25.50
CA ASP G 63 12.46 24.07 -26.93
C ASP G 63 13.63 23.44 -27.69
N GLU G 64 14.71 24.19 -27.85
CA GLU G 64 15.86 23.72 -28.62
C GLU G 64 16.47 22.47 -28.01
N GLY G 65 16.12 22.13 -26.77
CA GLY G 65 16.78 21.03 -26.11
C GLY G 65 18.27 21.22 -25.94
N LYS G 66 18.73 22.47 -25.95
CA LYS G 66 20.14 22.76 -25.87
C LYS G 66 20.35 23.71 -24.71
N ILE G 67 21.19 23.31 -23.75
CA ILE G 67 21.70 24.31 -22.82
C ILE G 67 22.65 25.22 -23.58
N VAL G 68 22.45 26.53 -23.46
CA VAL G 68 23.30 27.53 -24.10
C VAL G 68 24.11 28.26 -23.01
N PHE G 69 25.39 28.47 -23.29
CA PHE G 69 26.24 29.26 -22.42
C PHE G 69 26.70 30.50 -23.17
N ASN G 70 26.98 31.57 -22.44
CA ASN G 70 27.41 32.81 -23.08
C ASN G 70 27.92 33.80 -22.04
N THR G 71 28.42 34.93 -22.54
CA THR G 71 28.84 36.05 -21.71
C THR G 71 28.27 37.35 -22.28
N PHE G 72 27.96 38.29 -21.38
CA PHE G 72 27.50 39.63 -21.73
C PHE G 72 28.54 40.61 -21.22
N SER G 73 29.21 41.32 -22.12
CA SER G 73 30.12 42.34 -21.67
C SER G 73 30.16 43.43 -22.74
N LYS G 74 30.47 44.66 -22.32
CA LYS G 74 30.49 45.81 -23.22
C LYS G 74 29.15 46.02 -23.92
N GLY G 75 28.07 45.50 -23.34
CA GLY G 75 26.73 45.68 -23.87
C GLY G 75 26.30 44.66 -24.89
N GLU G 76 27.16 43.72 -25.28
CA GLU G 76 26.83 42.76 -26.33
C GLU G 76 27.02 41.33 -25.82
N PHE G 77 26.45 40.37 -26.57
CA PHE G 77 26.67 38.94 -26.37
C PHE G 77 27.80 38.42 -27.27
N GLY G 78 28.62 37.51 -26.71
CA GLY G 78 29.61 36.78 -27.49
C GLY G 78 29.02 35.47 -28.04
N LYS G 79 29.86 34.71 -28.73
CA LYS G 79 29.35 33.51 -29.41
C LYS G 79 28.78 32.51 -28.40
N GLU G 80 27.69 31.83 -28.78
CA GLU G 80 27.07 30.87 -27.87
C GLU G 80 27.84 29.57 -27.93
N GLU G 81 28.38 29.14 -26.80
CA GLU G 81 28.72 27.73 -26.63
C GLU G 81 27.44 26.98 -26.28
N ARG G 82 27.36 25.70 -26.68
CA ARG G 82 26.14 24.93 -26.45
C ARG G 82 26.50 23.52 -26.03
N LYS G 83 25.46 22.80 -25.59
CA LYS G 83 25.56 21.46 -25.05
C LYS G 83 24.15 20.90 -24.95
N SER G 84 23.99 19.59 -25.19
CA SER G 84 22.65 19.03 -25.28
C SER G 84 22.00 19.01 -23.90
N ASN G 85 20.74 19.47 -23.83
CA ASN G 85 19.95 19.56 -22.60
C ASN G 85 19.41 18.18 -22.22
N PRO G 86 19.96 17.56 -21.16
CA PRO G 86 19.47 16.24 -20.74
C PRO G 86 18.14 16.30 -20.03
N TYR G 87 17.70 17.47 -19.61
CA TYR G 87 16.39 17.62 -19.02
C TYR G 87 15.28 17.55 -20.06
N LYS G 88 14.17 16.98 -19.65
CA LYS G 88 12.93 16.89 -20.39
C LYS G 88 11.90 17.73 -19.64
N LYS G 89 10.95 18.34 -20.35
CA LYS G 89 9.97 19.19 -19.65
C LYS G 89 9.36 18.44 -18.47
N GLY G 90 9.04 19.17 -17.42
CA GLY G 90 8.72 18.52 -16.16
C GLY G 90 10.04 18.11 -15.56
N ASP G 91 10.06 17.06 -14.74
CA ASP G 91 11.17 16.52 -13.93
C ASP G 91 12.08 17.59 -13.33
N ASP G 92 12.99 17.16 -12.46
CA ASP G 92 13.67 18.10 -11.59
C ASP G 92 15.05 18.41 -12.12
N ILE G 93 15.57 19.58 -11.74
CA ILE G 93 16.83 20.10 -12.25
C ILE G 93 17.80 20.30 -11.09
N ASP G 94 19.10 20.22 -11.42
CA ASP G 94 20.18 20.36 -10.46
C ASP G 94 21.45 20.83 -11.16
N ILE G 95 21.53 22.14 -11.46
CA ILE G 95 22.70 22.77 -12.07
C ILE G 95 23.67 23.16 -10.97
N ARG G 96 24.97 22.95 -11.20
CA ARG G 96 26.01 23.34 -10.26
C ARG G 96 27.17 23.98 -11.02
N ILE G 97 27.72 25.03 -10.45
CA ILE G 97 28.72 25.84 -11.12
C ILE G 97 29.91 26.01 -10.19
N ARG G 98 31.05 25.48 -10.56
CA ARG G 98 32.25 25.68 -9.78
C ARG G 98 33.17 26.64 -10.53
N ALA G 99 33.55 27.73 -9.86
CA ALA G 99 34.53 28.64 -10.42
C ALA G 99 35.96 28.09 -10.24
N HIS G 100 36.76 28.28 -11.28
CA HIS G 100 38.17 27.95 -11.28
C HIS G 100 38.95 29.13 -11.85
N ASP G 101 40.29 29.06 -11.79
CA ASP G 101 41.04 30.18 -12.32
C ASP G 101 40.93 30.27 -13.84
N SER G 102 40.70 29.14 -14.52
CA SER G 102 40.64 29.12 -15.98
C SER G 102 39.23 29.08 -16.56
N LYS G 103 38.24 28.64 -15.78
CA LYS G 103 36.94 28.26 -16.33
C LYS G 103 35.91 28.17 -15.21
N PHE G 104 34.64 28.11 -15.64
CA PHE G 104 33.59 27.52 -14.84
C PHE G 104 33.52 26.04 -15.17
N SER G 105 33.05 25.27 -14.21
CA SER G 105 32.73 23.86 -14.42
C SER G 105 31.25 23.68 -14.11
N ILE G 106 30.46 23.32 -15.11
CA ILE G 106 29.03 23.19 -14.93
C ILE G 106 28.67 21.71 -14.82
N SER G 107 27.99 21.37 -13.74
CA SER G 107 27.42 20.04 -13.58
C SER G 107 25.91 20.08 -13.80
N VAL G 108 25.39 18.95 -14.24
CA VAL G 108 23.96 18.73 -14.33
C VAL G 108 23.67 17.39 -13.68
N ASP G 109 22.56 17.30 -12.94
CA ASP G 109 22.23 16.11 -12.18
C ASP G 109 23.49 15.43 -11.66
N GLN G 110 24.38 16.23 -11.10
CA GLN G 110 25.61 15.79 -10.45
C GLN G 110 26.65 15.30 -11.43
N LYS G 111 26.46 15.49 -12.74
CA LYS G 111 27.36 15.02 -13.78
C LYS G 111 27.87 16.21 -14.58
N GLU G 112 29.17 16.49 -14.48
CA GLU G 112 29.75 17.60 -15.21
C GLU G 112 29.40 17.51 -16.69
N VAL G 113 29.18 18.66 -17.33
CA VAL G 113 28.79 18.68 -18.73
C VAL G 113 29.61 19.73 -19.47
N LYS G 114 29.78 20.90 -18.86
CA LYS G 114 30.37 22.01 -19.56
C LYS G 114 31.49 22.60 -18.72
N GLU G 115 32.65 22.72 -19.33
CA GLU G 115 33.66 23.66 -18.88
C GLU G 115 33.51 24.89 -19.76
N TYR G 116 33.31 26.04 -19.14
CA TYR G 116 33.15 27.30 -19.85
C TYR G 116 34.36 28.18 -19.55
N GLU G 117 35.11 28.52 -20.58
CA GLU G 117 36.36 29.24 -20.39
C GLU G 117 36.10 30.69 -20.01
N HIS G 118 36.89 31.20 -19.06
CA HIS G 118 36.73 32.57 -18.58
C HIS G 118 36.97 33.57 -19.70
N ARG G 119 35.94 34.35 -20.01
CA ARG G 119 36.00 35.42 -21.01
C ARG G 119 36.08 36.82 -20.40
N VAL G 120 35.50 37.01 -19.22
CA VAL G 120 35.53 38.27 -18.46
C VAL G 120 35.94 37.93 -17.03
N PRO G 121 36.52 38.88 -16.29
CA PRO G 121 36.99 38.57 -14.93
C PRO G 121 35.96 37.90 -14.03
N LEU G 122 36.42 36.88 -13.31
CA LEU G 122 35.59 36.24 -12.29
C LEU G 122 35.27 37.21 -11.17
N SER G 123 36.28 37.97 -10.73
CA SER G 123 36.18 39.16 -9.90
C SER G 123 34.89 39.96 -10.07
N SER G 124 34.35 40.00 -11.31
CA SER G 124 33.14 40.79 -11.59
C SER G 124 31.86 40.12 -11.11
N VAL G 125 31.86 38.82 -10.86
CA VAL G 125 30.66 38.20 -10.30
C VAL G 125 30.53 38.64 -8.84
N THR G 126 29.57 39.53 -8.59
CA THR G 126 29.16 39.96 -7.25
C THR G 126 27.73 39.54 -6.90
N HIS G 127 26.90 39.24 -7.91
CA HIS G 127 25.53 38.76 -7.79
C HIS G 127 25.31 37.57 -8.71
N PHE G 128 24.37 36.71 -8.35
CA PHE G 128 23.87 35.74 -9.31
C PHE G 128 22.34 35.75 -9.29
N SER G 129 21.76 35.48 -10.46
CA SER G 129 20.31 35.62 -10.68
C SER G 129 19.76 34.37 -11.34
N VAL G 130 18.50 34.06 -11.02
CA VAL G 130 17.80 32.92 -11.63
C VAL G 130 16.43 33.41 -12.08
N ASP G 131 16.21 33.43 -13.38
CA ASP G 131 14.92 33.78 -13.93
C ASP G 131 14.37 32.61 -14.72
N GLY G 132 13.08 32.68 -15.05
CA GLY G 132 12.53 31.79 -16.04
C GLY G 132 11.49 30.78 -15.59
N ASP G 133 11.28 29.76 -16.42
CA ASP G 133 10.22 28.79 -16.21
C ASP G 133 10.70 27.73 -15.23
N ILE G 134 10.89 28.15 -14.00
CA ILE G 134 11.44 27.24 -12.98
C ILE G 134 10.92 27.68 -11.62
N LEU G 135 10.46 26.70 -10.86
CA LEU G 135 10.21 26.87 -9.44
C LEU G 135 11.49 26.48 -8.70
N ILE G 136 12.16 27.48 -8.09
CA ILE G 136 13.41 27.21 -7.41
C ILE G 136 13.12 26.54 -6.06
N THR G 137 13.85 25.46 -5.76
CA THR G 137 13.62 24.70 -4.53
C THR G 137 14.82 24.62 -3.62
N TYR G 138 16.00 25.06 -4.07
CA TYR G 138 17.19 24.99 -3.25
C TYR G 138 18.35 25.67 -3.96
N ILE G 139 18.88 26.75 -3.40
CA ILE G 139 20.15 27.28 -3.87
C ILE G 139 21.10 27.46 -2.69
N HIS G 140 22.35 27.07 -2.90
CA HIS G 140 23.41 27.27 -1.93
C HIS G 140 24.68 27.59 -2.70
N TRP G 141 25.51 28.43 -2.09
CA TRP G 141 26.82 28.68 -2.64
C TRP G 141 27.82 28.72 -1.49
N GLY G 142 29.07 28.52 -1.84
CA GLY G 142 30.15 28.55 -0.88
C GLY G 142 31.18 27.51 -1.27
N GLY G 143 31.82 26.96 -0.26
CA GLY G 143 32.80 25.91 -0.46
C GLY G 143 34.13 26.51 -0.85
N LYS G 144 35.12 25.62 -0.93
CA LYS G 144 36.47 26.03 -1.24
C LYS G 144 37.19 24.86 -1.92
N TYR G 145 38.46 25.04 -2.23
CA TYR G 145 39.30 23.92 -2.67
C TYR G 145 39.71 23.11 -1.44
N TYR G 146 39.11 21.93 -1.29
CA TYR G 146 39.28 21.13 -0.10
C TYR G 146 40.30 20.03 -0.37
N PRO G 147 41.46 20.06 0.29
CA PRO G 147 42.47 19.02 0.03
C PRO G 147 42.16 17.72 0.75
N VAL G 148 42.30 16.62 0.02
CA VAL G 148 42.19 15.30 0.64
C VAL G 148 43.48 14.51 0.40
N PRO G 149 44.09 13.89 1.43
CA PRO G 149 43.58 13.78 2.80
C PRO G 149 43.34 15.11 3.46
N TYR G 150 42.29 15.06 4.26
CA TYR G 150 41.71 16.23 4.89
C TYR G 150 41.61 15.96 6.38
N GLU G 151 42.04 16.93 7.15
CA GLU G 151 41.96 16.88 8.60
C GLU G 151 41.66 18.30 9.06
N SER G 152 40.78 18.42 10.05
CA SER G 152 40.39 19.73 10.55
C SER G 152 39.47 19.58 11.75
N GLY G 153 39.59 20.49 12.73
CA GLY G 153 38.64 20.52 13.83
C GLY G 153 37.31 21.11 13.41
N LEU G 154 36.25 20.66 14.07
CA LEU G 154 34.92 21.13 13.75
C LEU G 154 34.55 22.27 14.69
N ALA G 155 33.86 23.28 14.13
CA ALA G 155 33.31 24.45 14.82
C ALA G 155 34.05 24.76 16.12
N GLY G 156 33.32 24.80 17.23
CA GLY G 156 33.93 24.84 18.53
C GLY G 156 33.18 23.85 19.38
N ASP G 157 31.88 24.13 19.55
CA ASP G 157 30.93 23.15 20.06
C ASP G 157 31.10 21.78 19.40
N GLY G 158 31.53 21.75 18.15
CA GLY G 158 31.65 20.49 17.45
C GLY G 158 30.29 20.06 16.93
N LEU G 159 30.22 18.82 16.47
CA LEU G 159 28.95 18.25 16.02
C LEU G 159 28.25 17.64 17.23
N ALA G 160 27.25 18.32 17.75
CA ALA G 160 26.49 17.72 18.84
C ALA G 160 25.21 17.13 18.28
N PRO G 161 24.40 16.44 19.09
CA PRO G 161 23.04 16.10 18.66
C PRO G 161 22.24 17.35 18.35
N GLY G 162 21.49 17.30 17.27
CA GLY G 162 20.80 18.46 16.79
C GLY G 162 21.54 19.22 15.70
N LYS G 163 22.76 18.81 15.40
CA LYS G 163 23.55 19.37 14.31
C LYS G 163 23.69 18.36 13.17
N SER G 164 24.17 18.84 12.03
CA SER G 164 24.40 18.03 10.84
C SER G 164 25.76 18.39 10.25
N LEU G 165 26.52 17.37 9.87
CA LEU G 165 27.68 17.55 9.00
C LEU G 165 27.22 17.30 7.58
N LEU G 166 27.40 18.31 6.74
CA LEU G 166 26.90 18.29 5.38
C LEU G 166 28.10 18.38 4.45
N ILE G 167 28.36 17.31 3.69
CA ILE G 167 29.55 17.21 2.84
C ILE G 167 29.13 17.00 1.39
N PHE G 168 29.70 17.80 0.50
CA PHE G 168 29.49 17.66 -0.93
C PHE G 168 30.77 17.04 -1.49
N ALA G 169 30.70 15.80 -1.93
CA ALA G 169 31.89 15.15 -2.46
C ALA G 169 31.55 14.48 -3.78
N THR G 170 32.57 13.90 -4.41
CA THR G 170 32.50 13.31 -5.73
C THR G 170 33.53 12.21 -5.81
N PRO G 171 33.13 10.95 -5.67
CA PRO G 171 34.11 9.84 -5.73
C PRO G 171 34.79 9.76 -7.09
N GLU G 172 36.12 9.70 -7.06
CA GLU G 172 36.94 9.76 -8.27
C GLU G 172 36.57 8.62 -9.24
N LYS G 173 36.74 8.87 -10.55
CA LYS G 173 36.16 7.91 -11.48
C LYS G 173 36.87 6.57 -11.47
N LYS G 174 38.13 6.52 -11.06
CA LYS G 174 38.84 5.25 -10.94
C LYS G 174 39.27 4.95 -9.51
N GLY G 175 38.62 5.59 -8.51
CA GLY G 175 38.87 5.26 -7.13
C GLY G 175 38.15 4.01 -6.67
N LYS G 176 38.60 3.44 -5.56
CA LYS G 176 38.02 2.19 -5.13
C LYS G 176 37.41 2.24 -3.74
N ARG G 177 37.71 3.27 -2.95
CA ARG G 177 37.06 3.46 -1.66
C ARG G 177 37.56 4.76 -1.02
N PHE G 178 36.68 5.51 -0.37
CA PHE G 178 37.08 6.68 0.42
C PHE G 178 36.42 6.57 1.78
N HIS G 179 36.92 7.32 2.75
CA HIS G 179 36.30 7.25 4.06
C HIS G 179 36.06 8.64 4.60
N ILE G 180 35.27 8.70 5.66
CA ILE G 180 34.93 9.94 6.33
C ILE G 180 34.87 9.62 7.81
N ASN G 181 35.48 10.46 8.64
CA ASN G 181 35.64 10.13 10.05
C ASN G 181 35.23 11.30 10.94
N LEU G 182 34.18 11.09 11.74
CA LEU G 182 33.77 12.02 12.79
C LEU G 182 34.45 11.60 14.08
N LEU G 183 35.27 12.47 14.65
CA LEU G 183 36.11 12.14 15.79
C LEU G 183 35.72 12.92 17.05
N LYS G 184 36.03 12.31 18.19
CA LYS G 184 35.94 12.95 19.50
C LYS G 184 37.32 13.41 19.93
N LYS G 185 37.35 14.30 20.95
CA LYS G 185 38.60 14.96 21.34
C LYS G 185 39.73 13.97 21.65
N ASN G 186 39.40 12.79 22.15
CA ASN G 186 40.45 11.87 22.56
C ASN G 186 41.03 11.08 21.39
N GLY G 187 40.44 11.11 20.20
CA GLY G 187 40.99 10.42 19.06
C GLY G 187 40.19 9.22 18.58
N ASP G 188 39.21 8.75 19.35
CA ASP G 188 38.30 7.71 18.86
C ASP G 188 37.41 8.23 17.73
N ILE G 189 36.91 7.29 16.95
CA ILE G 189 36.10 7.59 15.78
C ILE G 189 34.66 7.38 16.19
N ALA G 190 33.90 8.46 16.31
CA ALA G 190 32.49 8.29 16.66
C ALA G 190 31.76 7.56 15.54
N LEU G 191 32.01 7.94 14.28
CA LEU G 191 31.47 7.20 13.15
C LEU G 191 32.53 7.15 12.04
N HIS G 192 32.92 5.94 11.66
CA HIS G 192 33.81 5.72 10.53
C HIS G 192 32.94 5.31 9.35
N PHE G 193 32.83 6.19 8.37
CA PHE G 193 31.93 6.02 7.24
C PHE G 193 32.78 5.80 6.00
N ASN G 194 32.63 4.62 5.39
CA ASN G 194 33.60 4.19 4.39
C ASN G 194 32.93 3.49 3.21
N PRO G 195 32.55 4.24 2.17
CA PRO G 195 32.08 3.59 0.94
C PRO G 195 33.18 2.79 0.27
N ARG G 196 32.82 1.61 -0.25
CA ARG G 196 33.75 0.69 -0.90
C ARG G 196 33.14 0.16 -2.20
N PHE G 197 33.54 0.74 -3.34
CA PHE G 197 32.92 0.36 -4.61
C PHE G 197 33.27 -1.06 -5.03
N ASP G 198 34.34 -1.62 -4.49
CA ASP G 198 34.75 -2.99 -4.80
C ASP G 198 33.99 -4.06 -4.01
N GLU G 199 33.44 -3.72 -2.84
CA GLU G 199 32.56 -4.61 -2.10
C GLU G 199 31.10 -4.23 -2.32
N LYS G 200 30.86 -3.27 -3.23
CA LYS G 200 29.52 -2.75 -3.54
C LYS G 200 28.73 -2.42 -2.27
N ALA G 201 29.42 -1.99 -1.22
CA ALA G 201 28.84 -1.68 0.09
C ALA G 201 29.39 -0.36 0.62
N ILE G 202 28.79 0.12 1.71
CA ILE G 202 29.35 1.23 2.50
C ILE G 202 29.43 0.73 3.92
N VAL G 203 30.65 0.61 4.45
CA VAL G 203 30.83 0.18 5.84
C VAL G 203 30.60 1.37 6.77
N ARG G 204 30.01 1.10 7.92
CA ARG G 204 29.98 2.02 9.05
C ARG G 204 30.58 1.35 10.28
N ASN G 205 31.44 2.07 11.01
CA ASN G 205 32.02 1.47 12.21
C ASN G 205 32.39 2.55 13.21
N SER G 206 33.05 2.14 14.28
CA SER G 206 33.46 3.06 15.33
C SER G 206 34.76 2.57 15.91
N LEU G 207 35.80 3.40 15.89
CA LEU G 207 37.08 3.04 16.49
C LEU G 207 37.10 3.51 17.94
N ILE G 208 36.91 2.60 18.88
CA ILE G 208 36.78 2.96 20.29
C ILE G 208 38.07 2.59 21.01
N SER G 209 38.72 3.59 21.63
CA SER G 209 40.04 3.50 22.26
C SER G 209 40.87 2.34 21.74
N GLY G 210 41.19 2.43 20.44
CA GLY G 210 42.23 1.58 19.88
C GLY G 210 41.77 0.62 18.81
N GLU G 211 40.66 -0.09 19.08
CA GLU G 211 40.18 -1.15 18.22
C GLU G 211 38.84 -0.78 17.59
N PHE G 212 38.58 -1.39 16.43
CA PHE G 212 37.34 -1.14 15.71
C PHE G 212 36.22 -2.02 16.25
N GLY G 213 34.99 -1.56 16.05
CA GLY G 213 33.82 -2.27 16.51
C GLY G 213 33.32 -3.31 15.52
N ASN G 214 32.02 -3.59 15.58
CA ASN G 214 31.49 -4.76 14.88
C ASN G 214 31.60 -4.63 13.37
N GLU G 215 31.05 -3.54 12.77
CA GLU G 215 30.99 -3.27 11.33
C GLU G 215 29.60 -3.54 10.74
N GLU G 216 28.92 -2.47 10.27
CA GLU G 216 27.58 -2.54 9.71
C GLU G 216 27.63 -2.17 8.22
N ARG G 217 26.94 -2.96 7.37
CA ARG G 217 27.10 -2.78 5.93
C ARG G 217 25.80 -2.89 5.14
N GLU G 218 24.65 -2.98 5.79
CA GLU G 218 23.39 -3.29 5.11
C GLU G 218 22.92 -2.15 4.22
N GLY G 219 22.71 -2.47 2.95
CA GLY G 219 22.17 -1.49 2.05
C GLY G 219 22.94 -1.44 0.76
N LYS G 220 22.21 -1.17 -0.31
CA LYS G 220 22.81 -1.05 -1.63
C LYS G 220 23.49 0.31 -1.73
N ASN G 221 24.70 0.31 -2.26
CA ASN G 221 25.50 1.53 -2.38
C ASN G 221 24.87 2.50 -3.37
N PRO G 222 24.37 3.66 -2.95
CA PRO G 222 23.81 4.64 -3.88
C PRO G 222 24.84 5.58 -4.52
N LEU G 223 26.10 5.52 -4.10
CA LEU G 223 27.09 6.38 -4.76
C LEU G 223 27.46 5.82 -6.13
N GLU G 224 27.98 6.70 -6.99
CA GLU G 224 28.47 6.28 -8.30
C GLU G 224 29.82 6.90 -8.58
N LYS G 225 30.74 6.09 -9.13
CA LYS G 225 32.06 6.58 -9.54
C LYS G 225 31.92 7.73 -10.52
N GLY G 226 32.55 8.86 -10.20
CA GLY G 226 32.56 10.00 -11.08
C GLY G 226 31.36 10.90 -10.96
N ILE G 227 30.45 10.61 -10.05
CA ILE G 227 29.26 11.43 -9.90
C ILE G 227 29.33 12.14 -8.56
N GLY G 228 28.79 13.35 -8.52
CA GLY G 228 28.62 14.05 -7.27
C GLY G 228 27.66 13.33 -6.33
N CYS G 229 27.49 13.91 -5.16
CA CYS G 229 26.59 13.34 -4.17
C CYS G 229 26.61 14.19 -2.92
N ASP G 230 25.49 14.21 -2.23
CA ASP G 230 25.31 14.99 -1.02
C ASP G 230 25.26 14.00 0.13
N LEU G 231 26.30 14.01 0.93
CA LEU G 231 26.30 13.27 2.19
C LEU G 231 25.77 14.18 3.29
N GLU G 232 25.17 13.57 4.29
CA GLU G 232 24.67 14.37 5.39
C GLU G 232 24.64 13.51 6.62
N PHE G 233 25.35 13.95 7.66
CA PHE G 233 25.47 13.20 8.91
C PHE G 233 24.64 13.95 9.96
N ARG G 234 23.35 13.69 9.92
CA ARG G 234 22.40 14.23 10.86
C ARG G 234 22.62 13.58 12.21
N ASN G 235 23.10 14.34 13.20
CA ASN G 235 23.36 13.80 14.53
C ASN G 235 22.14 13.97 15.42
N GLU G 236 21.29 12.93 15.49
CA GLU G 236 20.13 12.95 16.37
C GLU G 236 20.51 12.31 17.72
N GLU G 237 19.52 12.20 18.63
CA GLU G 237 19.81 11.86 20.02
C GLU G 237 20.29 10.42 20.18
N TYR G 238 19.65 9.47 19.52
CA TYR G 238 20.01 8.07 19.70
C TYR G 238 20.89 7.51 18.59
N ALA G 239 20.82 8.06 17.38
CA ALA G 239 21.65 7.55 16.30
C ALA G 239 22.14 8.71 15.43
N PHE G 240 23.18 8.43 14.63
CA PHE G 240 23.44 9.25 13.47
C PHE G 240 22.40 8.90 12.41
N GLN G 241 22.01 9.88 11.62
CA GLN G 241 21.09 9.63 10.52
C GLN G 241 21.86 9.94 9.23
N ILE G 242 22.28 8.93 8.51
CA ILE G 242 23.10 9.16 7.34
C ILE G 242 22.19 9.33 6.12
N TYR G 243 22.36 10.43 5.40
CA TYR G 243 21.57 10.72 4.20
C TYR G 243 22.49 10.84 3.00
N VAL G 244 22.09 10.25 1.87
CA VAL G 244 22.93 10.24 0.66
C VAL G 244 22.07 10.61 -0.53
N ASP G 245 22.31 11.78 -1.09
CA ASP G 245 21.56 12.32 -2.22
C ASP G 245 20.09 12.50 -1.85
N GLY G 246 19.89 13.05 -0.65
CA GLY G 246 18.60 13.48 -0.18
C GLY G 246 17.71 12.39 0.37
N GLU G 247 18.24 11.18 0.55
CA GLU G 247 17.45 10.03 0.96
C GLU G 247 18.16 9.35 2.12
N ARG G 248 17.45 9.19 3.24
CA ARG G 248 17.98 8.48 4.40
C ARG G 248 18.57 7.15 3.92
N PHE G 249 19.88 6.98 4.04
CA PHE G 249 20.49 5.76 3.54
C PHE G 249 20.59 4.70 4.61
N ALA G 250 20.98 5.09 5.82
CA ALA G 250 21.14 4.16 6.92
C ALA G 250 21.23 4.94 8.22
N THR G 251 20.54 4.49 9.25
CA THR G 251 20.81 5.03 10.58
C THR G 251 22.00 4.27 11.18
N TYR G 252 22.55 4.79 12.29
CA TYR G 252 23.73 4.19 12.93
C TYR G 252 23.73 4.55 14.41
N ALA G 253 23.34 3.59 15.26
CA ALA G 253 23.18 3.87 16.67
C ALA G 253 24.50 4.26 17.31
N HIS G 254 24.43 5.29 18.15
CA HIS G 254 25.63 5.81 18.79
C HIS G 254 26.31 4.71 19.58
N ARG G 255 27.63 4.64 19.43
CA ARG G 255 28.47 3.81 20.29
C ARG G 255 29.36 4.63 21.20
N LEU G 256 29.44 5.94 20.99
CA LEU G 256 30.07 6.87 21.89
C LEU G 256 29.10 8.02 22.10
N ASP G 257 29.20 8.64 23.26
CA ASP G 257 28.45 9.84 23.62
C ASP G 257 28.56 10.84 22.47
N PRO G 258 27.44 11.15 21.80
CA PRO G 258 27.51 11.95 20.56
C PRO G 258 27.80 13.41 20.81
N HIS G 259 28.11 13.76 22.05
CA HIS G 259 28.57 15.10 22.36
C HIS G 259 30.08 15.20 22.14
N ASP G 260 30.51 16.39 21.74
CA ASP G 260 31.93 16.71 21.61
C ASP G 260 32.61 15.88 20.54
N ILE G 261 31.88 15.54 19.48
CA ILE G 261 32.47 15.00 18.26
C ILE G 261 32.98 16.18 17.44
N ASN G 262 34.21 16.61 17.70
CA ASN G 262 34.70 17.87 17.14
C ASN G 262 35.90 17.67 16.20
N GLY G 263 35.96 16.55 15.50
CA GLY G 263 37.05 16.33 14.56
C GLY G 263 36.61 15.62 13.31
N LEU G 264 37.03 16.10 12.14
CA LEU G 264 36.69 15.50 10.86
C LEU G 264 37.92 14.87 10.22
N GLN G 265 37.67 13.85 9.42
CA GLN G 265 38.74 13.21 8.67
C GLN G 265 38.15 12.64 7.40
N ILE G 266 38.61 13.13 6.25
CA ILE G 266 38.11 12.71 4.96
C ILE G 266 39.28 12.15 4.17
N GLY G 267 39.30 10.85 3.93
CA GLY G 267 40.42 10.19 3.30
C GLY G 267 40.04 9.48 2.03
N GLY G 268 41.02 9.32 1.14
CA GLY G 268 40.93 8.32 0.10
C GLY G 268 40.61 8.87 -1.25
N ASP G 269 39.89 8.06 -2.04
CA ASP G 269 39.70 8.30 -3.48
C ASP G 269 38.47 9.17 -3.73
N VAL G 270 38.56 10.42 -3.31
CA VAL G 270 37.38 11.28 -3.29
C VAL G 270 37.81 12.71 -3.50
N GLU G 271 37.04 13.47 -4.26
CA GLU G 271 37.15 14.93 -4.28
C GLU G 271 36.05 15.51 -3.40
N VAL G 272 36.38 16.57 -2.67
CA VAL G 272 35.46 17.19 -1.71
C VAL G 272 35.35 18.66 -2.07
N THR G 273 34.12 19.12 -2.33
CA THR G 273 33.85 20.48 -2.79
C THR G 273 33.00 21.30 -1.83
N GLY G 274 32.61 20.75 -0.67
CA GLY G 274 31.78 21.50 0.24
C GLY G 274 31.61 20.84 1.59
N ILE G 275 31.97 21.56 2.63
CA ILE G 275 31.78 21.13 4.01
C ILE G 275 31.05 22.23 4.75
N GLN G 276 29.91 21.93 5.34
CA GLN G 276 29.32 22.87 6.27
C GLN G 276 28.78 22.11 7.46
N MET G 277 28.97 22.71 8.63
CA MET G 277 28.27 22.33 9.84
C MET G 277 26.89 22.96 9.86
N VAL G 278 25.90 22.19 10.27
CA VAL G 278 24.52 22.67 10.16
C VAL G 278 23.80 22.45 11.52
N MET H 1 37.09 -27.87 43.45
CA MET H 1 37.74 -26.58 43.62
C MET H 1 38.35 -25.96 42.34
N ALA H 2 37.54 -25.17 41.62
CA ALA H 2 37.99 -24.54 40.38
C ALA H 2 38.06 -23.01 40.50
N THR H 3 37.20 -22.29 39.79
CA THR H 3 37.22 -20.83 39.78
C THR H 3 36.20 -20.26 40.81
N GLU H 4 36.42 -19.00 41.23
CA GLU H 4 35.44 -18.29 42.08
C GLU H 4 34.49 -17.52 41.18
N THR H 5 33.34 -18.11 40.89
CA THR H 5 32.23 -17.35 40.38
C THR H 5 30.94 -17.80 41.09
N ASN H 6 30.97 -17.83 42.44
CA ASN H 6 29.83 -18.13 43.33
C ASN H 6 29.43 -19.61 43.41
N TYR H 7 28.34 -19.91 44.16
CA TYR H 7 27.70 -21.22 44.30
C TYR H 7 28.70 -22.34 44.52
N PRO H 8 29.31 -22.44 45.70
CA PRO H 8 30.29 -23.50 45.92
C PRO H 8 29.62 -24.85 46.10
N VAL H 9 30.19 -25.88 45.47
CA VAL H 9 29.68 -27.23 45.58
C VAL H 9 30.34 -27.91 46.77
N PRO H 10 29.59 -28.64 47.62
CA PRO H 10 28.16 -28.93 47.50
C PRO H 10 27.23 -27.72 47.74
N TYR H 11 26.39 -27.41 46.76
CA TYR H 11 25.46 -26.29 46.86
C TYR H 11 24.13 -26.79 47.40
N ARG H 12 23.67 -26.21 48.49
CA ARG H 12 22.43 -26.62 49.12
C ARG H 12 21.63 -25.36 49.42
N SER H 13 20.41 -25.31 48.88
CA SER H 13 19.52 -24.17 49.01
C SER H 13 18.14 -24.67 49.41
N LYS H 14 17.56 -24.03 50.44
CA LYS H 14 16.21 -24.37 50.89
C LYS H 14 15.19 -23.68 50.00
N LEU H 15 14.11 -24.39 49.69
CA LEU H 15 13.09 -23.82 48.82
C LEU H 15 12.27 -22.82 49.60
N THR H 16 11.99 -21.68 48.94
CA THR H 16 11.11 -20.64 49.45
C THR H 16 9.71 -21.17 49.74
N GLU H 17 8.95 -21.43 48.68
CA GLU H 17 7.64 -22.04 48.70
C GLU H 17 7.81 -23.47 48.24
N PRO H 18 6.76 -24.29 48.15
CA PRO H 18 6.93 -25.59 47.48
C PRO H 18 7.11 -25.39 45.98
N PHE H 19 7.98 -26.23 45.40
CA PHE H 19 8.13 -26.36 43.97
C PHE H 19 6.80 -26.72 43.35
N GLU H 20 6.25 -25.87 42.50
CA GLU H 20 4.90 -26.10 42.02
C GLU H 20 4.94 -26.35 40.52
N PRO H 21 3.90 -26.97 39.97
CA PRO H 21 3.84 -27.18 38.52
C PRO H 21 3.87 -25.86 37.76
N GLY H 22 4.67 -25.81 36.68
CA GLY H 22 4.88 -24.61 35.87
C GLY H 22 6.22 -23.94 36.10
N GLN H 23 6.79 -24.10 37.29
CA GLN H 23 8.08 -23.54 37.66
C GLN H 23 9.22 -24.34 37.05
N THR H 24 10.36 -23.67 36.93
CA THR H 24 11.53 -24.22 36.30
C THR H 24 12.74 -23.98 37.18
N LEU H 25 13.52 -25.03 37.41
CA LEU H 25 14.84 -24.94 38.01
C LEU H 25 15.88 -24.88 36.90
N ILE H 26 16.75 -23.87 36.95
CA ILE H 26 17.79 -23.66 35.97
C ILE H 26 19.16 -23.85 36.63
N ILE H 27 20.07 -24.56 35.94
CA ILE H 27 21.42 -24.76 36.45
C ILE H 27 22.43 -24.78 35.30
N LYS H 28 23.23 -23.72 35.17
CA LYS H 28 24.35 -23.68 34.23
C LYS H 28 25.68 -23.79 34.97
N GLY H 29 26.70 -24.26 34.29
CA GLY H 29 27.97 -24.43 34.96
C GLY H 29 29.02 -24.98 34.02
N LYS H 30 30.27 -24.98 34.50
CA LYS H 30 31.41 -25.44 33.72
C LYS H 30 31.96 -26.74 34.27
N THR H 31 32.71 -27.40 33.41
CA THR H 31 33.29 -28.70 33.65
C THR H 31 34.75 -28.66 33.22
N ALA H 32 35.54 -29.59 33.72
CA ALA H 32 36.93 -29.71 33.30
C ALA H 32 37.14 -31.05 32.61
N GLU H 33 38.25 -31.15 31.86
CA GLU H 33 38.53 -32.37 31.09
C GLU H 33 38.66 -33.60 31.97
N ASP H 34 38.78 -33.43 33.30
CA ASP H 34 38.89 -34.51 34.28
C ASP H 34 37.59 -34.70 35.08
N SER H 35 36.47 -34.14 34.59
CA SER H 35 35.18 -34.22 35.27
C SER H 35 34.52 -35.56 34.97
N VAL H 36 34.24 -36.33 36.02
CA VAL H 36 33.68 -37.66 35.84
C VAL H 36 32.16 -37.62 35.93
N ARG H 37 31.63 -37.14 37.06
CA ARG H 37 30.19 -37.03 37.23
C ARG H 37 29.88 -35.83 38.11
N PHE H 38 28.75 -35.21 37.83
CA PHE H 38 28.12 -34.29 38.76
C PHE H 38 26.66 -34.66 38.86
N THR H 39 26.02 -34.20 39.93
CA THR H 39 24.65 -34.58 40.20
C THR H 39 23.80 -33.34 40.47
N ILE H 40 22.48 -33.51 40.30
CA ILE H 40 21.48 -32.54 40.74
C ILE H 40 20.42 -33.32 41.51
N ASN H 41 19.93 -32.74 42.61
CA ASN H 41 18.99 -33.44 43.49
C ASN H 41 17.87 -32.51 43.95
N LEU H 42 16.62 -32.99 43.82
CA LEU H 42 15.45 -32.37 44.43
C LEU H 42 14.97 -33.28 45.56
N HIS H 43 14.88 -32.74 46.78
CA HIS H 43 14.69 -33.58 47.95
C HIS H 43 14.08 -32.74 49.06
N ASN H 44 13.60 -33.44 50.12
CA ASN H 44 13.18 -32.84 51.39
C ASN H 44 14.21 -33.17 52.46
N THR H 45 13.88 -32.87 53.72
CA THR H 45 14.85 -32.99 54.81
C THR H 45 14.26 -33.01 56.21
N SER H 46 14.70 -32.01 56.99
CA SER H 46 14.29 -31.76 58.36
C SER H 46 14.39 -30.26 58.69
N ALA H 47 14.66 -29.42 57.68
CA ALA H 47 15.41 -28.17 57.68
C ALA H 47 16.76 -28.46 57.02
N ASP H 48 17.39 -29.60 57.40
CA ASP H 48 18.70 -30.01 56.92
C ASP H 48 19.05 -31.45 57.33
N PHE H 49 18.29 -32.45 56.85
CA PHE H 49 18.48 -33.82 57.34
C PHE H 49 19.61 -34.55 56.59
N SER H 50 19.80 -34.24 55.31
CA SER H 50 20.91 -34.63 54.41
C SER H 50 20.71 -35.98 53.69
N GLY H 51 19.54 -36.62 53.78
CA GLY H 51 19.32 -37.90 53.12
C GLY H 51 18.01 -38.59 53.46
N ASN H 52 16.90 -38.01 53.01
CA ASN H 52 15.60 -38.68 53.00
C ASN H 52 14.91 -38.24 51.72
N ASP H 53 13.81 -38.91 51.36
CA ASP H 53 13.01 -38.64 50.15
C ASP H 53 13.67 -37.76 49.07
N VAL H 54 14.13 -38.36 47.99
CA VAL H 54 14.68 -37.59 46.86
C VAL H 54 13.75 -37.76 45.66
N PRO H 55 12.70 -36.95 45.53
CA PRO H 55 11.73 -37.19 44.45
C PRO H 55 12.35 -37.24 43.08
N LEU H 56 13.43 -36.48 42.85
CA LEU H 56 14.07 -36.46 41.54
C LEU H 56 15.57 -36.28 41.73
N HIS H 57 16.33 -37.24 41.21
CA HIS H 57 17.78 -37.30 41.37
C HIS H 57 18.38 -37.42 39.98
N ILE H 58 19.18 -36.41 39.59
CA ILE H 58 19.80 -36.37 38.27
C ILE H 58 21.29 -36.59 38.43
N SER H 59 21.79 -37.58 37.72
CA SER H 59 23.20 -37.90 37.72
C SER H 59 23.63 -37.86 36.26
N VAL H 60 24.32 -36.81 35.86
CA VAL H 60 24.94 -36.73 34.55
C VAL H 60 26.41 -37.12 34.70
N ARG H 61 26.83 -38.09 33.89
CA ARG H 61 28.07 -38.82 34.14
C ARG H 61 28.81 -39.02 32.83
N PHE H 62 29.99 -38.40 32.73
CA PHE H 62 30.75 -38.41 31.48
C PHE H 62 31.43 -39.75 31.25
N ASP H 63 31.76 -40.46 32.34
CA ASP H 63 32.26 -41.83 32.22
C ASP H 63 31.30 -42.71 31.41
N GLU H 64 30.00 -42.65 31.73
CA GLU H 64 28.98 -43.42 31.01
C GLU H 64 28.46 -42.73 29.75
N GLY H 65 28.61 -41.40 29.65
CA GLY H 65 27.92 -40.65 28.61
C GLY H 65 26.42 -40.72 28.75
N LYS H 66 25.93 -40.85 29.97
CA LYS H 66 24.51 -40.99 30.22
C LYS H 66 24.06 -39.96 31.23
N ILE H 67 22.85 -39.44 31.06
CA ILE H 67 22.20 -38.72 32.14
C ILE H 67 21.19 -39.68 32.74
N VAL H 68 21.18 -39.75 34.06
CA VAL H 68 20.56 -40.84 34.78
C VAL H 68 19.59 -40.27 35.80
N PHE H 69 18.32 -40.67 35.69
CA PHE H 69 17.23 -40.14 36.49
C PHE H 69 16.73 -41.24 37.41
N ASN H 70 16.58 -40.95 38.69
CA ASN H 70 16.12 -41.94 39.64
C ASN H 70 15.44 -41.25 40.80
N THR H 71 14.89 -42.03 41.70
CA THR H 71 14.18 -41.52 42.86
C THR H 71 14.50 -42.38 44.07
N PHE H 72 14.54 -41.75 45.24
CA PHE H 72 14.90 -42.40 46.50
C PHE H 72 13.77 -42.14 47.48
N SER H 73 13.25 -43.20 48.08
CA SER H 73 12.12 -43.03 48.97
C SER H 73 11.99 -44.28 49.83
N LYS H 74 11.69 -44.08 51.11
CA LYS H 74 11.65 -45.15 52.10
C LYS H 74 12.98 -45.90 52.16
N GLY H 75 14.08 -45.19 51.88
CA GLY H 75 15.39 -45.80 51.95
C GLY H 75 15.80 -46.62 50.75
N GLU H 76 15.09 -46.54 49.63
CA GLU H 76 15.40 -47.41 48.49
C GLU H 76 15.42 -46.60 47.21
N PHE H 77 16.38 -46.89 46.34
CA PHE H 77 16.36 -46.39 44.96
C PHE H 77 15.42 -47.24 44.10
N GLY H 78 14.60 -46.57 43.29
CA GLY H 78 13.80 -47.24 42.28
C GLY H 78 14.62 -47.53 41.05
N LYS H 79 13.93 -47.90 39.96
CA LYS H 79 14.65 -48.18 38.72
C LYS H 79 15.18 -46.89 38.12
N GLU H 80 16.41 -46.96 37.62
CA GLU H 80 17.00 -45.85 36.89
C GLU H 80 16.39 -45.78 35.50
N GLU H 81 16.21 -44.56 35.04
CA GLU H 81 15.85 -44.28 33.66
C GLU H 81 17.04 -43.57 33.06
N ARG H 82 17.59 -44.12 31.99
CA ARG H 82 18.81 -43.60 31.41
C ARG H 82 18.53 -42.79 30.16
N LYS H 83 19.47 -41.93 29.83
CA LYS H 83 19.35 -41.13 28.63
C LYS H 83 20.76 -40.70 28.20
N SER H 84 20.92 -40.47 26.90
CA SER H 84 22.23 -40.07 26.40
C SER H 84 22.72 -38.82 27.10
N ASN H 85 24.03 -38.72 27.22
CA ASN H 85 24.62 -37.47 27.68
C ASN H 85 25.19 -36.75 26.47
N PRO H 86 24.76 -35.51 26.22
CA PRO H 86 25.27 -34.76 25.07
C PRO H 86 26.57 -34.04 25.36
N TYR H 87 26.99 -33.97 26.62
CA TYR H 87 28.20 -33.27 27.01
C TYR H 87 29.40 -34.21 27.02
N LYS H 88 30.56 -33.68 26.64
CA LYS H 88 31.82 -34.37 26.87
C LYS H 88 32.60 -33.65 27.96
N LYS H 89 33.51 -34.37 28.63
CA LYS H 89 34.42 -33.81 29.63
C LYS H 89 34.98 -32.47 29.14
N GLY H 90 34.89 -31.42 29.95
CA GLY H 90 35.08 -30.06 29.47
C GLY H 90 33.73 -29.45 29.14
N ASP H 91 33.70 -28.27 28.52
CA ASP H 91 32.53 -27.51 28.01
C ASP H 91 31.32 -27.38 28.96
N ASP H 92 30.34 -26.57 28.56
CA ASP H 92 29.43 -25.93 29.49
C ASP H 92 28.08 -26.64 29.54
N ILE H 93 27.43 -26.59 30.72
CA ILE H 93 26.19 -27.34 30.97
C ILE H 93 25.04 -26.39 31.26
N ASP H 94 23.83 -26.81 30.82
CA ASP H 94 22.56 -26.09 30.87
C ASP H 94 21.45 -27.16 30.99
N ILE H 95 21.31 -27.69 32.20
CA ILE H 95 20.22 -28.59 32.54
C ILE H 95 19.11 -27.74 33.15
N ARG H 96 17.86 -27.98 32.73
CA ARG H 96 16.68 -27.27 33.22
C ARG H 96 15.62 -28.28 33.60
N ILE H 97 15.03 -28.10 34.78
CA ILE H 97 14.07 -29.05 35.32
C ILE H 97 12.75 -28.33 35.52
N ARG H 98 11.77 -28.59 34.66
CA ARG H 98 10.46 -27.98 34.81
C ARG H 98 9.43 -28.95 35.42
N ALA H 99 8.70 -28.45 36.41
CA ALA H 99 7.70 -29.24 37.10
C ALA H 99 6.36 -29.23 36.36
N HIS H 100 5.75 -30.40 36.29
CA HIS H 100 4.41 -30.56 35.76
C HIS H 100 3.62 -31.47 36.69
N ASP H 101 2.31 -31.54 36.43
CA ASP H 101 1.46 -32.35 37.29
C ASP H 101 1.85 -33.82 37.22
N SER H 102 2.05 -34.34 36.01
CA SER H 102 2.32 -35.76 35.90
C SER H 102 3.80 -36.13 35.97
N LYS H 103 4.71 -35.16 35.96
CA LYS H 103 6.12 -35.47 35.64
C LYS H 103 6.99 -34.23 35.76
N PHE H 104 8.28 -34.46 36.04
CA PHE H 104 9.31 -33.49 35.74
C PHE H 104 9.76 -33.65 34.29
N SER H 105 10.01 -32.53 33.61
CA SER H 105 10.52 -32.53 32.25
C SER H 105 11.89 -31.84 32.25
N ILE H 106 12.92 -32.55 31.85
CA ILE H 106 14.27 -32.04 31.99
C ILE H 106 14.79 -31.72 30.60
N SER H 107 15.13 -30.46 30.39
CA SER H 107 15.76 -29.99 29.18
C SER H 107 17.27 -29.90 29.37
N VAL H 108 18.03 -30.45 28.42
CA VAL H 108 19.48 -30.36 28.41
C VAL H 108 19.91 -29.54 27.20
N ASP H 109 20.80 -28.58 27.45
CA ASP H 109 21.17 -27.56 26.45
C ASP H 109 19.94 -26.98 25.77
N GLN H 110 18.94 -26.63 26.60
CA GLN H 110 17.70 -26.01 26.13
C GLN H 110 16.96 -26.91 25.14
N LYS H 111 17.08 -28.22 25.35
CA LYS H 111 16.51 -29.24 24.50
C LYS H 111 15.87 -30.27 25.40
N GLU H 112 14.56 -30.53 25.23
CA GLU H 112 13.86 -31.43 26.15
C GLU H 112 14.25 -32.88 25.86
N VAL H 113 14.87 -33.51 26.85
CA VAL H 113 15.43 -34.83 26.68
C VAL H 113 14.64 -35.90 27.45
N LYS H 114 13.96 -35.55 28.53
CA LYS H 114 13.50 -36.56 29.47
C LYS H 114 12.23 -36.12 30.16
N GLU H 115 11.15 -36.89 29.98
CA GLU H 115 9.94 -36.74 30.78
C GLU H 115 9.98 -37.83 31.83
N TYR H 116 10.04 -37.44 33.09
CA TYR H 116 10.24 -38.36 34.20
C TYR H 116 8.97 -38.33 35.02
N GLU H 117 8.22 -39.42 34.98
CA GLU H 117 6.96 -39.48 35.69
C GLU H 117 7.22 -39.43 37.19
N HIS H 118 6.45 -38.60 37.89
CA HIS H 118 6.48 -38.54 39.33
C HIS H 118 6.38 -39.94 39.94
N ARG H 119 7.14 -40.17 41.02
CA ARG H 119 7.07 -41.44 41.75
C ARG H 119 6.71 -41.27 43.22
N VAL H 120 7.04 -40.12 43.80
CA VAL H 120 6.63 -39.75 45.15
C VAL H 120 6.08 -38.34 44.96
N PRO H 121 5.41 -37.74 45.95
CA PRO H 121 4.80 -36.42 45.73
C PRO H 121 5.80 -35.30 45.40
N LEU H 122 5.47 -34.56 44.33
CA LEU H 122 6.22 -33.38 43.90
C LEU H 122 6.31 -32.31 44.97
N SER H 123 5.31 -32.26 45.85
CA SER H 123 5.28 -31.34 46.97
C SER H 123 6.24 -31.74 48.10
N SER H 124 7.01 -32.81 47.93
CA SER H 124 8.07 -33.14 48.87
C SER H 124 9.36 -32.39 48.59
N VAL H 125 9.51 -31.76 47.43
CA VAL H 125 10.76 -31.09 47.12
C VAL H 125 10.76 -29.79 47.93
N THR H 126 11.43 -29.81 49.07
CA THR H 126 11.62 -28.61 49.88
C THR H 126 13.05 -28.05 49.78
N HIS H 127 13.94 -28.74 49.08
CA HIS H 127 15.33 -28.31 48.90
C HIS H 127 15.82 -28.83 47.57
N PHE H 128 16.84 -28.17 47.00
CA PHE H 128 17.62 -28.79 45.92
C PHE H 128 19.10 -28.61 46.20
N SER H 129 19.88 -29.60 45.76
CA SER H 129 21.33 -29.59 45.94
C SER H 129 22.02 -29.89 44.62
N VAL H 130 23.23 -29.37 44.51
CA VAL H 130 24.12 -29.61 43.37
C VAL H 130 25.47 -30.01 43.91
N ASP H 131 26.05 -31.07 43.36
CA ASP H 131 27.33 -31.56 43.82
C ASP H 131 28.07 -32.22 42.67
N GLY H 132 29.39 -32.35 42.84
CA GLY H 132 30.21 -33.14 41.95
C GLY H 132 31.25 -32.36 41.17
N ASP H 133 31.67 -32.90 40.03
CA ASP H 133 32.76 -32.32 39.27
C ASP H 133 32.24 -31.19 38.37
N ILE H 134 31.54 -30.23 38.95
CA ILE H 134 30.99 -29.12 38.20
C ILE H 134 31.30 -27.83 38.92
N LEU H 135 31.56 -26.79 38.15
CA LEU H 135 31.64 -25.43 38.69
C LEU H 135 30.34 -24.72 38.36
N ILE H 136 29.63 -24.21 39.38
CA ILE H 136 28.33 -23.58 39.15
C ILE H 136 28.50 -22.11 38.79
N THR H 137 27.77 -21.69 37.76
CA THR H 137 27.90 -20.35 37.21
C THR H 137 26.56 -19.63 37.08
N TYR H 138 25.45 -20.26 37.50
CA TYR H 138 24.10 -19.69 37.41
C TYR H 138 23.11 -20.64 38.10
N ILE H 139 22.28 -20.11 39.01
CA ILE H 139 21.24 -20.91 39.66
C ILE H 139 19.99 -20.02 39.81
N HIS H 140 18.88 -20.46 39.21
CA HIS H 140 17.64 -19.68 39.17
C HIS H 140 16.48 -20.66 39.18
N TRP H 141 15.69 -20.61 40.24
CA TRP H 141 14.43 -21.31 40.31
C TRP H 141 13.37 -20.23 40.26
N GLY H 142 12.46 -20.33 39.30
CA GLY H 142 11.44 -19.31 39.09
C GLY H 142 10.36 -19.78 38.14
N GLY H 143 9.69 -18.81 37.51
CA GLY H 143 8.75 -19.10 36.45
C GLY H 143 7.41 -19.62 36.93
N LYS H 144 6.54 -19.87 35.94
CA LYS H 144 5.15 -20.32 36.11
C LYS H 144 4.57 -20.63 34.74
N TYR H 145 3.31 -21.08 34.67
CA TYR H 145 2.66 -21.28 33.37
C TYR H 145 2.20 -19.93 32.85
N TYR H 146 2.76 -19.47 31.72
CA TYR H 146 2.41 -18.16 31.17
C TYR H 146 1.56 -18.36 29.93
N PRO H 147 0.29 -17.95 29.91
CA PRO H 147 -0.55 -18.15 28.72
C PRO H 147 -0.17 -17.20 27.60
N VAL H 148 0.06 -17.75 26.43
CA VAL H 148 0.31 -17.01 25.19
C VAL H 148 -0.91 -17.14 24.29
N PRO H 149 -1.50 -16.05 23.75
CA PRO H 149 -1.09 -14.66 23.82
C PRO H 149 -1.17 -14.15 25.24
N TYR H 150 -0.11 -13.47 25.61
CA TYR H 150 0.12 -12.92 26.92
C TYR H 150 0.14 -11.40 26.81
N GLU H 151 -0.27 -10.75 27.88
CA GLU H 151 -0.31 -9.30 27.95
C GLU H 151 -0.10 -8.95 29.41
N SER H 152 0.64 -7.86 29.65
CA SER H 152 0.96 -7.47 31.02
C SER H 152 1.67 -6.12 31.10
N GLY H 153 1.35 -5.33 32.14
CA GLY H 153 2.21 -4.22 32.50
C GLY H 153 3.49 -4.70 33.18
N LEU H 154 4.52 -3.88 33.10
CA LEU H 154 5.84 -4.25 33.59
C LEU H 154 6.04 -3.74 35.01
N ALA H 155 6.71 -4.57 35.83
CA ALA H 155 7.23 -4.20 37.15
C ALA H 155 6.37 -3.15 37.86
N GLY H 156 6.59 -1.88 37.55
CA GLY H 156 5.82 -0.78 38.11
C GLY H 156 6.42 0.53 37.68
N ASP H 157 7.73 0.66 37.92
CA ASP H 157 8.46 1.79 37.36
C ASP H 157 8.62 1.63 35.85
N GLY H 158 9.13 0.48 35.41
CA GLY H 158 9.12 0.09 34.01
C GLY H 158 10.49 -0.36 33.53
N LEU H 159 10.57 -0.59 32.22
CA LEU H 159 11.83 -0.89 31.56
C LEU H 159 12.48 0.43 31.16
N ALA H 160 13.32 0.94 32.05
CA ALA H 160 14.06 2.17 31.83
C ALA H 160 15.51 1.85 31.52
N PRO H 161 16.29 2.83 31.06
CA PRO H 161 17.70 2.54 30.77
C PRO H 161 18.43 2.09 32.02
N GLY H 162 19.29 1.09 31.84
CA GLY H 162 19.88 0.41 32.96
C GLY H 162 19.18 -0.87 33.36
N LYS H 163 17.93 -1.07 32.95
CA LYS H 163 17.19 -2.29 33.22
C LYS H 163 17.10 -3.18 31.97
N SER H 164 16.89 -4.48 32.21
CA SER H 164 16.80 -5.45 31.12
C SER H 164 15.71 -6.43 31.44
N LEU H 165 14.75 -6.59 30.53
CA LEU H 165 13.69 -7.57 30.68
C LEU H 165 14.20 -8.89 30.13
N LEU H 166 14.31 -9.89 30.99
CA LEU H 166 14.81 -11.20 30.60
C LEU H 166 13.62 -12.15 30.37
N ILE H 167 13.61 -12.85 29.23
CA ILE H 167 12.52 -13.77 28.90
C ILE H 167 13.09 -15.11 28.49
N PHE H 168 12.56 -16.18 29.09
CA PHE H 168 12.83 -17.55 28.68
C PHE H 168 11.65 -18.07 27.89
N ALA H 169 11.90 -18.50 26.66
CA ALA H 169 10.82 -18.95 25.78
C ALA H 169 11.28 -20.07 24.86
N THR H 170 10.41 -21.06 24.69
CA THR H 170 10.63 -22.06 23.67
C THR H 170 9.72 -21.78 22.50
N PRO H 171 10.24 -21.38 21.33
CA PRO H 171 9.38 -21.32 20.15
C PRO H 171 8.85 -22.72 19.84
N GLU H 172 7.60 -22.76 19.39
CA GLU H 172 6.92 -24.03 19.12
C GLU H 172 7.61 -24.82 18.01
N LYS H 173 7.66 -26.15 18.18
CA LYS H 173 8.39 -26.97 17.19
C LYS H 173 7.72 -26.98 15.83
N LYS H 174 6.41 -26.75 15.78
CA LYS H 174 5.71 -26.63 14.51
C LYS H 174 5.25 -25.19 14.25
N GLY H 175 6.08 -24.23 14.64
CA GLY H 175 5.69 -22.84 14.63
C GLY H 175 6.25 -22.06 13.45
N LYS H 176 5.47 -21.07 12.98
CA LYS H 176 5.93 -20.20 11.92
C LYS H 176 6.65 -18.96 12.47
N ARG H 177 5.99 -18.15 13.30
CA ARG H 177 6.59 -16.92 13.82
C ARG H 177 5.88 -16.45 15.09
N PHE H 178 6.66 -15.91 16.05
CA PHE H 178 6.14 -15.36 17.29
C PHE H 178 6.67 -13.92 17.47
N HIS H 179 6.18 -13.23 18.49
CA HIS H 179 6.51 -11.82 18.61
C HIS H 179 6.45 -11.34 20.06
N ILE H 180 7.19 -10.28 20.34
CA ILE H 180 7.26 -9.66 21.66
C ILE H 180 7.20 -8.15 21.46
N ASN H 181 6.33 -7.49 22.21
CA ASN H 181 6.19 -6.04 22.14
C ASN H 181 6.60 -5.44 23.47
N LEU H 182 7.56 -4.52 23.44
CA LEU H 182 7.82 -3.68 24.60
C LEU H 182 7.06 -2.39 24.40
N LEU H 183 6.16 -2.06 25.33
CA LEU H 183 5.17 -1.01 25.12
C LEU H 183 5.41 0.18 26.04
N LYS H 184 5.18 1.37 25.49
CA LYS H 184 5.13 2.63 26.21
C LYS H 184 3.69 2.91 26.61
N LYS H 185 3.53 3.72 27.68
CA LYS H 185 2.24 3.92 28.32
C LYS H 185 1.07 4.04 27.32
N ASN H 186 1.25 4.86 26.28
CA ASN H 186 0.17 5.14 25.34
C ASN H 186 0.01 4.06 24.28
N GLY H 187 0.48 2.84 24.55
CA GLY H 187 0.31 1.70 23.66
C GLY H 187 1.16 1.71 22.42
N ASP H 188 2.06 2.68 22.27
CA ASP H 188 3.06 2.65 21.22
C ASP H 188 4.07 1.55 21.54
N ILE H 189 4.58 0.89 20.50
CA ILE H 189 5.55 -0.17 20.71
C ILE H 189 6.96 0.42 20.58
N ALA H 190 7.64 0.54 21.74
CA ALA H 190 9.04 0.97 21.76
C ALA H 190 9.95 0.00 21.02
N LEU H 191 9.67 -1.29 21.03
CA LEU H 191 10.40 -2.25 20.20
C LEU H 191 9.52 -3.44 19.91
N HIS H 192 9.44 -3.78 18.63
CA HIS H 192 8.66 -4.91 18.15
C HIS H 192 9.66 -5.97 17.75
N PHE H 193 9.54 -7.14 18.34
CA PHE H 193 10.53 -8.20 18.20
C PHE H 193 9.84 -9.38 17.54
N ASN H 194 10.24 -9.71 16.31
CA ASN H 194 9.43 -10.61 15.49
C ASN H 194 10.30 -11.65 14.81
N PRO H 195 10.58 -12.77 15.48
CA PRO H 195 11.32 -13.87 14.83
C PRO H 195 10.42 -14.58 13.82
N ARG H 196 10.80 -14.53 12.55
CA ARG H 196 10.01 -15.15 11.48
C ARG H 196 10.82 -16.32 10.95
N PHE H 197 10.53 -17.52 11.46
CA PHE H 197 11.27 -18.71 11.02
C PHE H 197 11.10 -18.93 9.52
N ASP H 198 9.92 -18.60 8.98
CA ASP H 198 9.72 -18.70 7.54
C ASP H 198 10.69 -17.78 6.80
N GLU H 199 10.71 -16.48 7.14
CA GLU H 199 11.60 -15.55 6.47
C GLU H 199 13.04 -15.62 6.98
N LYS H 200 13.35 -16.63 7.80
CA LYS H 200 14.71 -16.90 8.31
C LYS H 200 15.34 -15.70 9.02
N ALA H 201 14.58 -14.72 9.49
CA ALA H 201 15.16 -13.55 10.13
C ALA H 201 14.29 -13.12 11.30
N ILE H 202 14.81 -12.19 12.10
CA ILE H 202 14.09 -11.64 13.25
C ILE H 202 13.80 -10.18 12.96
N VAL H 203 12.55 -9.86 12.66
CA VAL H 203 12.23 -8.47 12.41
C VAL H 203 12.21 -7.69 13.72
N ARG H 204 12.90 -6.55 13.73
CA ARG H 204 12.77 -5.57 14.79
C ARG H 204 12.16 -4.31 14.19
N ASN H 205 11.25 -3.69 14.94
CA ASN H 205 10.56 -2.50 14.46
C ASN H 205 9.85 -1.85 15.64
N SER H 206 9.24 -0.69 15.39
CA SER H 206 8.53 0.04 16.43
C SER H 206 7.27 0.65 15.85
N LEU H 207 6.19 0.55 16.63
CA LEU H 207 4.88 1.11 16.31
C LEU H 207 4.76 2.48 16.94
N ILE H 208 4.59 3.51 16.11
CA ILE H 208 4.47 4.88 16.59
C ILE H 208 3.23 5.51 15.99
N SER H 209 2.24 5.81 16.85
CA SER H 209 1.02 6.49 16.43
C SER H 209 0.33 5.75 15.30
N GLY H 210 0.13 4.44 15.50
CA GLY H 210 -0.66 3.63 14.62
C GLY H 210 0.07 3.02 13.44
N GLU H 211 1.23 3.55 13.06
CA GLU H 211 1.93 3.10 11.87
C GLU H 211 3.19 2.31 12.27
N PHE H 212 3.57 1.39 11.41
CA PHE H 212 4.84 0.70 11.57
C PHE H 212 5.95 1.44 10.82
N GLY H 213 7.15 1.40 11.40
CA GLY H 213 8.33 2.03 10.84
C GLY H 213 9.04 1.16 9.84
N ASN H 214 10.30 1.51 9.55
CA ASN H 214 10.92 1.02 8.32
C ASN H 214 11.12 -0.49 8.33
N GLU H 215 11.61 -1.05 9.47
CA GLU H 215 11.80 -2.50 9.72
C GLU H 215 13.24 -2.94 9.54
N GLU H 216 13.93 -3.25 10.66
CA GLU H 216 15.29 -3.78 10.66
C GLU H 216 15.28 -5.30 10.82
N ARG H 217 15.97 -6.01 9.91
CA ARG H 217 15.99 -7.47 9.93
C ARG H 217 17.38 -8.08 9.78
N GLU H 218 18.43 -7.26 9.68
CA GLU H 218 19.79 -7.78 9.58
C GLU H 218 20.07 -8.74 10.75
N GLY H 219 20.76 -9.85 10.46
CA GLY H 219 21.04 -10.84 11.48
C GLY H 219 20.59 -12.26 11.22
N LYS H 220 21.54 -13.21 11.28
CA LYS H 220 21.22 -14.62 11.12
C LYS H 220 20.46 -15.10 12.35
N ASN H 221 19.26 -15.66 12.12
CA ASN H 221 18.38 -16.06 13.22
C ASN H 221 19.08 -17.04 14.16
N PRO H 222 19.21 -16.73 15.45
CA PRO H 222 19.78 -17.70 16.40
C PRO H 222 18.73 -18.61 17.02
N LEU H 223 17.45 -18.27 16.90
CA LEU H 223 16.42 -19.14 17.41
C LEU H 223 16.26 -20.35 16.51
N GLU H 224 15.52 -21.33 17.01
CA GLU H 224 15.40 -22.63 16.37
C GLU H 224 14.15 -23.29 16.89
N LYS H 225 13.20 -23.60 15.99
CA LYS H 225 11.94 -24.21 16.41
C LYS H 225 12.21 -25.36 17.37
N GLY H 226 11.47 -25.38 18.49
CA GLY H 226 11.49 -26.49 19.41
C GLY H 226 12.49 -26.41 20.56
N ILE H 227 13.56 -25.63 20.43
CA ILE H 227 14.53 -25.47 21.52
C ILE H 227 14.36 -24.07 22.10
N GLY H 228 14.47 -23.98 23.46
CA GLY H 228 14.21 -22.73 24.14
C GLY H 228 15.41 -21.82 24.14
N CYS H 229 15.17 -20.54 24.46
CA CYS H 229 16.21 -19.52 24.38
C CYS H 229 16.11 -18.55 25.54
N ASP H 230 17.22 -17.90 25.82
CA ASP H 230 17.28 -16.87 26.85
C ASP H 230 17.29 -15.53 26.13
N LEU H 231 16.10 -15.01 25.82
CA LEU H 231 15.97 -13.66 25.28
C LEU H 231 16.15 -12.62 26.39
N GLU H 232 17.10 -11.70 26.21
CA GLU H 232 17.29 -10.55 27.08
C GLU H 232 17.19 -9.26 26.27
N PHE H 233 16.36 -8.36 26.71
CA PHE H 233 16.23 -7.04 26.11
C PHE H 233 16.87 -6.04 27.08
N ARG H 234 18.07 -5.61 26.77
CA ARG H 234 18.82 -4.68 27.59
C ARG H 234 18.54 -3.24 27.14
N ASN H 235 18.08 -2.40 28.05
CA ASN H 235 17.68 -1.03 27.73
C ASN H 235 18.83 -0.09 28.01
N GLU H 236 19.60 0.27 26.96
CA GLU H 236 20.73 1.19 27.09
C GLU H 236 20.30 2.63 26.81
N GLU H 237 21.27 3.56 26.84
CA GLU H 237 20.92 4.97 26.70
C GLU H 237 20.59 5.33 25.25
N TYR H 238 21.21 4.63 24.29
CA TYR H 238 21.01 4.91 22.87
C TYR H 238 20.35 3.77 22.11
N ALA H 239 20.19 2.59 22.71
CA ALA H 239 19.64 1.47 21.97
C ALA H 239 19.23 0.36 22.93
N PHE H 240 18.28 -0.44 22.48
CA PHE H 240 18.01 -1.74 23.08
C PHE H 240 19.04 -2.72 22.56
N GLN H 241 19.91 -3.23 23.42
CA GLN H 241 20.72 -4.37 23.02
C GLN H 241 19.89 -5.64 23.19
N ILE H 242 19.64 -6.35 22.10
CA ILE H 242 18.95 -7.63 22.20
C ILE H 242 19.99 -8.73 22.35
N TYR H 243 19.82 -9.57 23.37
CA TYR H 243 20.72 -10.68 23.65
C TYR H 243 19.93 -11.97 23.53
N VAL H 244 20.37 -12.86 22.65
CA VAL H 244 19.75 -14.16 22.50
C VAL H 244 20.73 -15.21 22.97
N ASP H 245 20.29 -16.03 23.90
CA ASP H 245 21.09 -17.12 24.44
C ASP H 245 22.47 -16.64 24.86
N GLY H 246 22.50 -15.49 25.53
CA GLY H 246 23.72 -15.04 26.16
C GLY H 246 24.75 -14.46 25.23
N GLU H 247 24.36 -14.05 24.03
CA GLU H 247 25.25 -13.40 23.09
C GLU H 247 24.45 -12.38 22.31
N ARG H 248 25.07 -11.23 22.05
CA ARG H 248 24.39 -10.06 21.53
C ARG H 248 24.04 -10.28 20.05
N PHE H 249 22.75 -10.40 19.79
CA PHE H 249 22.24 -10.66 18.46
C PHE H 249 22.06 -9.39 17.65
N ALA H 250 21.52 -8.34 18.27
CA ALA H 250 21.23 -7.12 17.55
C ALA H 250 21.18 -5.99 18.54
N THR H 251 21.54 -4.79 18.07
CA THR H 251 21.31 -3.56 18.78
C THR H 251 20.28 -2.75 18.00
N TYR H 252 19.33 -2.13 18.72
CA TYR H 252 18.19 -1.43 18.14
C TYR H 252 18.06 -0.02 18.71
N ALA H 253 18.60 0.96 17.97
CA ALA H 253 18.52 2.37 18.36
C ALA H 253 17.09 2.79 18.68
N HIS H 254 16.93 3.42 19.85
CA HIS H 254 15.61 3.86 20.31
C HIS H 254 14.96 4.80 19.30
N ARG H 255 13.70 4.54 19.00
CA ARG H 255 12.87 5.43 18.21
C ARG H 255 11.83 6.16 19.06
N LEU H 256 11.83 5.92 20.37
CA LEU H 256 11.00 6.62 21.34
C LEU H 256 11.82 6.80 22.61
N ASP H 257 11.28 7.57 23.54
CA ASP H 257 11.93 7.75 24.83
C ASP H 257 12.08 6.41 25.55
N PRO H 258 13.32 5.96 25.81
CA PRO H 258 13.50 4.68 26.51
C PRO H 258 12.99 4.66 27.95
N HIS H 259 12.38 5.73 28.43
CA HIS H 259 11.77 5.72 29.75
C HIS H 259 10.27 5.55 29.57
N ASP H 260 9.64 5.00 30.60
CA ASP H 260 8.20 4.73 30.63
C ASP H 260 7.79 3.54 29.77
N ILE H 261 8.72 2.59 29.54
CA ILE H 261 8.38 1.33 28.89
C ILE H 261 7.81 0.42 29.96
N ASN H 262 6.48 0.29 29.98
CA ASN H 262 5.79 -0.41 31.04
C ASN H 262 4.78 -1.43 30.52
N GLY H 263 4.85 -1.76 29.23
CA GLY H 263 3.90 -2.69 28.62
C GLY H 263 4.63 -3.88 28.02
N LEU H 264 4.05 -5.06 28.22
CA LEU H 264 4.61 -6.32 27.70
C LEU H 264 3.53 -7.06 26.94
N GLN H 265 3.91 -7.61 25.80
CA GLN H 265 2.99 -8.39 24.99
C GLN H 265 3.78 -9.49 24.30
N ILE H 266 3.25 -10.72 24.34
CA ILE H 266 3.81 -11.87 23.65
C ILE H 266 2.69 -12.57 22.92
N GLY H 267 2.94 -12.93 21.65
CA GLY H 267 1.98 -13.66 20.84
C GLY H 267 2.70 -14.59 19.89
N GLY H 268 1.92 -15.31 19.08
CA GLY H 268 2.50 -16.21 18.09
C GLY H 268 2.84 -17.59 18.63
N ASP H 269 3.70 -18.28 17.87
CA ASP H 269 3.95 -19.70 18.08
C ASP H 269 5.15 -19.83 19.04
N VAL H 270 4.86 -19.72 20.34
CA VAL H 270 5.89 -19.80 21.37
C VAL H 270 5.26 -20.30 22.67
N GLU H 271 6.11 -20.89 23.52
CA GLU H 271 5.76 -21.24 24.89
C GLU H 271 6.70 -20.46 25.79
N VAL H 272 6.17 -19.81 26.83
CA VAL H 272 7.02 -19.00 27.71
C VAL H 272 7.15 -19.66 29.07
N THR H 273 8.40 -19.92 29.50
CA THR H 273 8.64 -20.48 30.85
C THR H 273 8.98 -19.42 31.89
N GLY H 274 9.42 -18.23 31.48
CA GLY H 274 9.81 -17.26 32.47
C GLY H 274 9.97 -15.85 31.96
N ILE H 275 9.33 -14.91 32.66
CA ILE H 275 9.50 -13.48 32.44
C ILE H 275 10.02 -12.87 33.72
N GLN H 276 11.06 -12.05 33.62
CA GLN H 276 11.45 -11.31 34.81
C GLN H 276 12.20 -10.05 34.43
N MET H 277 12.15 -9.06 35.33
CA MET H 277 12.95 -7.84 35.22
C MET H 277 14.30 -7.98 35.94
N VAL H 278 15.33 -7.32 35.39
CA VAL H 278 16.67 -7.30 35.99
C VAL H 278 17.27 -5.89 35.77
C2 BGC I . 71.77 -5.47 -35.99
C3 BGC I . 71.04 -4.51 -36.84
C4 BGC I . 70.56 -5.38 -37.92
C5 BGC I . 69.36 -6.15 -37.36
C6 BGC I . 68.63 -6.91 -38.45
C1 BGC I . 70.85 -6.52 -35.36
O1 BGC I . 71.61 -7.55 -34.86
O2 BGC I . 72.35 -4.73 -34.91
O3 BGC I . 71.90 -3.45 -37.36
O4 BGC I . 70.28 -4.58 -39.07
O5 BGC I . 69.80 -7.07 -36.28
O6 BGC I . 68.74 -8.32 -38.39
C2 BGC J . 11.54 1.81 -29.37
C3 BGC J . 12.85 2.39 -29.69
C4 BGC J . 13.57 2.53 -28.39
C5 BGC J . 14.10 1.10 -28.23
C6 BGC J . 15.09 0.98 -27.09
C1 BGC J . 11.75 0.36 -29.01
O1 BGC J . 10.65 -0.08 -28.33
O2 BGC J . 10.64 1.96 -30.48
O3 BGC J . 12.72 3.64 -30.41
O4 BGC J . 14.59 3.54 -28.39
O5 BGC J . 12.95 0.14 -28.13
O6 BGC J . 15.40 -0.36 -26.73
C2 BGC K . -37.33 -27.14 -7.88
C3 BGC K . -38.19 -28.36 -7.81
C4 BGC K . -39.58 -27.82 -7.66
C5 BGC K . -39.98 -27.30 -9.04
C6 BGC K . -41.45 -26.88 -9.01
C1 BGC K . -37.60 -26.37 -9.15
O1 BGC K . -37.00 -25.15 -8.99
O2 BGC K . -35.91 -27.35 -7.83
O3 BGC K . -37.94 -29.27 -6.70
O4 BGC K . -40.50 -28.80 -7.14
O5 BGC K . -39.07 -26.20 -9.47
O6 BGC K . -41.97 -26.50 -10.26
C2 BGC L . -31.49 29.63 -4.32
C3 BGC L . -30.04 29.47 -4.56
C4 BGC L . -29.50 29.77 -3.21
C5 BGC L . -29.73 28.52 -2.38
C6 BGC L . -29.20 28.77 -1.01
C1 BGC L . -32.02 28.46 -3.48
O1 BGC L . -33.31 28.72 -3.09
O2 BGC L . -32.32 29.74 -5.49
O3 BGC L . -29.42 30.36 -5.52
O4 BGC L . -28.13 30.14 -3.30
O5 BGC L . -31.16 28.14 -2.28
O6 BGC L . -30.03 29.57 -0.21
C2 BGC M . -69.40 -17.65 6.78
C3 BGC M . -70.47 -18.65 6.57
C4 BGC M . -71.58 -17.97 5.80
C5 BGC M . -70.99 -17.95 4.39
C6 BGC M . -72.01 -17.71 3.31
C1 BGC M . -68.81 -17.16 5.45
O1 BGC M . -68.11 -16.00 5.63
O2 BGC M . -68.38 -18.26 7.58
O3 BGC M . -70.85 -19.25 7.85
O4 BGC M . -72.86 -18.63 5.85
O5 BGC M . -69.85 -16.99 4.35
O6 BGC M . -71.73 -18.52 2.19
C2 BGC N . 11.97 25.70 50.19
C3 BGC N . 10.67 25.94 50.87
C4 BGC N . 11.06 26.91 51.88
C5 BGC N . 10.98 28.10 50.94
C6 BGC N . 10.64 29.34 51.65
C1 BGC N . 12.56 26.98 49.54
O1 BGC N . 13.92 26.87 49.41
O2 BGC N . 11.89 24.74 49.12
O3 BGC N . 9.98 24.81 51.46
O4 BGC N . 10.15 26.93 52.99
O5 BGC N . 12.22 28.28 50.21
O6 BGC N . 9.31 29.26 52.09
C2 BGC O . 36.46 -1.02 7.76
C3 BGC O . 36.19 -1.27 9.19
C4 BGC O . 37.37 -2.11 9.51
C5 BGC O . 38.57 -1.16 9.58
C6 BGC O . 39.84 -1.91 9.93
C1 BGC O . 37.51 0.08 7.66
O1 BGC O . 37.75 0.38 6.35
O2 BGC O . 35.33 -0.68 6.93
O3 BGC O . 34.97 -1.99 9.48
O4 BGC O . 37.15 -2.88 10.70
O5 BGC O . 38.77 -0.38 8.32
O6 BGC O . 40.52 -2.36 8.78
C2 BGC P . 6.17 -6.84 11.47
C3 BGC P . 6.27 -5.52 10.79
C4 BGC P . 5.66 -5.76 9.44
C5 BGC P . 4.14 -5.78 9.68
C6 BGC P . 3.47 -6.60 8.62
C1 BGC P . 4.72 -7.12 11.85
O1 BGC P . 4.43 -8.45 11.73
O2 BGC P . 6.99 -6.94 12.64
O3 BGC P . 7.62 -4.97 10.65
O4 BGC P . 6.07 -4.78 8.45
O5 BGC P . 3.75 -6.27 11.04
O6 BGC P . 2.76 -5.75 7.74
#